data_7NYI
#
_entry.id   7NYI
#
_entity_poly.entity_id   1
_entity_poly.type   'polypeptide(L)'
_entity_poly.pdbx_seq_one_letter_code
;(FME)AGLLRFLLSKGRALYNWA(SLL)SHVGKVWEWLKSGATYEQIKEWIENALGWR
;
_entity_poly.pdbx_strand_id   A
#
# COMPACT_ATOMS: atom_id res chain seq x y z
N FME A 1 -6.40 7.67 -3.61
CN FME A 1 -5.44 8.57 -3.42
O1 FME A 1 -4.26 8.23 -3.26
CA FME A 1 -6.10 6.25 -3.76
CB FME A 1 -7.38 5.42 -3.66
CG FME A 1 -8.27 5.71 -4.87
SD FME A 1 -9.82 4.81 -4.70
CE FME A 1 -9.31 3.34 -5.64
C FME A 1 -5.42 6.00 -5.10
O FME A 1 -4.48 5.20 -5.19
H FME A 1 -7.34 7.97 -3.64
HCN FME A 1 -5.70 9.60 -3.30
HA FME A 1 -5.43 5.96 -2.96
HB2 FME A 1 -7.90 5.68 -2.76
HB3 FME A 1 -7.12 4.37 -3.64
HG2 FME A 1 -7.77 5.38 -5.77
HG3 FME A 1 -8.47 6.76 -4.94
HE1 FME A 1 -8.28 3.11 -5.39
HE2 FME A 1 -9.39 3.53 -6.69
HE3 FME A 1 -9.96 2.51 -5.38
N ALA A 2 -5.89 6.67 -6.14
CA ALA A 2 -5.33 6.49 -7.48
C ALA A 2 -3.89 7.01 -7.51
N GLY A 3 -3.66 8.14 -6.83
CA GLY A 3 -2.33 8.73 -6.78
C GLY A 3 -1.35 7.81 -6.06
N LEU A 4 -1.84 7.15 -5.01
CA LEU A 4 -1.01 6.24 -4.23
C LEU A 4 -0.54 5.06 -5.10
N LEU A 5 -1.44 4.52 -5.90
CA LEU A 5 -1.12 3.39 -6.74
C LEU A 5 -0.02 3.74 -7.74
N ARG A 6 -0.11 4.94 -8.34
CA ARG A 6 0.89 5.38 -9.30
C ARG A 6 2.25 5.59 -8.64
N PHE A 7 2.25 6.21 -7.48
CA PHE A 7 3.49 6.47 -6.76
C PHE A 7 4.21 5.17 -6.47
N LEU A 8 3.45 4.19 -5.98
CA LEU A 8 3.99 2.88 -5.66
C LEU A 8 4.48 2.19 -6.94
N LEU A 9 3.74 2.38 -8.03
CA LEU A 9 4.11 1.76 -9.30
C LEU A 9 5.48 2.24 -9.76
N SER A 10 5.76 3.52 -9.56
CA SER A 10 7.05 4.08 -9.98
C SER A 10 8.21 3.29 -9.37
N LYS A 11 8.12 2.97 -8.07
CA LYS A 11 9.17 2.22 -7.40
C LYS A 11 8.59 1.07 -6.58
N GLY A 12 9.28 -0.07 -6.58
CA GLY A 12 8.82 -1.23 -5.83
C GLY A 12 7.83 -2.05 -6.65
N ARG A 13 8.32 -2.67 -7.73
CA ARG A 13 7.48 -3.49 -8.61
C ARG A 13 6.84 -4.65 -7.84
N ALA A 14 7.63 -5.29 -6.98
CA ALA A 14 7.12 -6.41 -6.20
C ALA A 14 5.97 -5.96 -5.32
N LEU A 15 6.10 -4.74 -4.78
CA LEU A 15 5.06 -4.20 -3.92
C LEU A 15 3.78 -3.99 -4.71
N TYR A 16 3.92 -3.56 -5.96
CA TYR A 16 2.76 -3.32 -6.79
C TYR A 16 1.90 -4.59 -6.85
N ASN A 17 2.57 -5.72 -7.06
CA ASN A 17 1.88 -7.00 -7.12
C ASN A 17 1.20 -7.32 -5.79
N TRP A 18 1.89 -7.01 -4.70
CA TRP A 18 1.35 -7.26 -3.37
C TRP A 18 0.19 -6.31 -3.08
N ALA A 19 0.14 -5.20 -3.81
CA ALA A 19 -0.92 -4.21 -3.60
C ALA A 19 -2.29 -4.86 -3.80
C SLL A 20 -4.06 -7.38 -3.63
N SLL A 20 -2.32 -5.92 -4.60
O SLL A 20 -4.08 -8.61 -3.62
CA SLL A 20 -3.57 -6.62 -4.86
CB SLL A 20 -3.36 -7.62 -6.00
CD SLL A 20 -2.88 -7.89 -8.43
CE SLL A 20 -2.49 -7.15 -9.71
CG SLL A 20 -3.01 -6.88 -7.29
CK SLL A 20 -4.14 -8.93 -12.63
CL SLL A 20 -4.97 -8.22 -13.69
CP SLL A 20 -4.43 -6.82 -13.94
CX SLL A 20 -3.97 -8.02 -11.42
OX SLL A 20 -4.91 -7.35 -11.00
NZ SLL A 20 -2.76 -7.99 -10.87
OP1 SLL A 20 -4.61 -5.97 -13.07
OP2 SLL A 20 -3.83 -6.62 -14.98
H SLL A 20 -1.49 -6.25 -5.00
HA SLL A 20 -4.33 -5.91 -5.16
HB SLL A 20 -4.26 -8.19 -6.16
HBA SLL A 20 -2.55 -8.30 -5.75
HD SLL A 20 -3.82 -8.39 -8.58
HDA SLL A 20 -2.12 -8.61 -8.19
HE SLL A 20 -1.44 -6.90 -9.69
HEA SLL A 20 -3.08 -6.25 -9.79
HG SLL A 20 -2.07 -6.36 -7.16
HGA SLL A 20 -3.79 -6.16 -7.52
HK SLL A 20 -3.17 -9.17 -13.03
HKA SLL A 20 -4.63 -9.84 -12.32
HL SLL A 20 -6.00 -8.14 -13.35
HLA SLL A 20 -4.95 -8.79 -14.61
HNZ SLL A 20 -2.05 -8.55 -11.25
N SER A 21 -4.42 -6.64 -2.59
CA SER A 21 -4.90 -7.26 -1.36
C SER A 21 -6.33 -7.77 -1.53
N HIS A 22 -6.69 -8.82 -0.81
CA HIS A 22 -8.03 -9.38 -0.90
C HIS A 22 -8.95 -8.73 0.12
N VAL A 23 -8.40 -7.75 0.86
CA VAL A 23 -9.14 -7.05 1.90
C VAL A 23 -9.19 -5.54 1.64
N GLY A 24 -10.39 -4.97 1.68
CA GLY A 24 -10.56 -3.53 1.46
C GLY A 24 -10.29 -2.74 2.74
N LYS A 25 -10.31 -3.41 3.88
CA LYS A 25 -10.07 -2.75 5.16
C LYS A 25 -8.71 -2.07 5.18
N VAL A 26 -7.73 -2.71 4.56
CA VAL A 26 -6.37 -2.17 4.53
C VAL A 26 -6.34 -0.80 3.83
N TRP A 27 -7.13 -0.66 2.77
CA TRP A 27 -7.17 0.60 2.02
C TRP A 27 -8.15 1.57 2.66
N GLU A 28 -9.07 1.04 3.47
CA GLU A 28 -10.07 1.87 4.12
C GLU A 28 -9.42 2.95 4.98
N TRP A 29 -8.32 2.59 5.64
CA TRP A 29 -7.60 3.54 6.50
C TRP A 29 -7.20 4.79 5.71
N LEU A 30 -6.81 4.59 4.46
CA LEU A 30 -6.39 5.71 3.63
C LEU A 30 -7.56 6.69 3.44
N LYS A 31 -8.74 6.12 3.21
CA LYS A 31 -9.94 6.92 3.02
C LYS A 31 -10.27 7.69 4.28
N SER A 32 -10.10 7.06 5.43
CA SER A 32 -10.39 7.72 6.70
C SER A 32 -9.53 8.97 6.84
N GLY A 33 -8.29 8.89 6.40
CA GLY A 33 -7.38 10.04 6.47
C GLY A 33 -6.00 9.65 6.98
N ALA A 34 -5.12 9.25 6.06
CA ALA A 34 -3.76 8.88 6.44
C ALA A 34 -2.80 9.09 5.28
N THR A 35 -1.52 9.31 5.59
CA THR A 35 -0.51 9.53 4.56
C THR A 35 0.02 8.22 4.00
N TYR A 36 0.71 8.33 2.86
CA TYR A 36 1.29 7.15 2.21
C TYR A 36 2.42 6.58 3.07
N GLU A 37 3.20 7.46 3.68
CA GLU A 37 4.33 7.02 4.50
C GLU A 37 3.85 6.11 5.63
N GLN A 38 2.77 6.51 6.31
CA GLN A 38 2.23 5.74 7.41
C GLN A 38 1.64 4.42 6.94
N ILE A 39 0.91 4.45 5.84
CA ILE A 39 0.31 3.25 5.28
C ILE A 39 1.37 2.28 4.81
N LYS A 40 2.40 2.81 4.14
CA LYS A 40 3.47 1.98 3.61
C LYS A 40 4.20 1.24 4.72
N GLU A 41 4.47 1.91 5.84
CA GLU A 41 5.17 1.26 6.93
C GLU A 41 4.39 0.07 7.44
N TRP A 42 3.09 0.25 7.64
CA TRP A 42 2.26 -0.84 8.11
C TRP A 42 2.30 -2.01 7.13
N ILE A 43 2.15 -1.71 5.85
CA ILE A 43 2.17 -2.73 4.82
C ILE A 43 3.55 -3.39 4.73
N GLU A 44 4.60 -2.58 4.79
CA GLU A 44 5.96 -3.09 4.70
C GLU A 44 6.23 -4.14 5.77
N ASN A 45 5.55 -4.02 6.91
CA ASN A 45 5.75 -4.95 8.01
C ASN A 45 5.39 -6.37 7.56
N ALA A 46 4.31 -6.50 6.79
CA ALA A 46 3.88 -7.80 6.32
C ALA A 46 4.97 -8.45 5.45
N LEU A 47 5.68 -7.62 4.69
CA LEU A 47 6.75 -8.12 3.83
C LEU A 47 8.06 -8.23 4.61
N GLY A 48 8.00 -7.85 5.88
CA GLY A 48 9.18 -7.89 6.73
C GLY A 48 9.66 -9.32 6.91
N TRP A 49 8.76 -10.29 6.70
CA TRP A 49 9.14 -11.69 6.85
C TRP A 49 10.28 -12.02 5.89
N ARG A 50 10.16 -11.52 4.66
CA ARG A 50 11.20 -11.75 3.66
C ARG A 50 12.58 -11.58 4.26
N FME A 1 -6.80 7.75 -3.41
CN FME A 1 -5.84 8.58 -3.80
O1 FME A 1 -4.68 8.21 -3.96
CA FME A 1 -6.52 6.34 -3.17
CB FME A 1 -7.83 5.58 -2.92
CG FME A 1 -8.98 6.31 -3.61
SD FME A 1 -10.34 5.15 -3.92
CE FME A 1 -11.60 6.01 -2.96
C FME A 1 -5.79 5.74 -4.37
O FME A 1 -4.75 5.09 -4.22
H FME A 1 -7.71 8.09 -3.28
HCN FME A 1 -6.09 9.62 -3.97
HA FME A 1 -5.90 6.25 -2.30
HB2 FME A 1 -8.02 5.54 -1.86
HB3 FME A 1 -7.75 4.58 -3.31
HG2 FME A 1 -8.64 6.72 -4.55
HG3 FME A 1 -9.32 7.11 -2.98
HE1 FME A 1 -11.29 6.08 -1.93
HE2 FME A 1 -12.54 5.46 -3.02
HE3 FME A 1 -11.75 7.00 -3.37
N ALA A 2 -6.34 5.94 -5.56
CA ALA A 2 -5.73 5.41 -6.78
C ALA A 2 -4.33 5.98 -6.96
N GLY A 3 -4.09 7.16 -6.40
CA GLY A 3 -2.79 7.80 -6.50
C GLY A 3 -1.71 6.94 -5.84
N LEU A 4 -2.08 6.27 -4.75
CA LEU A 4 -1.13 5.43 -4.04
C LEU A 4 -0.65 4.29 -4.93
N LEU A 5 -1.58 3.68 -5.66
CA LEU A 5 -1.24 2.58 -6.55
C LEU A 5 -0.31 3.07 -7.65
N ARG A 6 -0.61 4.24 -8.20
CA ARG A 6 0.22 4.82 -9.26
C ARG A 6 1.64 5.05 -8.72
N PHE A 7 1.72 5.55 -7.49
CA PHE A 7 3.00 5.79 -6.86
C PHE A 7 3.79 4.49 -6.75
N LEU A 8 3.11 3.44 -6.31
CA LEU A 8 3.73 2.13 -6.16
C LEU A 8 4.19 1.58 -7.51
N LEU A 9 3.36 1.78 -8.53
CA LEU A 9 3.68 1.30 -9.87
C LEU A 9 4.96 1.96 -10.39
N SER A 10 5.09 3.26 -10.17
CA SER A 10 6.27 3.99 -10.61
C SER A 10 7.52 3.42 -9.96
N LYS A 11 7.43 3.13 -8.66
CA LYS A 11 8.56 2.59 -7.92
C LYS A 11 8.12 1.46 -7.00
N GLY A 12 8.86 0.35 -7.03
CA GLY A 12 8.53 -0.81 -6.20
C GLY A 12 7.64 -1.79 -6.95
N ARG A 13 8.26 -2.60 -7.82
CA ARG A 13 7.51 -3.57 -8.61
C ARG A 13 6.87 -4.63 -7.70
N ALA A 14 7.62 -5.08 -6.70
CA ALA A 14 7.11 -6.10 -5.78
C ALA A 14 5.88 -5.58 -5.03
N LEU A 15 5.92 -4.31 -4.65
CA LEU A 15 4.82 -3.70 -3.94
C LEU A 15 3.56 -3.70 -4.81
N TYR A 16 3.74 -3.40 -6.09
CA TYR A 16 2.61 -3.36 -7.02
C TYR A 16 1.93 -4.73 -7.06
N ASN A 17 2.74 -5.78 -7.15
CA ASN A 17 2.22 -7.14 -7.20
C ASN A 17 1.48 -7.48 -5.90
N TRP A 18 2.05 -7.04 -4.77
CA TRP A 18 1.43 -7.31 -3.48
C TRP A 18 0.00 -6.80 -3.44
N ALA A 19 -0.23 -5.64 -4.04
CA ALA A 19 -1.56 -5.06 -4.07
C ALA A 19 -2.55 -6.02 -4.71
C SLL A 20 -4.46 -7.39 -6.26
N SLL A 20 -2.15 -6.58 -5.86
O SLL A 20 -5.21 -6.73 -6.97
CA SLL A 20 -2.98 -7.54 -6.60
CB SLL A 20 -2.54 -8.97 -6.29
CD SLL A 20 -2.74 -11.25 -7.32
CE SLL A 20 -2.35 -11.99 -6.05
CG SLL A 20 -3.49 -9.96 -6.97
CK SLL A 20 -1.11 -15.58 -6.10
CL SLL A 20 -0.01 -16.27 -5.29
CP SLL A 20 -0.39 -16.27 -3.81
CX SLL A 20 -1.22 -14.11 -5.71
OX SLL A 20 -0.48 -13.63 -4.85
NZ SLL A 20 -2.15 -13.41 -6.34
OP1 SLL A 20 -1.56 -16.48 -3.52
OP2 SLL A 20 0.49 -16.08 -2.99
H SLL A 20 -1.28 -6.35 -6.22
HA SLL A 20 -2.86 -7.37 -7.66
HB SLL A 20 -2.56 -9.14 -5.23
HBA SLL A 20 -1.53 -9.13 -6.66
HD SLL A 20 -1.86 -11.01 -7.88
HDA SLL A 20 -3.38 -11.88 -7.93
HE SLL A 20 -3.15 -11.89 -5.32
HEA SLL A 20 -1.44 -11.58 -5.65
HG SLL A 20 -3.89 -9.52 -7.88
HGA SLL A 20 -4.31 -10.19 -6.30
HK SLL A 20 -2.05 -16.08 -5.92
HKA SLL A 20 -0.87 -15.66 -7.16
HL SLL A 20 0.91 -15.74 -5.42
HLA SLL A 20 0.10 -17.28 -5.63
HNZ SLL A 20 -2.71 -13.84 -7.01
N SER A 21 -4.87 -7.99 -5.15
CA SER A 21 -6.25 -7.92 -4.71
C SER A 21 -6.65 -6.47 -4.48
N HIS A 22 -7.84 -6.10 -4.93
CA HIS A 22 -8.32 -4.72 -4.78
C HIS A 22 -9.59 -4.68 -3.93
N VAL A 23 -9.51 -4.02 -2.78
CA VAL A 23 -10.66 -3.90 -1.88
C VAL A 23 -10.75 -2.47 -1.36
N GLY A 24 -11.96 -1.94 -1.33
CA GLY A 24 -12.18 -0.57 -0.87
C GLY A 24 -12.09 -0.44 0.66
N LYS A 25 -12.32 -1.53 1.37
CA LYS A 25 -12.30 -1.52 2.83
C LYS A 25 -10.92 -1.17 3.41
N VAL A 26 -9.87 -1.80 2.88
CA VAL A 26 -8.51 -1.56 3.40
C VAL A 26 -8.06 -0.13 3.19
N TRP A 27 -8.37 0.45 2.04
CA TRP A 27 -7.95 1.81 1.75
C TRP A 27 -8.64 2.82 2.66
N GLU A 28 -9.79 2.45 3.20
CA GLU A 28 -10.51 3.36 4.09
C GLU A 28 -9.54 4.07 5.03
N TRP A 29 -8.62 3.31 5.59
CA TRP A 29 -7.62 3.86 6.50
C TRP A 29 -6.65 4.80 5.79
N LEU A 30 -6.40 4.54 4.51
CA LEU A 30 -5.47 5.36 3.74
C LEU A 30 -5.93 6.82 3.66
N LYS A 31 -7.22 7.03 3.40
CA LYS A 31 -7.73 8.40 3.27
C LYS A 31 -8.18 8.95 4.63
N SER A 32 -8.20 8.11 5.65
CA SER A 32 -8.61 8.57 6.98
C SER A 32 -7.69 7.98 8.06
N GLY A 33 -7.33 8.81 9.03
CA GLY A 33 -6.46 8.37 10.11
C GLY A 33 -5.01 8.29 9.66
N ALA A 34 -4.59 7.11 9.21
CA ALA A 34 -3.22 6.90 8.77
C ALA A 34 -2.93 7.67 7.48
N THR A 35 -1.71 8.20 7.39
CA THR A 35 -1.29 8.96 6.21
C THR A 35 -0.49 8.06 5.27
N TYR A 36 -0.14 8.59 4.10
CA TYR A 36 0.62 7.81 3.12
C TYR A 36 1.93 7.30 3.71
N GLU A 37 2.63 8.16 4.43
CA GLU A 37 3.91 7.78 5.03
C GLU A 37 3.74 6.60 5.98
N GLN A 38 2.74 6.67 6.85
CA GLN A 38 2.50 5.60 7.80
C GLN A 38 2.06 4.32 7.09
N ILE A 39 1.19 4.46 6.09
CA ILE A 39 0.70 3.31 5.34
C ILE A 39 1.84 2.65 4.57
N LYS A 40 2.69 3.44 3.93
CA LYS A 40 3.81 2.89 3.18
C LYS A 40 4.72 2.12 4.11
N GLU A 41 4.98 2.66 5.29
CA GLU A 41 5.84 2.00 6.25
C GLU A 41 5.19 0.70 6.71
N TRP A 42 3.87 0.74 6.91
CA TRP A 42 3.14 -0.45 7.34
C TRP A 42 3.22 -1.54 6.27
N ILE A 43 3.07 -1.13 5.01
CA ILE A 43 3.10 -2.06 3.89
C ILE A 43 4.47 -2.73 3.75
N GLU A 44 5.53 -1.94 3.89
CA GLU A 44 6.89 -2.48 3.77
C GLU A 44 7.12 -3.58 4.80
N ASN A 45 6.50 -3.44 5.95
CA ASN A 45 6.65 -4.43 7.02
C ASN A 45 6.09 -5.77 6.57
N ALA A 46 4.97 -5.73 5.84
CA ALA A 46 4.35 -6.95 5.36
C ALA A 46 5.31 -7.72 4.45
N LEU A 47 6.12 -6.98 3.68
CA LEU A 47 7.08 -7.60 2.79
C LEU A 47 8.31 -8.05 3.59
N GLY A 48 8.77 -9.27 3.34
CA GLY A 48 9.92 -9.80 4.04
C GLY A 48 10.26 -11.21 3.58
N TRP A 49 11.22 -11.83 4.25
CA TRP A 49 11.64 -13.19 3.90
C TRP A 49 11.94 -14.01 5.15
N ARG A 50 11.86 -15.33 5.01
CA ARG A 50 12.14 -16.22 6.13
C ARG A 50 12.44 -17.63 5.64
N FME A 1 -5.86 9.20 -2.83
CN FME A 1 -4.77 9.93 -2.58
O1 FME A 1 -3.72 9.41 -2.18
CA FME A 1 -5.86 7.76 -2.65
CB FME A 1 -7.24 7.29 -2.17
CG FME A 1 -8.29 8.32 -2.56
SD FME A 1 -8.16 9.77 -1.48
CE FME A 1 -9.84 10.40 -1.72
C FME A 1 -5.48 7.06 -3.96
O FME A 1 -4.65 6.16 -3.97
H FME A 1 -6.68 9.64 -3.13
HCN FME A 1 -4.82 11.00 -2.73
HA FME A 1 -5.12 7.50 -1.90
HB2 FME A 1 -7.23 7.17 -1.09
HB3 FME A 1 -7.48 6.34 -2.62
HG2 FME A 1 -9.28 7.88 -2.45
HG3 FME A 1 -8.15 8.62 -3.59
HE1 FME A 1 -9.81 11.47 -1.85
HE2 FME A 1 -10.44 10.16 -0.86
HE3 FME A 1 -10.28 9.94 -2.59
N ALA A 2 -6.10 7.49 -5.05
CA ALA A 2 -5.83 6.91 -6.36
C ALA A 2 -4.38 7.18 -6.77
N GLY A 3 -3.90 8.38 -6.45
CA GLY A 3 -2.53 8.77 -6.78
C GLY A 3 -1.52 7.91 -6.04
N LEU A 4 -1.91 7.41 -4.88
CA LEU A 4 -1.02 6.57 -4.08
C LEU A 4 -0.63 5.32 -4.85
N LEU A 5 -1.61 4.72 -5.53
CA LEU A 5 -1.33 3.51 -6.31
C LEU A 5 -0.31 3.83 -7.39
N ARG A 6 -0.46 5.00 -8.02
CA ARG A 6 0.46 5.42 -9.06
C ARG A 6 1.87 5.52 -8.51
N PHE A 7 1.99 6.07 -7.30
CA PHE A 7 3.28 6.22 -6.65
C PHE A 7 3.97 4.87 -6.50
N LEU A 8 3.21 3.87 -6.06
CA LEU A 8 3.77 2.53 -5.87
C LEU A 8 4.24 1.96 -7.20
N LEU A 9 3.45 2.17 -8.24
CA LEU A 9 3.82 1.67 -9.57
C LEU A 9 5.10 2.34 -10.06
N SER A 10 5.21 3.65 -9.82
CA SER A 10 6.37 4.40 -10.24
C SER A 10 7.65 3.83 -9.61
N LYS A 11 7.57 3.51 -8.32
CA LYS A 11 8.73 2.96 -7.62
C LYS A 11 8.34 1.70 -6.85
N GLY A 12 9.19 0.68 -6.91
CA GLY A 12 8.93 -0.57 -6.21
C GLY A 12 7.91 -1.41 -6.98
N ARG A 13 8.38 -2.10 -8.01
CA ARG A 13 7.50 -2.95 -8.82
C ARG A 13 6.88 -4.05 -7.98
N ALA A 14 7.68 -4.65 -7.10
CA ALA A 14 7.19 -5.72 -6.24
C ALA A 14 6.04 -5.23 -5.36
N LEU A 15 6.13 -3.99 -4.91
CA LEU A 15 5.10 -3.41 -4.06
C LEU A 15 3.77 -3.33 -4.79
N TYR A 16 3.81 -2.96 -6.07
CA TYR A 16 2.59 -2.85 -6.86
C TYR A 16 1.87 -4.19 -6.91
N ASN A 17 2.61 -5.26 -7.18
CA ASN A 17 2.03 -6.59 -7.25
C ASN A 17 1.49 -7.02 -5.89
N TRP A 18 2.23 -6.70 -4.83
CA TRP A 18 1.83 -7.05 -3.47
C TRP A 18 0.47 -6.45 -3.13
N ALA A 19 0.25 -5.21 -3.58
CA ALA A 19 -1.01 -4.52 -3.29
C ALA A 19 -2.21 -5.35 -3.75
C SLL A 20 -3.40 -8.10 -4.43
N SLL A 20 -2.03 -6.09 -4.84
O SLL A 20 -2.62 -9.05 -4.35
CA SLL A 20 -3.11 -6.92 -5.36
CB SLL A 20 -2.74 -7.44 -6.75
CD SLL A 20 -3.67 -8.71 -8.70
CE SLL A 20 -3.64 -10.17 -8.26
CG SLL A 20 -4.02 -7.82 -7.51
CK SLL A 20 -6.86 -12.04 -7.47
CL SLL A 20 -7.53 -13.19 -8.24
CP SLL A 20 -8.19 -12.67 -9.51
CX SLL A 20 -5.49 -11.74 -8.08
OX SLL A 20 -4.94 -12.55 -8.82
NZ SLL A 20 -4.95 -10.57 -7.74
OP1 SLL A 20 -7.72 -13.01 -10.58
OP2 SLL A 20 -9.16 -11.93 -9.38
H SLL A 20 -1.17 -6.07 -5.30
HA SLL A 20 -4.01 -6.32 -5.45
HB SLL A 20 -2.12 -8.32 -6.65
HBA SLL A 20 -2.21 -6.68 -7.29
HD SLL A 20 -2.70 -8.43 -9.09
HDA SLL A 20 -4.42 -8.59 -9.48
HE SLL A 20 -2.90 -10.30 -7.49
HEA SLL A 20 -3.38 -10.79 -9.10
HG SLL A 20 -4.50 -6.92 -7.87
HGA SLL A 20 -4.70 -8.34 -6.84
HK SLL A 20 -6.75 -12.31 -6.44
HKA SLL A 20 -7.49 -11.16 -7.55
HL SLL A 20 -8.27 -13.65 -7.60
HLA SLL A 20 -6.78 -13.92 -8.50
HNZ SLL A 20 -5.44 -9.96 -7.16
N SER A 21 -4.53 -8.03 -3.73
CA SER A 21 -4.92 -9.08 -2.80
C SER A 21 -6.42 -9.04 -2.54
N HIS A 22 -6.93 -10.06 -1.84
CA HIS A 22 -8.35 -10.13 -1.53
C HIS A 22 -8.67 -9.33 -0.26
N VAL A 23 -7.63 -8.98 0.48
CA VAL A 23 -7.81 -8.21 1.72
C VAL A 23 -7.90 -6.72 1.41
N GLY A 24 -8.69 -6.38 0.39
CA GLY A 24 -8.86 -4.99 -0.01
C GLY A 24 -9.48 -4.16 1.11
N LYS A 25 -10.33 -4.79 1.92
CA LYS A 25 -10.98 -4.08 3.01
C LYS A 25 -9.99 -3.17 3.73
N VAL A 26 -8.70 -3.47 3.59
CA VAL A 26 -7.65 -2.67 4.21
C VAL A 26 -7.64 -1.25 3.63
N TRP A 27 -7.88 -1.15 2.34
CA TRP A 27 -7.87 0.14 1.66
C TRP A 27 -8.89 1.08 2.29
N GLU A 28 -10.02 0.54 2.70
CA GLU A 28 -11.07 1.35 3.32
C GLU A 28 -10.54 2.01 4.59
N TRP A 29 -9.73 1.26 5.34
CA TRP A 29 -9.15 1.77 6.58
C TRP A 29 -8.23 2.96 6.26
N LEU A 30 -7.54 2.85 5.12
CA LEU A 30 -6.62 3.90 4.69
C LEU A 30 -7.39 5.21 4.45
N LYS A 31 -8.55 5.10 3.82
CA LYS A 31 -9.36 6.28 3.52
C LYS A 31 -9.48 7.16 4.75
N SER A 32 -9.09 6.63 5.91
CA SER A 32 -9.16 7.38 7.14
C SER A 32 -8.29 8.65 7.05
N GLY A 33 -7.12 8.51 6.48
CA GLY A 33 -6.21 9.65 6.33
C GLY A 33 -4.75 9.21 6.35
N ALA A 34 -3.97 9.82 7.24
CA ALA A 34 -2.55 9.50 7.36
C ALA A 34 -1.75 10.32 6.36
N THR A 35 -0.45 10.04 6.28
CA THR A 35 0.43 10.76 5.36
C THR A 35 1.11 9.77 4.42
N TYR A 36 1.64 10.29 3.31
CA TYR A 36 2.31 9.43 2.34
C TYR A 36 3.50 8.72 2.98
N GLU A 37 4.25 9.45 3.80
CA GLU A 37 5.41 8.88 4.47
C GLU A 37 4.97 7.80 5.46
N GLN A 38 3.89 8.07 6.19
CA GLN A 38 3.38 7.11 7.17
C GLN A 38 2.81 5.88 6.48
N ILE A 39 2.07 6.12 5.40
CA ILE A 39 1.45 5.03 4.64
C ILE A 39 2.52 4.14 4.02
N LYS A 40 3.55 4.77 3.46
CA LYS A 40 4.63 4.04 2.81
C LYS A 40 5.29 3.08 3.80
N GLU A 41 5.47 3.56 5.03
CA GLU A 41 6.09 2.74 6.07
C GLU A 41 5.24 1.51 6.38
N TRP A 42 3.92 1.70 6.34
CA TRP A 42 3.00 0.60 6.61
C TRP A 42 3.19 -0.52 5.59
N ILE A 43 3.41 -0.15 4.34
CA ILE A 43 3.61 -1.13 3.28
C ILE A 43 4.87 -1.94 3.55
N GLU A 44 5.94 -1.27 3.95
CA GLU A 44 7.19 -1.95 4.25
C GLU A 44 6.98 -2.99 5.34
N ASN A 45 6.25 -2.58 6.39
CA ASN A 45 5.97 -3.48 7.50
C ASN A 45 5.11 -4.66 7.05
N ALA A 46 4.14 -4.38 6.20
CA ALA A 46 3.24 -5.42 5.69
C ALA A 46 4.02 -6.48 4.92
N LEU A 47 5.05 -6.05 4.22
CA LEU A 47 5.86 -6.99 3.43
C LEU A 47 7.10 -7.41 4.22
N GLY A 48 7.20 -8.70 4.47
CA GLY A 48 8.34 -9.24 5.22
C GLY A 48 8.69 -10.64 4.75
N TRP A 49 8.77 -11.58 5.70
CA TRP A 49 9.10 -12.96 5.37
C TRP A 49 8.27 -13.92 6.22
N ARG A 50 8.18 -15.17 5.78
CA ARG A 50 7.42 -16.19 6.49
C ARG A 50 8.33 -17.30 6.98
N FME A 1 -6.73 7.33 -3.02
CN FME A 1 -5.83 8.05 -3.68
O1 FME A 1 -4.78 7.55 -4.10
CA FME A 1 -6.52 5.91 -2.77
CB FME A 1 -7.85 5.24 -2.39
CG FME A 1 -9.01 5.99 -3.06
SD FME A 1 -10.54 5.05 -2.84
CE FME A 1 -11.69 6.37 -3.33
C FME A 1 -5.94 5.22 -4.01
O FME A 1 -4.91 4.55 -3.92
H FME A 1 -7.54 7.76 -2.70
HCN FME A 1 -6.02 9.10 -3.85
HA FME A 1 -5.84 5.80 -1.94
HB2 FME A 1 -7.98 5.28 -1.31
HB3 FME A 1 -7.85 4.22 -2.71
HG2 FME A 1 -8.81 6.11 -4.11
HG3 FME A 1 -9.11 6.97 -2.61
HE1 FME A 1 -11.14 7.14 -3.85
HE2 FME A 1 -12.15 6.78 -2.45
HE3 FME A 1 -12.45 5.96 -3.98
N ALA A 2 -6.60 5.38 -5.14
CA ALA A 2 -6.13 4.78 -6.39
C ALA A 2 -4.78 5.35 -6.79
N GLY A 3 -4.60 6.65 -6.57
CA GLY A 3 -3.35 7.32 -6.93
C GLY A 3 -2.18 6.69 -6.20
N LEU A 4 -2.47 6.05 -5.06
CA LEU A 4 -1.42 5.41 -4.27
C LEU A 4 -0.76 4.29 -5.08
N LEU A 5 -1.57 3.53 -5.80
CA LEU A 5 -1.03 2.43 -6.61
C LEU A 5 -0.10 2.97 -7.68
N ARG A 6 -0.47 4.08 -8.30
CA ARG A 6 0.36 4.68 -9.33
C ARG A 6 1.72 5.04 -8.76
N PHE A 7 1.72 5.66 -7.59
CA PHE A 7 2.97 6.05 -6.95
C PHE A 7 3.81 4.82 -6.67
N LEU A 8 3.17 3.81 -6.09
CA LEU A 8 3.84 2.55 -5.77
C LEU A 8 4.23 1.82 -7.05
N LEU A 9 3.39 1.94 -8.07
CA LEU A 9 3.64 1.28 -9.34
C LEU A 9 4.94 1.77 -9.96
N SER A 10 5.20 3.06 -9.86
CA SER A 10 6.42 3.64 -10.42
C SER A 10 7.65 2.98 -9.82
N LYS A 11 7.63 2.74 -8.51
CA LYS A 11 8.77 2.10 -7.83
C LYS A 11 8.31 0.86 -7.08
N GLY A 12 9.00 -0.25 -7.31
CA GLY A 12 8.66 -1.51 -6.64
C GLY A 12 7.55 -2.25 -7.38
N ARG A 13 7.91 -2.85 -8.52
CA ARG A 13 6.94 -3.60 -9.32
C ARG A 13 6.43 -4.83 -8.57
N ALA A 14 7.31 -5.45 -7.78
CA ALA A 14 6.93 -6.63 -7.02
C ALA A 14 5.82 -6.31 -6.03
N LEU A 15 5.89 -5.11 -5.43
CA LEU A 15 4.88 -4.70 -4.47
C LEU A 15 3.51 -4.62 -5.12
N TYR A 16 3.45 -4.03 -6.31
CA TYR A 16 2.19 -3.88 -7.03
C TYR A 16 1.60 -5.24 -7.36
N ASN A 17 2.42 -6.13 -7.91
CA ASN A 17 1.98 -7.47 -8.27
C ASN A 17 1.59 -8.26 -7.03
N TRP A 18 2.36 -8.09 -5.96
CA TRP A 18 2.11 -8.80 -4.71
C TRP A 18 0.69 -8.50 -4.20
N ALA A 19 0.27 -7.25 -4.35
CA ALA A 19 -1.06 -6.85 -3.90
C ALA A 19 -2.15 -7.62 -4.64
C SLL A 20 -4.31 -8.01 -6.54
N SLL A 20 -1.93 -7.83 -5.94
O SLL A 20 -4.73 -7.06 -7.20
CA SLL A 20 -2.90 -8.55 -6.77
CB SLL A 20 -2.86 -10.05 -6.43
CD SLL A 20 -3.57 -12.28 -7.28
CE SLL A 20 -4.83 -13.07 -7.69
CG SLL A 20 -3.89 -10.79 -7.29
CK SLL A 20 -6.94 -12.35 -10.76
CL SLL A 20 -5.94 -12.30 -11.93
CP SLL A 20 -6.61 -11.73 -13.17
CX SLL A 20 -6.33 -13.12 -9.59
OX SLL A 20 -6.66 -14.28 -9.38
NZ SLL A 20 -5.46 -12.44 -8.84
OP1 SLL A 20 -7.38 -10.79 -13.03
OP2 SLL A 20 -6.36 -12.23 -14.25
H SLL A 20 -1.10 -7.50 -6.35
HA SLL A 20 -2.63 -8.42 -7.80
HB SLL A 20 -3.09 -10.19 -5.39
HBA SLL A 20 -1.87 -10.43 -6.63
HD SLL A 20 -3.27 -12.58 -6.29
HDA SLL A 20 -2.78 -12.49 -7.97
HE SLL A 20 -5.52 -13.09 -6.86
HEA SLL A 20 -4.54 -14.08 -7.95
HG SLL A 20 -3.85 -10.42 -8.30
HGA SLL A 20 -4.88 -10.62 -6.89
HK SLL A 20 -7.84 -12.85 -11.09
HKA SLL A 20 -7.17 -11.34 -10.46
HL SLL A 20 -5.59 -13.30 -12.15
HLA SLL A 20 -5.10 -11.69 -11.66
HNZ SLL A 20 -5.25 -11.51 -9.07
N SER A 21 -5.04 -8.65 -5.64
CA SER A 21 -6.42 -8.24 -5.35
C SER A 21 -6.44 -6.92 -4.59
N HIS A 22 -7.47 -6.11 -4.86
CA HIS A 22 -7.61 -4.81 -4.21
C HIS A 22 -8.88 -4.76 -3.36
N VAL A 23 -8.73 -4.34 -2.11
CA VAL A 23 -9.86 -4.24 -1.19
C VAL A 23 -10.02 -2.81 -0.69
N GLY A 24 -11.23 -2.29 -0.77
CA GLY A 24 -11.51 -0.91 -0.34
C GLY A 24 -11.43 -0.76 1.17
N LYS A 25 -11.74 -1.83 1.90
CA LYS A 25 -11.73 -1.78 3.36
C LYS A 25 -10.34 -1.46 3.92
N VAL A 26 -9.31 -2.10 3.39
CA VAL A 26 -7.96 -1.84 3.88
C VAL A 26 -7.53 -0.40 3.58
N TRP A 27 -7.84 0.08 2.38
CA TRP A 27 -7.47 1.44 2.01
C TRP A 27 -8.36 2.44 2.75
N GLU A 28 -9.53 2.00 3.18
CA GLU A 28 -10.46 2.86 3.90
C GLU A 28 -9.73 3.73 4.92
N TRP A 29 -8.69 3.19 5.54
CA TRP A 29 -7.93 3.93 6.53
C TRP A 29 -7.38 5.23 5.94
N LEU A 30 -7.05 5.20 4.66
CA LEU A 30 -6.52 6.38 4.00
C LEU A 30 -7.53 7.52 4.04
N LYS A 31 -8.79 7.19 3.78
CA LYS A 31 -9.85 8.18 3.80
C LYS A 31 -10.02 8.75 5.20
N SER A 32 -9.92 7.87 6.20
CA SER A 32 -10.06 8.28 7.59
C SER A 32 -9.01 9.34 7.96
N GLY A 33 -7.78 9.12 7.51
CA GLY A 33 -6.70 10.07 7.81
C GLY A 33 -5.34 9.47 7.46
N ALA A 34 -4.51 9.29 8.48
CA ALA A 34 -3.18 8.73 8.27
C ALA A 34 -2.45 9.48 7.16
N THR A 35 -1.22 9.06 6.87
CA THR A 35 -0.42 9.70 5.83
C THR A 35 0.17 8.65 4.90
N TYR A 36 0.58 9.10 3.71
CA TYR A 36 1.17 8.20 2.72
C TYR A 36 2.46 7.57 3.27
N GLU A 37 3.28 8.40 3.90
CA GLU A 37 4.54 7.93 4.46
C GLU A 37 4.31 6.97 5.64
N GLN A 38 3.34 7.30 6.48
CA GLN A 38 3.04 6.48 7.64
C GLN A 38 2.55 5.10 7.24
N ILE A 39 1.61 5.05 6.30
CA ILE A 39 1.07 3.78 5.84
C ILE A 39 2.12 3.00 5.05
N LYS A 40 3.01 3.73 4.37
CA LYS A 40 4.06 3.09 3.58
C LYS A 40 4.95 2.22 4.46
N GLU A 41 5.29 2.73 5.64
CA GLU A 41 6.13 1.98 6.56
C GLU A 41 5.43 0.69 7.01
N TRP A 42 4.13 0.78 7.22
CA TRP A 42 3.35 -0.38 7.64
C TRP A 42 3.46 -1.50 6.61
N ILE A 43 3.43 -1.12 5.33
CA ILE A 43 3.53 -2.10 4.26
C ILE A 43 4.88 -2.80 4.28
N GLU A 44 5.94 -2.01 4.50
CA GLU A 44 7.29 -2.56 4.55
C GLU A 44 7.42 -3.61 5.65
N ASN A 45 6.68 -3.42 6.74
CA ASN A 45 6.74 -4.36 7.85
C ASN A 45 6.28 -5.74 7.41
N ALA A 46 5.23 -5.79 6.59
CA ALA A 46 4.72 -7.06 6.10
C ALA A 46 5.76 -7.78 5.26
N LEU A 47 6.46 -7.02 4.42
CA LEU A 47 7.49 -7.61 3.56
C LEU A 47 8.77 -7.83 4.34
N GLY A 48 9.51 -8.87 3.95
CA GLY A 48 10.77 -9.21 4.63
C GLY A 48 10.66 -10.55 5.32
N TRP A 49 11.28 -11.57 4.74
CA TRP A 49 11.24 -12.92 5.30
C TRP A 49 12.56 -13.26 5.99
N ARG A 50 12.48 -13.98 7.10
CA ARG A 50 13.67 -14.36 7.83
C ARG A 50 14.17 -15.73 7.37
N FME A 1 -4.22 5.33 -2.21
CN FME A 1 -4.47 4.24 -2.95
O1 FME A 1 -4.87 4.32 -4.11
CA FME A 1 -4.46 6.67 -2.74
CB FME A 1 -3.69 7.70 -1.92
CG FME A 1 -4.05 9.11 -2.39
SD FME A 1 -3.82 10.28 -1.03
CE FME A 1 -3.15 11.65 -2.01
C FME A 1 -4.04 6.75 -4.20
O FME A 1 -3.22 5.94 -4.66
H FME A 1 -3.88 5.23 -1.30
HCN FME A 1 -4.28 3.27 -2.53
HA FME A 1 -5.51 6.89 -2.67
HB2 FME A 1 -2.64 7.54 -2.03
HB3 FME A 1 -3.96 7.59 -0.88
HG2 FME A 1 -5.07 9.14 -2.73
HG3 FME A 1 -3.40 9.38 -3.22
HE1 FME A 1 -2.14 11.41 -2.30
HE2 FME A 1 -3.16 12.55 -1.43
HE3 FME A 1 -3.75 11.78 -2.90
N ALA A 2 -4.58 7.72 -4.92
CA ALA A 2 -4.24 7.89 -6.34
C ALA A 2 -2.74 8.12 -6.50
N GLY A 3 -2.21 9.02 -5.70
CA GLY A 3 -0.78 9.33 -5.74
C GLY A 3 0.04 8.12 -5.31
N LEU A 4 -0.50 7.36 -4.37
CA LEU A 4 0.19 6.17 -3.86
C LEU A 4 0.42 5.15 -4.96
N LEU A 5 -0.57 4.95 -5.81
CA LEU A 5 -0.46 3.98 -6.89
C LEU A 5 0.67 4.36 -7.85
N ARG A 6 0.79 5.66 -8.12
CA ARG A 6 1.84 6.14 -9.01
C ARG A 6 3.22 5.76 -8.47
N PHE A 7 3.41 5.93 -7.17
CA PHE A 7 4.69 5.60 -6.55
C PHE A 7 5.01 4.13 -6.73
N LEU A 8 4.03 3.27 -6.45
CA LEU A 8 4.22 1.83 -6.60
C LEU A 8 4.47 1.46 -8.06
N LEU A 9 3.73 2.08 -8.97
CA LEU A 9 3.88 1.80 -10.39
C LEU A 9 5.29 2.17 -10.85
N SER A 10 5.77 3.33 -10.43
CA SER A 10 7.10 3.77 -10.82
C SER A 10 8.14 2.76 -10.33
N LYS A 11 7.98 2.33 -9.08
CA LYS A 11 8.89 1.35 -8.48
C LYS A 11 8.10 0.39 -7.61
N GLY A 12 8.52 -0.87 -7.59
CA GLY A 12 7.84 -1.88 -6.78
C GLY A 12 6.64 -2.47 -7.52
N ARG A 13 6.93 -3.23 -8.57
CA ARG A 13 5.87 -3.86 -9.36
C ARG A 13 5.06 -4.80 -8.49
N ALA A 14 5.75 -5.57 -7.66
CA ALA A 14 5.09 -6.53 -6.77
C ALA A 14 4.16 -5.82 -5.79
N LEU A 15 4.58 -4.65 -5.33
CA LEU A 15 3.77 -3.89 -4.37
C LEU A 15 2.43 -3.51 -4.98
N TYR A 16 2.45 -3.11 -6.25
CA TYR A 16 1.22 -2.73 -6.94
C TYR A 16 0.27 -3.91 -6.99
N ASN A 17 0.80 -5.10 -7.30
CA ASN A 17 -0.02 -6.30 -7.37
C ASN A 17 -0.62 -6.58 -6.00
N TRP A 18 0.19 -6.39 -4.97
CA TRP A 18 -0.27 -6.61 -3.60
C TRP A 18 -1.40 -5.65 -3.25
N ALA A 19 -1.27 -4.41 -3.72
CA ALA A 19 -2.27 -3.39 -3.45
C ALA A 19 -3.66 -3.88 -3.81
C SLL A 20 -5.82 -5.70 -4.19
N SLL A 20 -3.76 -4.59 -4.93
O SLL A 20 -6.79 -5.12 -3.73
CA SLL A 20 -5.05 -5.12 -5.37
CB SLL A 20 -4.82 -6.21 -6.43
CD SLL A 20 -5.97 -7.85 -7.93
CE SLL A 20 -7.32 -8.49 -8.28
CG SLL A 20 -6.13 -6.94 -6.70
CK SLL A 20 -7.06 -10.10 -11.71
CL SLL A 20 -6.47 -11.44 -12.13
CP SLL A 20 -4.96 -11.33 -12.27
CX SLL A 20 -6.94 -9.92 -10.20
OX SLL A 20 -6.45 -10.80 -9.50
NZ SLL A 20 -7.39 -8.77 -9.71
OP1 SLL A 20 -4.45 -11.62 -13.34
OP2 SLL A 20 -4.32 -10.95 -11.30
H SLL A 20 -2.96 -4.76 -5.46
HA SLL A 20 -5.63 -4.32 -5.81
HB SLL A 20 -4.08 -6.91 -6.07
HBA SLL A 20 -4.47 -5.75 -7.34
HD SLL A 20 -5.26 -8.63 -7.70
HDA SLL A 20 -5.61 -7.26 -8.76
HE SLL A 20 -8.12 -7.80 -8.01
HEA SLL A 20 -7.43 -9.40 -7.73
HG SLL A 20 -6.91 -6.22 -6.89
HGA SLL A 20 -6.39 -7.54 -5.84
HK SLL A 20 -8.11 -10.07 -11.99
HKA SLL A 20 -6.54 -9.30 -12.22
HL SLL A 20 -6.90 -11.74 -13.08
HLA SLL A 20 -6.71 -12.19 -11.39
HNZ SLL A 20 -7.77 -8.10 -10.31
N SER A 21 -5.37 -6.85 -3.70
CA SER A 21 -6.02 -7.50 -2.58
C SER A 21 -7.49 -7.82 -2.92
N HIS A 22 -7.90 -9.04 -2.60
CA HIS A 22 -9.27 -9.48 -2.87
C HIS A 22 -10.27 -8.71 -2.04
N VAL A 23 -9.93 -8.43 -0.79
CA VAL A 23 -10.83 -7.70 0.10
C VAL A 23 -10.59 -6.19 0.03
N GLY A 24 -11.66 -5.44 -0.18
CA GLY A 24 -11.57 -3.98 -0.27
C GLY A 24 -11.57 -3.32 1.11
N LYS A 25 -12.04 -4.04 2.13
CA LYS A 25 -12.11 -3.48 3.48
C LYS A 25 -10.73 -3.09 3.99
N VAL A 26 -9.72 -3.90 3.69
CA VAL A 26 -8.37 -3.63 4.16
C VAL A 26 -7.89 -2.24 3.74
N TRP A 27 -8.23 -1.85 2.51
CA TRP A 27 -7.81 -0.54 2.00
C TRP A 27 -8.78 0.56 2.44
N GLU A 28 -9.99 0.17 2.78
CA GLU A 28 -11.01 1.12 3.19
C GLU A 28 -10.44 2.19 4.13
N TRP A 29 -9.66 1.78 5.13
CA TRP A 29 -9.11 2.72 6.08
C TRP A 29 -7.96 3.55 5.48
N LEU A 30 -7.36 3.05 4.41
CA LEU A 30 -6.25 3.77 3.78
C LEU A 30 -6.71 5.13 3.26
N LYS A 31 -7.89 5.15 2.64
CA LYS A 31 -8.43 6.39 2.09
C LYS A 31 -9.04 7.27 3.17
N SER A 32 -9.20 6.72 4.38
CA SER A 32 -9.79 7.50 5.47
C SER A 32 -8.90 8.70 5.80
N GLY A 33 -7.58 8.47 5.77
CA GLY A 33 -6.62 9.53 6.08
C GLY A 33 -5.40 8.95 6.78
N ALA A 34 -4.30 8.83 6.04
CA ALA A 34 -3.07 8.28 6.61
C ALA A 34 -1.84 8.89 5.94
N THR A 35 -0.76 8.99 6.70
CA THR A 35 0.48 9.54 6.19
C THR A 35 1.15 8.54 5.25
N TYR A 36 1.71 9.04 4.15
CA TYR A 36 2.37 8.18 3.17
C TYR A 36 3.51 7.40 3.82
N GLU A 37 4.22 8.01 4.76
CA GLU A 37 5.32 7.32 5.42
C GLU A 37 4.80 6.21 6.34
N GLN A 38 3.72 6.47 7.06
CA GLN A 38 3.15 5.49 7.98
C GLN A 38 2.54 4.28 7.28
N ILE A 39 1.84 4.51 6.18
CA ILE A 39 1.18 3.42 5.44
C ILE A 39 2.19 2.42 4.88
N LYS A 40 3.39 2.89 4.55
CA LYS A 40 4.42 2.01 4.01
C LYS A 40 4.78 0.93 5.02
N GLU A 41 4.87 1.30 6.28
CA GLU A 41 5.20 0.34 7.33
C GLU A 41 4.13 -0.73 7.41
N TRP A 42 2.87 -0.32 7.27
CA TRP A 42 1.76 -1.26 7.33
C TRP A 42 1.83 -2.25 6.17
N ILE A 43 2.05 -1.73 4.96
CA ILE A 43 2.13 -2.57 3.76
C ILE A 43 3.32 -3.52 3.83
N GLU A 44 4.47 -3.01 4.25
CA GLU A 44 5.67 -3.81 4.35
C GLU A 44 5.52 -4.90 5.41
N ASN A 45 4.79 -4.59 6.47
CA ASN A 45 4.58 -5.56 7.54
C ASN A 45 3.83 -6.79 7.04
N ALA A 46 2.82 -6.57 6.20
CA ALA A 46 2.05 -7.68 5.65
C ALA A 46 2.96 -8.61 4.86
N LEU A 47 3.74 -8.05 3.94
CA LEU A 47 4.66 -8.85 3.15
C LEU A 47 5.71 -9.48 4.05
N GLY A 48 6.18 -8.71 5.03
CA GLY A 48 7.18 -9.17 5.96
C GLY A 48 8.49 -8.41 5.76
N TRP A 49 9.22 -8.20 6.85
CA TRP A 49 10.49 -7.49 6.77
C TRP A 49 11.52 -8.11 7.72
N ARG A 50 12.79 -8.03 7.33
CA ARG A 50 13.86 -8.59 8.14
C ARG A 50 15.16 -7.80 7.92
N FME A 1 -7.12 8.55 -2.54
CN FME A 1 -6.04 9.29 -2.80
O1 FME A 1 -5.02 8.81 -3.27
CA FME A 1 -7.13 7.12 -2.84
CB FME A 1 -8.50 6.52 -2.49
CG FME A 1 -9.61 7.42 -3.02
SD FME A 1 -11.21 6.71 -2.56
CE FME A 1 -12.21 7.52 -3.84
C FME A 1 -6.83 6.87 -4.31
O FME A 1 -6.78 7.81 -5.12
H FME A 1 -7.92 8.97 -2.17
HCN FME A 1 -6.06 10.35 -2.56
HA FME A 1 -6.37 6.64 -2.24
HB2 FME A 1 -8.59 6.44 -1.42
HB3 FME A 1 -8.58 5.54 -2.93
HG2 FME A 1 -9.54 7.49 -4.09
HG3 FME A 1 -9.53 8.41 -2.58
HE1 FME A 1 -11.68 8.38 -4.21
HE2 FME A 1 -13.15 7.83 -3.42
HE3 FME A 1 -12.38 6.82 -4.65
N ALA A 2 -6.61 5.61 -4.66
CA ALA A 2 -6.31 5.24 -6.04
C ALA A 2 -4.89 5.69 -6.41
N GLY A 3 -4.51 6.86 -5.95
CA GLY A 3 -3.18 7.39 -6.22
C GLY A 3 -2.10 6.50 -5.61
N LEU A 4 -2.42 5.91 -4.47
CA LEU A 4 -1.48 5.04 -3.78
C LEU A 4 -1.10 3.84 -4.64
N LEU A 5 -2.10 3.25 -5.30
CA LEU A 5 -1.84 2.10 -6.16
C LEU A 5 -0.93 2.49 -7.33
N ARG A 6 -1.21 3.63 -7.94
CA ARG A 6 -0.39 4.09 -9.06
C ARG A 6 1.02 4.39 -8.58
N PHE A 7 1.13 4.95 -7.38
CA PHE A 7 2.41 5.28 -6.79
C PHE A 7 3.27 4.02 -6.67
N LEU A 8 2.66 2.96 -6.15
CA LEU A 8 3.36 1.69 -6.00
C LEU A 8 3.78 1.17 -7.35
N LEU A 9 2.90 1.30 -8.33
CA LEU A 9 3.19 0.84 -9.68
C LEU A 9 4.37 1.60 -10.27
N SER A 10 4.40 2.91 -10.04
CA SER A 10 5.48 3.74 -10.56
C SER A 10 6.83 3.26 -10.04
N LYS A 11 6.90 2.95 -8.75
CA LYS A 11 8.15 2.49 -8.15
C LYS A 11 7.89 1.27 -7.27
N GLY A 12 8.80 0.30 -7.33
CA GLY A 12 8.66 -0.93 -6.54
C GLY A 12 7.75 -1.94 -7.23
N ARG A 13 8.32 -2.70 -8.15
CA ARG A 13 7.54 -3.70 -8.88
C ARG A 13 7.04 -4.78 -7.92
N ALA A 14 7.88 -5.17 -6.97
CA ALA A 14 7.52 -6.19 -6.00
C ALA A 14 6.37 -5.71 -5.11
N LEU A 15 6.43 -4.44 -4.72
CA LEU A 15 5.39 -3.86 -3.87
C LEU A 15 4.05 -3.86 -4.58
N TYR A 16 4.06 -3.54 -5.88
CA TYR A 16 2.84 -3.51 -6.65
C TYR A 16 2.16 -4.89 -6.62
N ASN A 17 2.96 -5.94 -6.82
CA ASN A 17 2.42 -7.29 -6.80
C ASN A 17 1.82 -7.58 -5.42
N TRP A 18 2.51 -7.14 -4.39
CA TRP A 18 2.06 -7.34 -3.02
C TRP A 18 0.77 -6.54 -2.78
N ALA A 19 0.64 -5.43 -3.50
CA ALA A 19 -0.53 -4.56 -3.35
C ALA A 19 -1.82 -5.36 -3.52
C SLL A 20 -3.49 -7.80 -3.14
N SLL A 20 -1.74 -6.47 -4.25
O SLL A 20 -3.37 -8.97 -2.80
CA SLL A 20 -2.92 -7.30 -4.47
CB SLL A 20 -2.55 -8.50 -5.35
CD SLL A 20 -2.34 -9.34 -7.69
CE SLL A 20 -2.77 -9.08 -9.14
CG SLL A 20 -2.67 -8.13 -6.83
CK SLL A 20 -2.99 -11.73 -11.86
CL SLL A 20 -3.45 -11.60 -13.31
CP SLL A 20 -3.69 -12.98 -13.91
CX SLL A 20 -2.94 -10.36 -11.21
OX SLL A 20 -2.98 -9.33 -11.88
NZ SLL A 20 -2.84 -10.34 -9.88
OP1 SLL A 20 -4.33 -13.06 -14.94
OP2 SLL A 20 -3.21 -13.94 -13.33
H SLL A 20 -0.89 -6.73 -4.64
HA SLL A 20 -3.67 -6.72 -4.98
HB SLL A 20 -3.21 -9.33 -5.14
HBA SLL A 20 -1.53 -8.80 -5.13
HD SLL A 20 -2.87 -10.21 -7.31
HDA SLL A 20 -1.28 -9.53 -7.66
HE SLL A 20 -2.06 -8.43 -9.61
HEA SLL A 20 -3.74 -8.62 -9.15
HG SLL A 20 -1.97 -7.34 -7.04
HGA SLL A 20 -3.68 -7.80 -7.03
HK SLL A 20 -2.01 -12.18 -11.83
HKA SLL A 20 -3.69 -12.35 -11.31
HL SLL A 20 -2.70 -11.08 -13.89
HLA SLL A 20 -4.38 -11.03 -13.35
HNZ SLL A 20 -2.81 -11.18 -9.39
N SER A 21 -4.12 -6.90 -2.39
CA SER A 21 -4.72 -7.26 -1.11
C SER A 21 -6.15 -7.75 -1.28
N HIS A 22 -6.73 -7.50 -2.45
CA HIS A 22 -8.09 -7.92 -2.71
C HIS A 22 -9.03 -7.47 -1.59
N VAL A 23 -8.54 -6.54 -0.77
CA VAL A 23 -9.32 -6.01 0.35
C VAL A 23 -9.58 -4.52 0.17
N GLY A 24 -10.84 -4.12 0.29
CA GLY A 24 -11.22 -2.72 0.13
C GLY A 24 -10.99 -1.92 1.42
N LYS A 25 -10.94 -2.62 2.55
CA LYS A 25 -10.77 -1.97 3.85
C LYS A 25 -9.40 -1.28 3.98
N VAL A 26 -8.35 -1.92 3.48
CA VAL A 26 -7.00 -1.36 3.60
C VAL A 26 -6.85 0.00 2.91
N TRP A 27 -7.39 0.12 1.69
CA TRP A 27 -7.27 1.38 0.95
C TRP A 27 -8.01 2.53 1.66
N GLU A 28 -9.11 2.20 2.32
CA GLU A 28 -9.90 3.22 3.02
C GLU A 28 -9.08 3.92 4.09
N TRP A 29 -8.17 3.18 4.73
CA TRP A 29 -7.32 3.76 5.77
C TRP A 29 -6.56 4.97 5.24
N LEU A 30 -6.29 4.98 3.95
CA LEU A 30 -5.57 6.08 3.32
C LEU A 30 -6.33 7.39 3.47
N LYS A 31 -7.63 7.35 3.28
CA LYS A 31 -8.44 8.56 3.38
C LYS A 31 -8.38 9.15 4.79
N SER A 32 -8.41 8.29 5.80
CA SER A 32 -8.35 8.77 7.19
C SER A 32 -7.67 7.75 8.09
N GLY A 33 -6.95 8.25 9.09
CA GLY A 33 -6.26 7.39 10.05
C GLY A 33 -4.97 6.82 9.46
N ALA A 34 -4.53 7.37 8.34
CA ALA A 34 -3.31 6.88 7.71
C ALA A 34 -2.79 7.88 6.68
N THR A 35 -1.49 7.82 6.42
CA THR A 35 -0.85 8.71 5.46
C THR A 35 0.05 7.90 4.52
N TYR A 36 0.55 8.55 3.47
CA TYR A 36 1.42 7.88 2.51
C TYR A 36 2.66 7.35 3.20
N GLU A 37 3.25 8.16 4.08
CA GLU A 37 4.44 7.74 4.79
C GLU A 37 4.13 6.66 5.83
N GLN A 38 3.01 6.82 6.52
CA GLN A 38 2.62 5.86 7.56
C GLN A 38 2.20 4.52 6.95
N ILE A 39 1.35 4.56 5.91
CA ILE A 39 0.90 3.34 5.28
C ILE A 39 2.07 2.62 4.63
N LYS A 40 3.05 3.38 4.17
CA LYS A 40 4.23 2.80 3.55
C LYS A 40 4.94 1.89 4.53
N GLU A 41 5.05 2.34 5.78
CA GLU A 41 5.70 1.55 6.81
C GLU A 41 4.92 0.27 7.06
N TRP A 42 3.59 0.39 7.08
CA TRP A 42 2.73 -0.77 7.29
C TRP A 42 2.87 -1.75 6.13
N ILE A 43 2.88 -1.20 4.91
CA ILE A 43 3.02 -2.01 3.71
C ILE A 43 4.39 -2.68 3.66
N GLU A 44 5.43 -1.93 4.00
CA GLU A 44 6.79 -2.47 3.99
C GLU A 44 6.94 -3.56 5.04
N ASN A 45 6.19 -3.43 6.14
CA ASN A 45 6.25 -4.41 7.21
C ASN A 45 5.82 -5.78 6.71
N ALA A 46 4.80 -5.80 5.85
CA ALA A 46 4.31 -7.06 5.30
C ALA A 46 5.42 -7.79 4.54
N LEU A 47 6.25 -7.04 3.84
CA LEU A 47 7.35 -7.63 3.08
C LEU A 47 8.33 -8.31 4.03
N GLY A 48 8.60 -7.66 5.16
CA GLY A 48 9.53 -8.20 6.15
C GLY A 48 8.82 -9.18 7.08
N TRP A 49 7.61 -9.57 6.71
CA TRP A 49 6.84 -10.49 7.52
C TRP A 49 7.61 -11.79 7.72
N ARG A 50 8.29 -12.24 6.67
CA ARG A 50 9.07 -13.47 6.74
C ARG A 50 8.20 -14.65 7.11
N FME A 1 -6.43 6.81 -2.55
CN FME A 1 -7.59 6.43 -3.09
O1 FME A 1 -7.93 6.77 -4.23
CA FME A 1 -5.47 7.60 -3.31
CB FME A 1 -4.23 7.86 -2.46
CG FME A 1 -4.65 8.46 -1.11
SD FME A 1 -5.68 9.93 -1.40
CE FME A 1 -5.83 10.44 0.33
C FME A 1 -5.09 6.87 -4.60
O FME A 1 -3.99 6.32 -4.70
H FME A 1 -6.23 6.56 -1.63
HCN FME A 1 -8.28 5.85 -2.49
HA FME A 1 -5.92 8.54 -3.58
HB2 FME A 1 -3.59 8.56 -2.98
HB3 FME A 1 -3.71 6.93 -2.29
HG2 FME A 1 -3.78 8.74 -0.56
HG3 FME A 1 -5.22 7.73 -0.56
HE1 FME A 1 -6.22 11.45 0.37
HE2 FME A 1 -4.86 10.44 0.79
HE3 FME A 1 -6.49 9.77 0.86
N ALA A 2 -6.00 6.88 -5.55
CA ALA A 2 -5.77 6.22 -6.84
C ALA A 2 -4.62 6.89 -7.58
N GLY A 3 -4.52 8.21 -7.45
CA GLY A 3 -3.47 8.96 -8.11
C GLY A 3 -2.09 8.50 -7.66
N LEU A 4 -1.95 8.23 -6.36
CA LEU A 4 -0.68 7.78 -5.83
C LEU A 4 -0.44 6.31 -6.15
N LEU A 5 -1.48 5.60 -6.56
CA LEU A 5 -1.33 4.19 -6.89
C LEU A 5 -0.07 4.04 -7.74
N ARG A 6 0.21 5.05 -8.54
CA ARG A 6 1.40 5.06 -9.39
C ARG A 6 2.66 5.06 -8.54
N PHE A 7 2.62 5.80 -7.44
CA PHE A 7 3.76 5.89 -6.55
C PHE A 7 4.18 4.48 -6.09
N LEU A 8 3.21 3.67 -5.72
CA LEU A 8 3.49 2.31 -5.28
C LEU A 8 4.07 1.47 -6.42
N LEU A 9 3.52 1.63 -7.61
CA LEU A 9 3.98 0.87 -8.78
C LEU A 9 5.42 1.25 -9.11
N SER A 10 5.72 2.55 -9.02
CA SER A 10 7.06 3.05 -9.31
C SER A 10 8.12 2.36 -8.47
N LYS A 11 7.84 2.16 -7.18
CA LYS A 11 8.79 1.50 -6.29
C LYS A 11 8.16 0.27 -5.66
N GLY A 12 8.93 -0.80 -5.53
CA GLY A 12 8.42 -2.03 -4.95
C GLY A 12 7.39 -2.67 -5.88
N ARG A 13 7.89 -3.30 -6.95
CA ARG A 13 7.00 -3.95 -7.91
C ARG A 13 6.23 -5.11 -7.26
N ALA A 14 6.92 -5.84 -6.39
CA ALA A 14 6.28 -6.97 -5.71
C ALA A 14 5.18 -6.48 -4.77
N LEU A 15 5.42 -5.35 -4.11
CA LEU A 15 4.45 -4.79 -3.19
C LEU A 15 3.17 -4.42 -3.94
N TYR A 16 3.35 -3.88 -5.15
CA TYR A 16 2.21 -3.49 -5.96
C TYR A 16 1.30 -4.70 -6.21
N ASN A 17 1.90 -5.84 -6.53
CA ASN A 17 1.14 -7.05 -6.77
C ASN A 17 0.35 -7.43 -5.53
N TRP A 18 0.97 -7.28 -4.37
CA TRP A 18 0.33 -7.60 -3.10
C TRP A 18 -0.94 -6.77 -2.95
N ALA A 19 -0.90 -5.52 -3.42
CA ALA A 19 -2.06 -4.64 -3.32
C ALA A 19 -3.34 -5.41 -3.63
C SLL A 20 -4.99 -7.70 -4.06
N SLL A 20 -3.39 -6.02 -4.79
O SLL A 20 -4.21 -8.52 -3.57
CA SLL A 20 -4.56 -6.78 -5.19
CB SLL A 20 -4.26 -7.62 -6.43
CD SLL A 20 -3.62 -7.51 -8.84
CE SLL A 20 -3.10 -6.60 -9.95
CG SLL A 20 -3.74 -6.71 -7.54
CK SLL A 20 -2.41 -7.77 -13.50
CL SLL A 20 -0.90 -7.78 -13.72
CP SLL A 20 -0.45 -6.41 -14.26
CX SLL A 20 -2.77 -6.85 -12.34
OX SLL A 20 -3.03 -5.66 -12.55
NZ SLL A 20 -2.78 -7.39 -11.13
OP1 SLL A 20 -0.34 -6.29 -15.47
OP2 SLL A 20 -0.24 -5.52 -13.45
H SLL A 20 -2.63 -5.96 -5.40
HA SLL A 20 -5.37 -6.10 -5.42
HB SLL A 20 -5.15 -8.11 -6.76
HBA SLL A 20 -3.50 -8.36 -6.19
HD SLL A 20 -4.59 -7.90 -9.11
HDA SLL A 20 -2.93 -8.33 -8.70
HE SLL A 20 -2.21 -6.08 -9.61
HEA SLL A 20 -3.85 -5.87 -10.20
HG SLL A 20 -2.77 -6.33 -7.27
HGA SLL A 20 -4.42 -5.89 -7.68
HK SLL A 20 -2.74 -8.78 -13.27
HKA SLL A 20 -2.91 -7.44 -14.40
HL SLL A 20 -0.64 -8.54 -14.43
HLA SLL A 20 -0.40 -7.97 -12.79
HNZ SLL A 20 -2.56 -8.34 -11.03
N SER A 21 -6.24 -7.55 -3.63
CA SER A 21 -6.77 -8.37 -2.56
C SER A 21 -8.27 -8.56 -2.71
N HIS A 22 -8.79 -9.61 -2.08
CA HIS A 22 -10.21 -9.93 -2.16
C HIS A 22 -11.03 -9.12 -1.16
N VAL A 23 -10.36 -8.30 -0.36
CA VAL A 23 -11.06 -7.49 0.64
C VAL A 23 -10.84 -5.99 0.43
N GLY A 24 -11.94 -5.24 0.36
CA GLY A 24 -11.90 -3.79 0.18
C GLY A 24 -11.70 -3.07 1.51
N LYS A 25 -11.96 -3.78 2.60
CA LYS A 25 -11.87 -3.20 3.94
C LYS A 25 -10.45 -2.70 4.25
N VAL A 26 -9.44 -3.40 3.75
CA VAL A 26 -8.06 -2.99 4.01
C VAL A 26 -7.78 -1.59 3.48
N TRP A 27 -8.34 -1.26 2.32
CA TRP A 27 -8.11 0.06 1.74
C TRP A 27 -8.78 1.16 2.55
N GLU A 28 -9.97 0.86 3.10
CA GLU A 28 -10.68 1.86 3.89
C GLU A 28 -9.70 2.59 4.81
N TRP A 29 -8.70 1.87 5.30
CA TRP A 29 -7.70 2.47 6.17
C TRP A 29 -6.98 3.60 5.46
N LEU A 30 -6.75 3.43 4.16
CA LEU A 30 -6.07 4.43 3.35
C LEU A 30 -6.85 5.74 3.35
N LYS A 31 -8.16 5.63 3.24
CA LYS A 31 -9.01 6.83 3.21
C LYS A 31 -8.85 7.63 4.49
N SER A 32 -8.10 7.09 5.45
CA SER A 32 -7.86 7.77 6.71
C SER A 32 -7.09 9.06 6.50
N GLY A 33 -6.41 9.15 5.36
CA GLY A 33 -5.62 10.33 5.03
C GLY A 33 -4.27 10.28 5.70
N ALA A 34 -3.87 9.08 6.11
CA ALA A 34 -2.58 8.91 6.77
C ALA A 34 -1.46 9.20 5.79
N THR A 35 -0.23 9.30 6.29
CA THR A 35 0.90 9.58 5.42
C THR A 35 1.22 8.38 4.55
N TYR A 36 1.52 8.64 3.29
CA TYR A 36 1.80 7.57 2.34
C TYR A 36 3.01 6.74 2.79
N GLU A 37 4.06 7.40 3.26
CA GLU A 37 5.25 6.67 3.71
C GLU A 37 4.92 5.79 4.91
N GLN A 38 4.14 6.35 5.84
CA GLN A 38 3.76 5.60 7.05
C GLN A 38 2.89 4.40 6.68
N ILE A 39 2.00 4.60 5.72
CA ILE A 39 1.11 3.53 5.27
C ILE A 39 1.92 2.38 4.68
N LYS A 40 2.93 2.71 3.89
CA LYS A 40 3.76 1.68 3.28
C LYS A 40 4.35 0.76 4.36
N GLU A 41 4.81 1.35 5.45
CA GLU A 41 5.40 0.58 6.55
C GLU A 41 4.41 -0.47 7.07
N TRP A 42 3.16 -0.05 7.30
CA TRP A 42 2.15 -0.97 7.79
C TRP A 42 1.97 -2.14 6.83
N ILE A 43 2.02 -1.84 5.54
CA ILE A 43 1.87 -2.87 4.52
C ILE A 43 3.02 -3.86 4.58
N GLU A 44 4.23 -3.35 4.76
CA GLU A 44 5.42 -4.21 4.83
C GLU A 44 5.31 -5.20 5.97
N ASN A 45 4.69 -4.78 7.08
CA ASN A 45 4.54 -5.67 8.22
C ASN A 45 3.74 -6.90 7.82
N ALA A 46 2.70 -6.69 7.03
CA ALA A 46 1.87 -7.79 6.56
C ALA A 46 2.70 -8.73 5.69
N LEU A 47 3.51 -8.15 4.81
CA LEU A 47 4.35 -8.93 3.92
C LEU A 47 5.39 -9.71 4.72
N GLY A 48 5.95 -9.06 5.74
CA GLY A 48 6.95 -9.70 6.59
C GLY A 48 8.36 -9.45 6.06
N TRP A 49 8.45 -8.67 4.98
CA TRP A 49 9.74 -8.35 4.37
C TRP A 49 10.07 -6.87 4.59
N ARG A 50 11.36 -6.57 4.74
CA ARG A 50 11.79 -5.20 4.96
C ARG A 50 11.47 -4.34 3.74
N FME A 1 -6.09 9.01 -3.35
CN FME A 1 -5.11 9.80 -3.78
O1 FME A 1 -4.00 9.34 -4.07
CA FME A 1 -5.90 7.58 -3.21
CB FME A 1 -7.26 6.87 -3.13
CG FME A 1 -8.15 7.34 -4.28
SD FME A 1 -9.81 6.65 -4.07
CE FME A 1 -10.39 6.94 -5.77
C FME A 1 -5.12 7.01 -4.39
O FME A 1 -4.25 6.16 -4.22
H FME A 1 -6.95 9.42 -3.12
HCN FME A 1 -5.29 10.85 -3.88
HA FME A 1 -5.36 7.38 -2.29
HB2 FME A 1 -7.74 7.12 -2.18
HB3 FME A 1 -7.13 5.80 -3.18
HG2 FME A 1 -7.73 7.00 -5.21
HG3 FME A 1 -8.20 8.41 -4.29
HE1 FME A 1 -11.44 7.17 -5.76
HE2 FME A 1 -10.22 6.06 -6.36
HE3 FME A 1 -9.84 7.76 -6.20
N ALA A 2 -5.43 7.51 -5.58
CA ALA A 2 -4.74 7.07 -6.79
C ALA A 2 -3.28 7.45 -6.77
N GLY A 3 -2.98 8.63 -6.21
CA GLY A 3 -1.61 9.11 -6.15
C GLY A 3 -0.69 8.11 -5.46
N LEU A 4 -1.17 7.50 -4.38
CA LEU A 4 -0.36 6.52 -3.66
C LEU A 4 -0.03 5.32 -4.54
N LEU A 5 -1.02 4.85 -5.30
CA LEU A 5 -0.80 3.71 -6.19
C LEU A 5 0.23 4.06 -7.26
N ARG A 6 0.12 5.26 -7.81
CA ARG A 6 1.04 5.71 -8.85
C ARG A 6 2.47 5.71 -8.31
N PHE A 7 2.61 6.15 -7.08
CA PHE A 7 3.92 6.22 -6.42
C PHE A 7 4.59 4.85 -6.39
N LEU A 8 3.82 3.82 -6.03
CA LEU A 8 4.37 2.46 -5.96
C LEU A 8 4.81 1.98 -7.34
N LEU A 9 4.08 2.34 -8.38
CA LEU A 9 4.41 1.90 -9.73
C LEU A 9 5.79 2.40 -10.15
N SER A 10 6.13 3.62 -9.77
CA SER A 10 7.43 4.18 -10.14
C SER A 10 8.55 3.25 -9.67
N LYS A 11 8.42 2.73 -8.45
CA LYS A 11 9.44 1.83 -7.91
C LYS A 11 8.81 0.82 -6.95
N GLY A 12 9.42 -0.36 -6.85
CA GLY A 12 8.92 -1.40 -5.97
C GLY A 12 7.72 -2.11 -6.59
N ARG A 13 7.96 -2.80 -7.71
CA ARG A 13 6.89 -3.51 -8.40
C ARG A 13 6.29 -4.59 -7.50
N ALA A 14 7.12 -5.18 -6.63
CA ALA A 14 6.63 -6.21 -5.74
C ALA A 14 5.49 -5.67 -4.89
N LEU A 15 5.65 -4.44 -4.43
CA LEU A 15 4.62 -3.79 -3.64
C LEU A 15 3.35 -3.62 -4.46
N TYR A 16 3.52 -3.26 -5.72
CA TYR A 16 2.40 -3.06 -6.63
C TYR A 16 1.60 -4.35 -6.78
N ASN A 17 2.30 -5.46 -6.95
CA ASN A 17 1.64 -6.75 -7.10
C ASN A 17 0.89 -7.09 -5.81
N TRP A 18 1.51 -6.76 -4.68
CA TRP A 18 0.92 -7.05 -3.37
C TRP A 18 -0.42 -6.32 -3.23
N ALA A 19 -0.50 -5.09 -3.73
CA ALA A 19 -1.73 -4.33 -3.62
C ALA A 19 -2.92 -5.19 -4.06
C SLL A 20 -4.18 -7.98 -4.23
N SLL A 20 -2.64 -6.19 -4.89
O SLL A 20 -4.35 -9.18 -4.41
CA SLL A 20 -3.69 -7.08 -5.37
CB SLL A 20 -3.15 -7.94 -6.52
CD SLL A 20 -4.49 -7.21 -8.50
CE SLL A 20 -5.70 -7.55 -9.38
CG SLL A 20 -4.30 -8.31 -7.46
CK SLL A 20 -6.05 -10.75 -11.39
CL SLL A 20 -4.52 -10.88 -11.44
CP SLL A 20 -4.14 -12.29 -11.91
CX SLL A 20 -6.43 -9.52 -10.58
OX SLL A 20 -7.62 -9.27 -10.35
NZ SLL A 20 -5.44 -8.75 -10.15
OP1 SLL A 20 -3.27 -12.38 -12.76
OP2 SLL A 20 -4.71 -13.23 -11.41
H SLL A 20 -1.71 -6.32 -5.17
HA SLL A 20 -4.51 -6.48 -5.74
HB SLL A 20 -2.71 -8.84 -6.12
HBA SLL A 20 -2.40 -7.38 -7.06
HD SLL A 20 -3.61 -7.15 -9.12
HDA SLL A 20 -4.66 -6.27 -8.01
HE SLL A 20 -5.89 -6.72 -10.05
HEA SLL A 20 -6.56 -7.70 -8.75
HG SLL A 20 -5.21 -8.44 -6.90
HGA SLL A 20 -4.07 -9.24 -7.96
HK SLL A 20 -6.46 -11.63 -10.91
HKA SLL A 20 -6.43 -10.67 -12.38
HL SLL A 20 -4.11 -10.72 -10.46
HLA SLL A 20 -4.12 -10.15 -12.13
HNZ SLL A 20 -4.52 -9.00 -10.37
N SER A 21 -4.41 -7.38 -3.07
CA SER A 21 -4.88 -8.12 -1.91
C SER A 21 -6.34 -8.52 -2.08
N HIS A 22 -6.73 -9.62 -1.46
CA HIS A 22 -8.10 -10.09 -1.55
C HIS A 22 -8.98 -9.36 -0.52
N VAL A 23 -8.32 -8.64 0.38
CA VAL A 23 -9.04 -7.89 1.41
C VAL A 23 -9.08 -6.41 1.07
N GLY A 24 -10.24 -5.96 0.59
CA GLY A 24 -10.42 -4.55 0.22
C GLY A 24 -10.43 -3.64 1.44
N LYS A 25 -10.90 -4.18 2.58
CA LYS A 25 -10.97 -3.40 3.81
C LYS A 25 -9.69 -2.58 4.02
N VAL A 26 -8.60 -3.05 3.43
CA VAL A 26 -7.32 -2.36 3.56
C VAL A 26 -7.38 -0.95 3.00
N TRP A 27 -8.13 -0.77 1.92
CA TRP A 27 -8.25 0.54 1.29
C TRP A 27 -8.96 1.54 2.21
N GLU A 28 -9.97 1.07 2.93
CA GLU A 28 -10.71 1.94 3.84
C GLU A 28 -9.75 2.85 4.60
N TRP A 29 -8.62 2.27 5.01
CA TRP A 29 -7.60 3.01 5.74
C TRP A 29 -6.99 4.10 4.86
N LEU A 30 -6.83 3.79 3.58
CA LEU A 30 -6.24 4.74 2.63
C LEU A 30 -7.10 6.01 2.53
N LYS A 31 -8.40 5.83 2.48
CA LYS A 31 -9.32 6.97 2.38
C LYS A 31 -9.16 7.90 3.59
N SER A 32 -8.92 7.31 4.76
CA SER A 32 -8.76 8.09 5.98
C SER A 32 -7.53 9.00 5.87
N GLY A 33 -7.62 10.18 6.47
CA GLY A 33 -6.52 11.13 6.43
C GLY A 33 -5.26 10.54 7.05
N ALA A 34 -4.39 10.02 6.20
CA ALA A 34 -3.14 9.42 6.67
C ALA A 34 -1.99 9.79 5.74
N THR A 35 -0.79 9.92 6.31
CA THR A 35 0.38 10.28 5.53
C THR A 35 0.79 9.12 4.61
N TYR A 36 1.25 9.45 3.42
CA TYR A 36 1.66 8.43 2.46
C TYR A 36 2.80 7.59 3.03
N GLU A 37 3.73 8.23 3.72
CA GLU A 37 4.85 7.53 4.31
C GLU A 37 4.37 6.55 5.38
N GLN A 38 3.41 7.00 6.19
CA GLN A 38 2.87 6.16 7.26
C GLN A 38 2.13 4.96 6.66
N ILE A 39 1.35 5.22 5.61
CA ILE A 39 0.60 4.15 4.96
C ILE A 39 1.54 3.12 4.33
N LYS A 40 2.60 3.61 3.68
CA LYS A 40 3.57 2.74 3.04
C LYS A 40 4.28 1.88 4.07
N GLU A 41 4.65 2.48 5.20
CA GLU A 41 5.35 1.75 6.25
C GLU A 41 4.48 0.61 6.75
N TRP A 42 3.19 0.88 6.93
CA TRP A 42 2.26 -0.14 7.40
C TRP A 42 2.15 -1.28 6.39
N ILE A 43 2.01 -0.93 5.12
CA ILE A 43 1.90 -1.93 4.06
C ILE A 43 3.19 -2.75 3.96
N GLU A 44 4.33 -2.06 4.02
CA GLU A 44 5.61 -2.73 3.93
C GLU A 44 5.79 -3.67 5.12
N ASN A 45 5.28 -3.25 6.27
CA ASN A 45 5.37 -4.07 7.48
C ASN A 45 4.61 -5.37 7.27
N ALA A 46 3.46 -5.27 6.61
CA ALA A 46 2.64 -6.43 6.34
C ALA A 46 3.38 -7.44 5.46
N LEU A 47 4.18 -6.93 4.52
CA LEU A 47 4.95 -7.80 3.64
C LEU A 47 6.41 -7.85 4.07
N GLY A 48 6.91 -9.05 4.30
CA GLY A 48 8.30 -9.24 4.70
C GLY A 48 8.67 -10.72 4.70
N TRP A 49 9.93 -10.99 4.44
CA TRP A 49 10.40 -12.37 4.42
C TRP A 49 10.26 -13.00 5.79
N ARG A 50 10.47 -12.18 6.83
CA ARG A 50 10.37 -12.67 8.20
C ARG A 50 9.49 -11.74 9.03
N FME A 1 -5.47 8.53 -3.35
CN FME A 1 -4.40 9.10 -3.89
O1 FME A 1 -3.45 8.45 -4.32
CA FME A 1 -5.60 7.08 -3.29
CB FME A 1 -7.07 6.69 -3.08
CG FME A 1 -7.98 7.54 -3.97
SD FME A 1 -8.48 9.03 -3.08
CE FME A 1 -9.17 9.93 -4.50
C FME A 1 -5.08 6.44 -4.58
O FME A 1 -4.39 5.42 -4.54
H FME A 1 -6.18 9.09 -2.98
HCN FME A 1 -4.34 10.18 -3.90
HA FME A 1 -5.02 6.71 -2.46
HB2 FME A 1 -7.33 6.85 -2.05
HB3 FME A 1 -7.20 5.65 -3.32
HG2 FME A 1 -8.85 6.97 -4.24
HG3 FME A 1 -7.44 7.83 -4.86
HE1 FME A 1 -9.62 10.84 -4.16
HE2 FME A 1 -9.92 9.31 -4.98
HE3 FME A 1 -8.38 10.14 -5.20
N ALA A 2 -5.39 7.05 -5.72
CA ALA A 2 -4.94 6.54 -7.01
C ALA A 2 -3.43 6.66 -7.14
N GLY A 3 -2.88 7.75 -6.62
CA GLY A 3 -1.44 7.99 -6.69
C GLY A 3 -0.65 6.92 -5.95
N LEU A 4 -1.30 6.26 -4.98
CA LEU A 4 -0.63 5.23 -4.20
C LEU A 4 -0.17 4.10 -5.11
N LEU A 5 -1.04 3.66 -6.01
CA LEU A 5 -0.68 2.59 -6.93
C LEU A 5 0.46 3.05 -7.83
N ARG A 6 0.38 4.30 -8.29
CA ARG A 6 1.43 4.85 -9.16
C ARG A 6 2.78 4.84 -8.46
N PHE A 7 2.80 5.23 -7.19
CA PHE A 7 4.04 5.25 -6.42
C PHE A 7 4.65 3.85 -6.36
N LEU A 8 3.81 2.87 -6.06
CA LEU A 8 4.26 1.48 -5.97
C LEU A 8 4.73 0.98 -7.33
N LEU A 9 3.98 1.34 -8.36
CA LEU A 9 4.30 0.92 -9.72
C LEU A 9 5.65 1.46 -10.18
N SER A 10 5.93 2.71 -9.83
CA SER A 10 7.19 3.35 -10.22
C SER A 10 8.38 2.52 -9.74
N LYS A 11 8.32 2.07 -8.49
CA LYS A 11 9.40 1.27 -7.91
C LYS A 11 8.81 0.11 -7.10
N GLY A 12 9.47 -1.04 -7.15
CA GLY A 12 9.00 -2.21 -6.40
C GLY A 12 7.71 -2.76 -7.01
N ARG A 13 7.85 -3.47 -8.13
CA ARG A 13 6.71 -4.06 -8.82
C ARG A 13 6.00 -5.10 -7.95
N ALA A 14 6.77 -5.86 -7.18
CA ALA A 14 6.19 -6.89 -6.32
C ALA A 14 5.16 -6.32 -5.37
N LEU A 15 5.38 -5.09 -4.92
CA LEU A 15 4.44 -4.45 -3.99
C LEU A 15 3.08 -4.27 -4.66
N TYR A 16 3.10 -3.92 -5.95
CA TYR A 16 1.86 -3.74 -6.71
C TYR A 16 1.05 -5.03 -6.73
N ASN A 17 1.74 -6.15 -6.94
CA ASN A 17 1.08 -7.45 -7.01
C ASN A 17 0.40 -7.76 -5.68
N TRP A 18 1.03 -7.40 -4.58
CA TRP A 18 0.46 -7.63 -3.26
C TRP A 18 -0.91 -6.97 -3.15
N ALA A 19 -1.03 -5.79 -3.77
CA ALA A 19 -2.28 -5.04 -3.74
C ALA A 19 -3.45 -5.89 -4.24
C SLL A 20 -4.86 -8.53 -4.52
N SLL A 20 -3.15 -6.86 -5.10
O SLL A 20 -5.57 -9.51 -4.80
CA SLL A 20 -4.18 -7.74 -5.63
CB SLL A 20 -3.58 -8.70 -6.65
CD SLL A 20 -4.33 -7.96 -8.92
CE SLL A 20 -4.07 -6.95 -10.03
CG SLL A 20 -3.17 -7.94 -7.92
CK SLL A 20 -5.25 -3.35 -9.85
CL SLL A 20 -5.72 -2.41 -10.96
CP SLL A 20 -7.15 -2.75 -11.35
CX SLL A 20 -4.90 -4.71 -10.43
OX SLL A 20 -5.06 -4.94 -11.63
NZ SLL A 20 -4.43 -5.61 -9.58
OP1 SLL A 20 -7.81 -3.44 -10.59
OP2 SLL A 20 -7.57 -2.34 -12.42
H SLL A 20 -2.21 -7.00 -5.36
HA SLL A 20 -4.92 -7.13 -6.14
HB SLL A 20 -4.30 -9.46 -6.90
HBA SLL A 20 -2.71 -9.18 -6.22
HD SLL A 20 -5.25 -7.70 -8.40
HDA SLL A 20 -4.42 -8.95 -9.34
HE SLL A 20 -4.65 -7.21 -10.90
HEA SLL A 20 -3.02 -6.96 -10.29
HG SLL A 20 -2.31 -8.42 -8.36
HGA SLL A 20 -2.93 -6.92 -7.67
HK SLL A 20 -6.03 -3.47 -9.11
HKA SLL A 20 -4.37 -2.93 -9.36
HL SLL A 20 -5.07 -2.52 -11.82
HLA SLL A 20 -5.68 -1.39 -10.60
HNZ SLL A 20 -4.32 -5.38 -8.63
N SER A 21 -4.66 -8.13 -3.27
CA SER A 21 -5.25 -8.82 -2.14
C SER A 21 -6.78 -8.75 -2.20
N HIS A 22 -7.31 -7.66 -2.73
CA HIS A 22 -8.76 -7.48 -2.83
C HIS A 22 -9.41 -7.49 -1.46
N VAL A 23 -8.93 -6.63 -0.57
CA VAL A 23 -9.49 -6.54 0.78
C VAL A 23 -10.01 -5.14 1.04
N GLY A 24 -11.26 -5.04 1.45
CA GLY A 24 -11.88 -3.74 1.71
C GLY A 24 -11.37 -3.10 3.00
N LYS A 25 -11.03 -3.92 3.99
CA LYS A 25 -10.58 -3.41 5.28
C LYS A 25 -9.30 -2.57 5.17
N VAL A 26 -8.33 -3.06 4.42
CA VAL A 26 -7.06 -2.33 4.27
C VAL A 26 -7.22 -1.01 3.54
N TRP A 27 -8.00 -1.00 2.46
CA TRP A 27 -8.17 0.23 1.69
C TRP A 27 -8.90 1.30 2.51
N GLU A 28 -9.88 0.88 3.30
CA GLU A 28 -10.64 1.82 4.12
C GLU A 28 -9.72 2.56 5.08
N TRP A 29 -8.68 1.88 5.55
CA TRP A 29 -7.74 2.51 6.49
C TRP A 29 -7.18 3.79 5.88
N LEU A 30 -6.88 3.74 4.60
CA LEU A 30 -6.35 4.90 3.91
C LEU A 30 -7.36 6.04 3.99
N LYS A 31 -8.62 5.70 3.75
CA LYS A 31 -9.69 6.69 3.81
C LYS A 31 -9.87 7.22 5.25
N SER A 32 -9.77 6.33 6.24
CA SER A 32 -9.92 6.74 7.63
C SER A 32 -8.83 7.74 8.03
N GLY A 33 -7.61 7.48 7.60
CA GLY A 33 -6.48 8.36 7.92
C GLY A 33 -5.18 7.83 7.34
N ALA A 34 -4.13 7.81 8.17
CA ALA A 34 -2.82 7.31 7.75
C ALA A 34 -2.21 8.24 6.69
N THR A 35 -0.94 7.98 6.37
CA THR A 35 -0.23 8.78 5.38
C THR A 35 0.62 7.87 4.48
N TYR A 36 1.34 8.45 3.56
CA TYR A 36 2.18 7.67 2.65
C TYR A 36 3.25 6.91 3.42
N GLU A 37 3.89 7.56 4.39
CA GLU A 37 4.93 6.89 5.16
C GLU A 37 4.37 5.73 5.98
N GLN A 38 3.21 5.94 6.58
CA GLN A 38 2.56 4.89 7.38
C GLN A 38 2.03 3.79 6.47
N ILE A 39 1.38 4.19 5.38
CA ILE A 39 0.83 3.24 4.43
C ILE A 39 1.93 2.42 3.77
N LYS A 40 3.01 3.10 3.37
CA LYS A 40 4.12 2.41 2.74
C LYS A 40 4.69 1.36 3.68
N GLU A 41 4.88 1.74 4.94
CA GLU A 41 5.40 0.83 5.94
C GLU A 41 4.37 -0.25 6.26
N TRP A 42 3.11 0.15 6.37
CA TRP A 42 2.04 -0.79 6.68
C TRP A 42 1.95 -1.86 5.60
N ILE A 43 2.04 -1.44 4.34
CA ILE A 43 1.98 -2.40 3.23
C ILE A 43 3.19 -3.34 3.28
N GLU A 44 4.37 -2.78 3.55
CA GLU A 44 5.59 -3.59 3.61
C GLU A 44 5.55 -4.54 4.82
N ASN A 45 4.97 -4.06 5.91
CA ASN A 45 4.87 -4.85 7.14
C ASN A 45 4.09 -6.14 6.89
N ALA A 46 3.03 -6.04 6.09
CA ALA A 46 2.21 -7.21 5.79
C ALA A 46 3.03 -8.30 5.12
N LEU A 47 3.97 -7.90 4.26
CA LEU A 47 4.80 -8.87 3.56
C LEU A 47 5.64 -9.67 4.55
N GLY A 48 6.18 -9.00 5.55
CA GLY A 48 7.00 -9.66 6.55
C GLY A 48 8.48 -9.48 6.23
N TRP A 49 9.35 -9.79 7.19
CA TRP A 49 10.78 -9.66 6.98
C TRP A 49 11.11 -8.25 6.45
N ARG A 50 12.38 -7.91 6.42
CA ARG A 50 12.80 -6.59 5.94
C ARG A 50 13.98 -6.71 4.98
N FME A 1 -6.23 8.44 -2.14
CN FME A 1 -5.02 9.01 -2.12
O1 FME A 1 -3.99 8.33 -2.18
CA FME A 1 -6.39 6.99 -2.18
CB FME A 1 -7.87 6.63 -2.30
CG FME A 1 -8.62 7.76 -3.02
SD FME A 1 -9.18 8.98 -1.82
CE FME A 1 -9.49 10.32 -3.00
C FME A 1 -5.61 6.40 -3.36
O FME A 1 -4.62 5.70 -3.17
H FME A 1 -7.02 9.02 -2.13
HCN FME A 1 -4.94 10.08 -2.08
HA FME A 1 -6.00 6.57 -1.27
HB2 FME A 1 -8.28 6.52 -1.30
HB3 FME A 1 -7.98 5.71 -2.85
HG2 FME A 1 -9.48 7.35 -3.53
HG3 FME A 1 -7.97 8.23 -3.73
HE1 FME A 1 -9.99 9.92 -3.86
HE2 FME A 1 -8.55 10.76 -3.28
HE3 FME A 1 -10.11 11.08 -2.53
N ALA A 2 -6.08 6.69 -4.57
CA ALA A 2 -5.42 6.19 -5.78
C ALA A 2 -4.01 6.73 -5.90
N GLY A 3 -3.77 7.89 -5.30
CA GLY A 3 -2.45 8.51 -5.36
C GLY A 3 -1.38 7.60 -4.76
N LEU A 4 -1.69 6.96 -3.64
CA LEU A 4 -0.74 6.07 -2.98
C LEU A 4 -0.42 4.87 -3.87
N LEU A 5 -1.43 4.32 -4.52
CA LEU A 5 -1.24 3.15 -5.38
C LEU A 5 -0.27 3.47 -6.52
N ARG A 6 -0.40 4.66 -7.10
CA ARG A 6 0.48 5.05 -8.19
C ARG A 6 1.93 4.99 -7.72
N PHE A 7 2.16 5.48 -6.50
CA PHE A 7 3.50 5.46 -5.91
C PHE A 7 3.99 4.02 -5.76
N LEU A 8 3.11 3.16 -5.24
CA LEU A 8 3.43 1.76 -5.04
C LEU A 8 3.73 1.06 -6.36
N LEU A 9 2.98 1.42 -7.39
CA LEU A 9 3.14 0.82 -8.70
C LEU A 9 4.56 1.04 -9.24
N SER A 10 5.07 2.25 -9.08
CA SER A 10 6.43 2.55 -9.54
C SER A 10 7.43 1.76 -8.72
N LYS A 11 8.43 1.18 -9.39
CA LYS A 11 9.44 0.39 -8.70
C LYS A 11 8.81 -0.47 -7.62
N GLY A 12 8.28 -1.63 -8.02
CA GLY A 12 7.65 -2.54 -7.07
C GLY A 12 6.58 -3.38 -7.76
N ARG A 13 6.98 -4.09 -8.81
CA ARG A 13 6.04 -4.93 -9.55
C ARG A 13 5.47 -6.03 -8.66
N ALA A 14 6.33 -6.66 -7.86
CA ALA A 14 5.89 -7.74 -6.98
C ALA A 14 4.92 -7.22 -5.92
N LEU A 15 5.22 -6.04 -5.37
CA LEU A 15 4.37 -5.45 -4.35
C LEU A 15 2.98 -5.15 -4.90
N TYR A 16 2.94 -4.62 -6.11
CA TYR A 16 1.68 -4.29 -6.76
C TYR A 16 0.81 -5.54 -6.91
N ASN A 17 1.44 -6.64 -7.32
CA ASN A 17 0.72 -7.90 -7.49
C ASN A 17 0.17 -8.38 -6.16
N TRP A 18 0.96 -8.20 -5.10
CA TRP A 18 0.57 -8.61 -3.76
C TRP A 18 -0.72 -7.91 -3.33
N ALA A 19 -0.81 -6.62 -3.63
CA ALA A 19 -2.00 -5.85 -3.27
C ALA A 19 -3.24 -6.39 -3.97
C SLL A 20 -5.12 -8.17 -5.06
N SLL A 20 -3.05 -6.86 -5.20
O SLL A 20 -6.31 -8.31 -5.38
CA SLL A 20 -4.17 -7.41 -5.98
CB SLL A 20 -3.63 -8.35 -7.06
CD SLL A 20 -4.13 -9.47 -9.24
CE SLL A 20 -5.27 -10.14 -10.01
CG SLL A 20 -4.72 -8.61 -8.11
CK SLL A 20 -8.04 -8.25 -11.80
CL SLL A 20 -7.81 -8.41 -13.31
CP SLL A 20 -8.74 -9.48 -13.87
CX SLL A 20 -7.32 -9.37 -11.05
OX SLL A 20 -7.91 -10.42 -10.78
NZ SLL A 20 -6.05 -9.15 -10.72
OP1 SLL A 20 -9.74 -9.76 -13.24
OP2 SLL A 20 -8.43 -10.01 -14.93
H SLL A 20 -2.16 -6.84 -5.60
HA SLL A 20 -4.70 -6.59 -6.45
HB SLL A 20 -3.35 -9.30 -6.61
HBA SLL A 20 -2.76 -7.92 -7.53
HD SLL A 20 -3.50 -10.23 -8.80
HDA SLL A 20 -3.56 -8.86 -9.90
HE SLL A 20 -5.91 -10.67 -9.31
HEA SLL A 20 -4.85 -10.85 -10.71
HG SLL A 20 -5.03 -7.66 -8.52
HGA SLL A 20 -5.55 -9.11 -7.66
HK SLL A 20 -9.09 -8.30 -11.60
HKA SLL A 20 -7.65 -7.30 -11.48
HL SLL A 20 -6.78 -8.69 -13.50
HLA SLL A 20 -8.02 -7.47 -13.80
HNZ SLL A 20 -5.64 -8.29 -10.97
N SER A 21 -4.61 -8.66 -3.95
CA SER A 21 -5.42 -9.39 -2.99
C SER A 21 -6.58 -8.54 -2.49
N HIS A 22 -6.27 -7.28 -2.18
CA HIS A 22 -7.27 -6.35 -1.68
C HIS A 22 -7.02 -4.97 -2.29
N VAL A 23 -8.07 -4.40 -2.91
CA VAL A 23 -7.93 -3.09 -3.53
C VAL A 23 -8.73 -2.04 -2.76
N GLY A 24 -10.05 -2.14 -2.81
CA GLY A 24 -10.90 -1.19 -2.10
C GLY A 24 -10.73 -1.31 -0.59
N LYS A 25 -10.59 -2.55 -0.12
CA LYS A 25 -10.44 -2.81 1.31
C LYS A 25 -9.17 -2.17 1.88
N VAL A 26 -8.06 -2.28 1.15
CA VAL A 26 -6.80 -1.74 1.63
C VAL A 26 -6.83 -0.22 1.75
N TRP A 27 -7.50 0.47 0.83
CA TRP A 27 -7.57 1.93 0.89
C TRP A 27 -8.65 2.37 1.87
N GLU A 28 -9.60 1.49 2.15
CA GLU A 28 -10.69 1.81 3.07
C GLU A 28 -10.19 2.52 4.33
N TRP A 29 -9.24 1.92 5.03
CA TRP A 29 -8.71 2.53 6.25
C TRP A 29 -7.71 3.64 5.95
N LEU A 30 -7.17 3.63 4.74
CA LEU A 30 -6.19 4.65 4.36
C LEU A 30 -6.80 6.04 4.44
N LYS A 31 -8.01 6.18 3.91
CA LYS A 31 -8.70 7.46 3.93
C LYS A 31 -9.05 7.86 5.36
N SER A 32 -9.28 6.87 6.20
CA SER A 32 -9.64 7.12 7.59
C SER A 32 -8.77 8.23 8.18
N GLY A 33 -7.55 8.39 7.63
CA GLY A 33 -6.66 9.44 8.12
C GLY A 33 -5.20 9.02 8.13
N ALA A 34 -4.93 7.74 7.90
CA ALA A 34 -3.54 7.25 7.91
C ALA A 34 -2.70 8.01 6.89
N THR A 35 -1.45 8.33 7.29
CA THR A 35 -0.54 9.06 6.42
C THR A 35 0.20 8.10 5.49
N TYR A 36 0.90 8.67 4.51
CA TYR A 36 1.67 7.86 3.55
C TYR A 36 2.80 7.12 4.28
N GLU A 37 3.37 7.77 5.30
CA GLU A 37 4.46 7.15 6.06
C GLU A 37 3.93 5.98 6.90
N GLN A 38 2.79 6.20 7.55
CA GLN A 38 2.19 5.17 8.39
C GLN A 38 1.77 3.95 7.58
N ILE A 39 1.08 4.19 6.47
CA ILE A 39 0.60 3.10 5.62
C ILE A 39 1.77 2.40 4.93
N LYS A 40 2.77 3.16 4.49
CA LYS A 40 3.92 2.56 3.81
C LYS A 40 4.61 1.56 4.72
N GLU A 41 4.82 1.93 5.97
CA GLU A 41 5.47 1.04 6.92
C GLU A 41 4.58 -0.18 7.18
N TRP A 42 3.27 0.07 7.27
CA TRP A 42 2.31 -1.01 7.51
C TRP A 42 2.31 -1.99 6.34
N ILE A 43 2.36 -1.45 5.11
CA ILE A 43 2.35 -2.30 3.92
C ILE A 43 3.60 -3.18 3.88
N GLU A 44 4.74 -2.58 4.18
CA GLU A 44 6.00 -3.33 4.16
C GLU A 44 6.02 -4.36 5.28
N ASN A 45 5.45 -4.02 6.43
CA ASN A 45 5.42 -4.92 7.56
C ASN A 45 4.61 -6.18 7.22
N ALA A 46 3.50 -6.00 6.53
CA ALA A 46 2.63 -7.12 6.17
C ALA A 46 3.37 -8.10 5.26
N LEU A 47 3.99 -7.60 4.21
CA LEU A 47 4.73 -8.46 3.28
C LEU A 47 5.90 -9.12 4.00
N GLY A 48 6.60 -8.33 4.81
CA GLY A 48 7.74 -8.84 5.55
C GLY A 48 8.78 -7.73 5.71
N TRP A 49 9.12 -7.41 6.97
CA TRP A 49 10.09 -6.36 7.23
C TRP A 49 11.46 -6.75 6.68
N ARG A 50 11.91 -7.97 6.97
CA ARG A 50 13.19 -8.45 6.49
C ARG A 50 14.25 -7.35 6.60
N FME A 1 -7.88 7.70 -3.30
CN FME A 1 -8.46 8.03 -4.45
O1 FME A 1 -8.55 7.25 -5.40
CA FME A 1 -7.22 6.41 -3.11
CB FME A 1 -8.21 5.39 -2.55
CG FME A 1 -9.52 5.42 -3.35
SD FME A 1 -10.56 4.02 -2.87
CE FME A 1 -11.93 4.35 -4.02
C FME A 1 -6.64 5.88 -4.43
O FME A 1 -6.53 4.68 -4.64
H FME A 1 -7.89 8.34 -2.55
HCN FME A 1 -8.94 9.00 -4.54
HA FME A 1 -6.41 6.52 -2.41
HB2 FME A 1 -8.42 5.63 -1.52
HB3 FME A 1 -7.78 4.40 -2.60
HG2 FME A 1 -9.29 5.35 -4.40
HG3 FME A 1 -10.04 6.34 -3.15
HE1 FME A 1 -12.71 3.63 -3.85
HE2 FME A 1 -11.56 4.27 -5.02
HE3 FME A 1 -12.30 5.35 -3.85
N ALA A 2 -6.27 6.81 -5.31
CA ALA A 2 -5.70 6.43 -6.61
C ALA A 2 -4.25 6.89 -6.69
N GLY A 3 -3.91 7.90 -5.92
CA GLY A 3 -2.55 8.44 -5.92
C GLY A 3 -1.56 7.37 -5.46
N LEU A 4 -1.99 6.55 -4.52
CA LEU A 4 -1.13 5.50 -3.98
C LEU A 4 -0.76 4.48 -5.06
N LEU A 5 -1.73 4.11 -5.89
CA LEU A 5 -1.47 3.15 -6.96
C LEU A 5 -0.42 3.69 -7.92
N ARG A 6 -0.53 4.98 -8.24
CA ARG A 6 0.42 5.61 -9.15
C ARG A 6 1.83 5.55 -8.56
N PHE A 7 1.94 5.83 -7.27
CA PHE A 7 3.22 5.79 -6.59
C PHE A 7 3.83 4.38 -6.63
N LEU A 8 3.00 3.38 -6.32
CA LEU A 8 3.47 2.01 -6.33
C LEU A 8 3.90 1.58 -7.74
N LEU A 9 3.11 1.97 -8.74
CA LEU A 9 3.42 1.61 -10.12
C LEU A 9 4.76 2.20 -10.56
N SER A 10 4.97 3.48 -10.25
CA SER A 10 6.22 4.14 -10.61
C SER A 10 7.41 3.48 -9.93
N LYS A 11 7.24 3.15 -8.65
CA LYS A 11 8.30 2.50 -7.88
C LYS A 11 7.74 1.36 -7.03
N GLY A 12 8.53 0.30 -6.89
CA GLY A 12 8.11 -0.84 -6.09
C GLY A 12 7.12 -1.71 -6.87
N ARG A 13 7.60 -2.35 -7.93
CA ARG A 13 6.75 -3.20 -8.75
C ARG A 13 6.22 -4.38 -7.93
N ALA A 14 7.07 -4.90 -7.04
CA ALA A 14 6.67 -6.04 -6.20
C ALA A 14 5.53 -5.66 -5.26
N LEU A 15 5.60 -4.46 -4.69
CA LEU A 15 4.58 -4.00 -3.77
C LEU A 15 3.23 -3.87 -4.47
N TYR A 16 3.26 -3.36 -5.70
CA TYR A 16 2.05 -3.20 -6.50
C TYR A 16 1.35 -4.54 -6.67
N ASN A 17 2.12 -5.59 -6.90
CA ASN A 17 1.56 -6.92 -7.08
C ASN A 17 0.80 -7.36 -5.84
N TRP A 18 1.39 -7.10 -4.67
CA TRP A 18 0.75 -7.46 -3.40
C TRP A 18 -0.40 -6.51 -3.08
N ALA A 19 -0.29 -5.27 -3.58
CA ALA A 19 -1.32 -4.27 -3.34
C ALA A 19 -2.65 -4.69 -3.96
C SLL A 20 -4.51 -6.87 -5.02
N SLL A 20 -2.57 -5.35 -5.12
O SLL A 20 -4.73 -7.98 -5.51
CA SLL A 20 -3.77 -5.80 -5.83
CB SLL A 20 -3.38 -6.38 -7.19
CD SLL A 20 -4.32 -7.22 -9.36
CE SLL A 20 -4.59 -8.71 -9.04
CG SLL A 20 -4.60 -6.36 -8.12
CK SLL A 20 -5.00 -11.47 -11.62
CL SLL A 20 -5.02 -12.99 -11.41
CP SLL A 20 -6.45 -13.48 -11.24
CX SLL A 20 -5.08 -10.74 -10.29
OX SLL A 20 -5.56 -11.29 -9.30
NZ SLL A 20 -4.57 -9.50 -10.26
OP1 SLL A 20 -7.35 -12.65 -11.26
OP2 SLL A 20 -6.63 -14.68 -11.10
H SLL A 20 -1.68 -5.54 -5.51
HA SLL A 20 -4.42 -4.95 -5.98
HB SLL A 20 -3.03 -7.39 -7.07
HBA SLL A 20 -2.60 -5.77 -7.63
HD SLL A 20 -3.29 -7.10 -9.66
HDA SLL A 20 -4.98 -6.91 -10.17
HE SLL A 20 -5.54 -8.81 -8.55
HEA SLL A 20 -3.81 -9.07 -8.38
HG SLL A 20 -4.81 -5.35 -8.43
HGA SLL A 20 -5.46 -6.75 -7.59
HK SLL A 20 -5.86 -11.18 -12.22
HKA SLL A 20 -4.09 -11.19 -12.14
HL SLL A 20 -4.45 -13.22 -10.52
HLA SLL A 20 -4.57 -13.47 -12.26
HNZ SLL A 20 -4.20 -9.12 -11.08
N SER A 21 -4.89 -6.53 -3.80
CA SER A 21 -5.60 -7.48 -2.95
C SER A 21 -7.08 -7.47 -3.30
N HIS A 22 -7.79 -8.49 -2.82
CA HIS A 22 -9.22 -8.61 -3.10
C HIS A 22 -10.05 -7.90 -2.03
N VAL A 23 -9.41 -7.05 -1.21
CA VAL A 23 -10.15 -6.34 -0.16
C VAL A 23 -10.00 -4.83 -0.30
N GLY A 24 -11.15 -4.15 -0.41
CA GLY A 24 -11.17 -2.70 -0.53
C GLY A 24 -11.13 -2.02 0.83
N LYS A 25 -11.46 -2.77 1.88
CA LYS A 25 -11.46 -2.24 3.24
C LYS A 25 -10.10 -1.72 3.66
N VAL A 26 -9.04 -2.39 3.22
CA VAL A 26 -7.69 -1.98 3.61
C VAL A 26 -7.45 -0.52 3.24
N TRP A 27 -7.88 -0.11 2.05
CA TRP A 27 -7.70 1.26 1.61
C TRP A 27 -8.59 2.23 2.37
N GLU A 28 -9.76 1.76 2.80
CA GLU A 28 -10.67 2.62 3.53
C GLU A 28 -9.97 3.21 4.75
N TRP A 29 -9.12 2.41 5.39
CA TRP A 29 -8.39 2.86 6.56
C TRP A 29 -7.47 4.03 6.20
N LEU A 30 -6.84 3.95 5.03
CA LEU A 30 -5.95 5.01 4.57
C LEU A 30 -6.70 6.32 4.39
N LYS A 31 -7.89 6.22 3.78
CA LYS A 31 -8.72 7.39 3.53
C LYS A 31 -9.24 7.99 4.83
N SER A 32 -9.46 7.16 5.86
CA SER A 32 -9.96 7.66 7.13
C SER A 32 -8.98 8.66 7.75
N GLY A 33 -7.69 8.38 7.64
CA GLY A 33 -6.67 9.26 8.19
C GLY A 33 -5.30 8.58 8.24
N ALA A 34 -4.50 8.79 7.19
CA ALA A 34 -3.16 8.20 7.13
C ALA A 34 -2.38 8.78 5.96
N THR A 35 -1.12 9.12 6.20
CA THR A 35 -0.27 9.69 5.15
C THR A 35 0.34 8.59 4.29
N TYR A 36 0.88 8.99 3.15
CA TYR A 36 1.51 8.05 2.23
C TYR A 36 2.75 7.42 2.87
N GLU A 37 3.52 8.23 3.58
CA GLU A 37 4.74 7.75 4.22
C GLU A 37 4.46 6.69 5.28
N GLN A 38 3.47 6.94 6.13
CA GLN A 38 3.13 5.98 7.17
C GLN A 38 2.67 4.66 6.58
N ILE A 39 1.82 4.74 5.56
CA ILE A 39 1.31 3.53 4.91
C ILE A 39 2.45 2.77 4.22
N LYS A 40 3.32 3.52 3.55
CA LYS A 40 4.46 2.92 2.86
C LYS A 40 5.33 2.13 3.82
N GLU A 41 5.61 2.70 4.99
CA GLU A 41 6.43 2.02 5.97
C GLU A 41 5.71 0.78 6.47
N TRP A 42 4.40 0.91 6.66
CA TRP A 42 3.58 -0.21 7.14
C TRP A 42 3.60 -1.36 6.13
N ILE A 43 3.42 -1.03 4.86
CA ILE A 43 3.42 -2.06 3.82
C ILE A 43 4.79 -2.72 3.76
N GLU A 44 5.84 -1.90 3.84
CA GLU A 44 7.21 -2.41 3.80
C GLU A 44 7.48 -3.33 4.98
N ASN A 45 7.01 -2.94 6.16
CA ASN A 45 7.24 -3.74 7.37
C ASN A 45 6.61 -5.12 7.24
N ALA A 46 5.39 -5.18 6.68
CA ALA A 46 4.70 -6.44 6.52
C ALA A 46 5.46 -7.36 5.56
N LEU A 47 6.07 -6.75 4.55
CA LEU A 47 6.83 -7.51 3.57
C LEU A 47 8.30 -7.60 4.00
N GLY A 48 8.73 -8.78 4.39
CA GLY A 48 10.10 -8.97 4.82
C GLY A 48 10.30 -10.34 5.45
N TRP A 49 11.48 -10.55 6.02
CA TRP A 49 11.81 -11.82 6.67
C TRP A 49 11.94 -11.64 8.17
N ARG A 50 11.34 -12.55 8.94
CA ARG A 50 11.41 -12.47 10.39
C ARG A 50 12.64 -13.19 10.91
N FME A 1 -5.93 7.10 -2.61
CN FME A 1 -6.69 8.13 -3.00
O1 FME A 1 -7.03 8.27 -4.18
CA FME A 1 -5.37 6.16 -3.57
CB FME A 1 -6.39 5.05 -3.87
CG FME A 1 -6.74 4.32 -2.58
SD FME A 1 -5.26 3.51 -1.91
CE FME A 1 -5.78 1.80 -2.18
C FME A 1 -4.98 6.87 -4.86
O FME A 1 -4.44 7.97 -4.83
H FME A 1 -5.74 6.98 -1.66
HCN FME A 1 -7.08 8.79 -2.26
HA FME A 1 -4.49 5.71 -3.14
HB2 FME A 1 -5.96 4.35 -4.57
HB3 FME A 1 -7.28 5.49 -4.30
HG2 FME A 1 -7.50 3.58 -2.77
HG3 FME A 1 -7.12 5.03 -1.85
HE1 FME A 1 -6.67 1.61 -1.60
HE2 FME A 1 -5.00 1.13 -1.86
HE3 FME A 1 -5.99 1.65 -3.24
N ALA A 2 -5.28 6.24 -6.00
CA ALA A 2 -4.96 6.81 -7.30
C ALA A 2 -3.51 7.25 -7.38
N GLY A 3 -3.21 8.40 -6.78
CA GLY A 3 -1.86 8.92 -6.78
C GLY A 3 -0.89 7.96 -6.10
N LEU A 4 -1.36 7.33 -5.02
CA LEU A 4 -0.55 6.38 -4.29
C LEU A 4 -0.19 5.18 -5.16
N LEU A 5 -1.16 4.69 -5.92
CA LEU A 5 -0.93 3.53 -6.78
C LEU A 5 0.17 3.83 -7.79
N ARG A 6 0.19 5.05 -8.32
CA ARG A 6 1.20 5.44 -9.29
C ARG A 6 2.59 5.22 -8.69
N PHE A 7 2.76 5.64 -7.44
CA PHE A 7 4.05 5.49 -6.78
C PHE A 7 4.42 4.02 -6.73
N LEU A 8 3.46 3.18 -6.34
CA LEU A 8 3.69 1.75 -6.27
C LEU A 8 4.01 1.19 -7.65
N LEU A 9 3.28 1.66 -8.66
CA LEU A 9 3.49 1.20 -10.03
C LEU A 9 4.90 1.56 -10.48
N SER A 10 5.34 2.77 -10.16
CA SER A 10 6.66 3.23 -10.54
C SER A 10 7.73 2.33 -9.93
N LYS A 11 7.55 1.97 -8.66
CA LYS A 11 8.49 1.10 -7.97
C LYS A 11 7.77 0.03 -7.16
N GLY A 12 8.28 -1.20 -7.22
CA GLY A 12 7.67 -2.31 -6.48
C GLY A 12 6.44 -2.86 -7.19
N ARG A 13 6.67 -3.71 -8.19
CA ARG A 13 5.58 -4.32 -8.93
C ARG A 13 4.75 -5.21 -8.02
N ALA A 14 5.44 -5.96 -7.16
CA ALA A 14 4.76 -6.87 -6.24
C ALA A 14 3.86 -6.10 -5.28
N LEU A 15 4.31 -4.91 -4.88
CA LEU A 15 3.54 -4.08 -3.97
C LEU A 15 2.21 -3.68 -4.59
N TYR A 16 2.22 -3.38 -5.89
CA TYR A 16 1.00 -2.98 -6.57
C TYR A 16 -0.04 -4.09 -6.45
N ASN A 17 0.39 -5.31 -6.72
CA ASN A 17 -0.50 -6.47 -6.62
C ASN A 17 -0.95 -6.65 -5.18
N TRP A 18 -0.03 -6.39 -4.26
CA TRP A 18 -0.32 -6.53 -2.84
C TRP A 18 -1.53 -5.67 -2.45
N ALA A 19 -1.66 -4.51 -3.09
CA ALA A 19 -2.76 -3.59 -2.80
C ALA A 19 -4.13 -4.25 -2.95
C SLL A 20 -5.29 -7.50 -4.01
N SLL A 20 -4.22 -5.30 -3.77
O SLL A 20 -6.19 -8.24 -4.45
CA SLL A 20 -5.50 -5.99 -3.95
CB SLL A 20 -6.17 -5.51 -5.24
CD SLL A 20 -5.94 -5.30 -7.71
CE SLL A 20 -5.10 -5.75 -8.91
CG SLL A 20 -5.21 -5.68 -6.42
CK SLL A 20 -6.22 -5.58 -12.54
CL SLL A 20 -5.41 -5.85 -13.80
CP SLL A 20 -6.34 -6.21 -14.97
CX SLL A 20 -5.31 -5.65 -11.33
OX SLL A 20 -4.08 -5.65 -11.46
NZ SLL A 20 -5.89 -5.70 -10.14
OP1 SLL A 20 -6.04 -7.14 -15.68
OP2 SLL A 20 -7.34 -5.53 -15.12
H SLL A 20 -3.41 -5.63 -4.23
HA SLL A 20 -6.15 -5.76 -3.12
HB SLL A 20 -6.43 -4.47 -5.14
HBA SLL A 20 -7.07 -6.09 -5.41
HD SLL A 20 -6.07 -4.24 -7.76
HDA SLL A 20 -6.90 -5.80 -7.75
HE SLL A 20 -4.76 -6.77 -8.76
HEA SLL A 20 -4.25 -5.11 -9.02
HG SLL A 20 -4.88 -6.71 -6.48
HGA SLL A 20 -4.36 -5.03 -6.29
HK SLL A 20 -7.00 -6.32 -12.44
HKA SLL A 20 -6.67 -4.60 -12.60
HL SLL A 20 -4.74 -6.68 -13.63
HLA SLL A 20 -4.84 -4.97 -14.06
HNZ SLL A 20 -6.87 -5.69 -10.08
N SER A 21 -4.13 -7.95 -3.56
CA SER A 21 -3.83 -9.38 -3.56
C SER A 21 -4.82 -10.15 -2.70
N HIS A 22 -5.19 -9.57 -1.54
CA HIS A 22 -6.14 -10.23 -0.64
C HIS A 22 -7.54 -9.63 -0.75
N VAL A 23 -7.80 -8.56 0.01
CA VAL A 23 -9.12 -7.92 0.00
C VAL A 23 -8.97 -6.39 0.01
N GLY A 24 -9.98 -5.71 -0.55
CA GLY A 24 -9.96 -4.25 -0.63
C GLY A 24 -10.41 -3.60 0.69
N LYS A 25 -11.10 -4.36 1.53
CA LYS A 25 -11.59 -3.82 2.80
C LYS A 25 -10.45 -3.32 3.68
N VAL A 26 -9.38 -4.11 3.74
CA VAL A 26 -8.22 -3.77 4.56
C VAL A 26 -7.59 -2.43 4.13
N TRP A 27 -7.69 -2.10 2.85
CA TRP A 27 -7.11 -0.86 2.35
C TRP A 27 -8.05 0.33 2.52
N GLU A 28 -9.34 0.08 2.65
CA GLU A 28 -10.32 1.15 2.78
C GLU A 28 -9.81 2.30 3.68
N TRP A 29 -9.32 1.97 4.87
CA TRP A 29 -8.84 2.99 5.78
C TRP A 29 -7.56 3.64 5.24
N LEU A 30 -6.92 2.97 4.30
CA LEU A 30 -5.69 3.48 3.70
C LEU A 30 -5.96 4.78 2.95
N LYS A 31 -7.09 4.86 2.26
CA LYS A 31 -7.43 6.03 1.48
C LYS A 31 -7.53 7.28 2.37
N SER A 32 -8.19 7.14 3.51
CA SER A 32 -8.37 8.27 4.42
C SER A 32 -8.03 7.89 5.86
N GLY A 33 -7.58 8.88 6.63
CA GLY A 33 -7.22 8.66 8.03
C GLY A 33 -5.71 8.43 8.18
N ALA A 34 -4.98 8.57 7.08
CA ALA A 34 -3.53 8.35 7.11
C ALA A 34 -2.84 9.14 5.99
N THR A 35 -1.57 9.48 6.22
CA THR A 35 -0.79 10.23 5.23
C THR A 35 0.14 9.30 4.47
N TYR A 36 0.73 9.81 3.39
CA TYR A 36 1.65 9.00 2.59
C TYR A 36 2.84 8.54 3.44
N GLU A 37 3.32 9.42 4.29
CA GLU A 37 4.46 9.10 5.15
C GLU A 37 4.13 7.91 6.04
N GLN A 38 2.94 7.93 6.65
CA GLN A 38 2.49 6.86 7.54
C GLN A 38 2.21 5.58 6.75
N ILE A 39 1.65 5.73 5.55
CA ILE A 39 1.32 4.57 4.73
C ILE A 39 2.58 3.81 4.34
N LYS A 40 3.61 4.55 3.97
CA LYS A 40 4.89 3.94 3.59
C LYS A 40 5.38 3.04 4.71
N GLU A 41 5.28 3.52 5.94
CA GLU A 41 5.74 2.74 7.08
C GLU A 41 4.88 1.51 7.32
N TRP A 42 3.56 1.66 7.20
CA TRP A 42 2.66 0.52 7.42
C TRP A 42 2.90 -0.58 6.38
N ILE A 43 3.05 -0.18 5.13
CA ILE A 43 3.29 -1.14 4.06
C ILE A 43 4.62 -1.87 4.26
N GLU A 44 5.66 -1.11 4.62
CA GLU A 44 6.96 -1.72 4.85
C GLU A 44 6.87 -2.69 6.04
N ASN A 45 6.06 -2.30 7.03
CA ASN A 45 5.87 -3.14 8.20
C ASN A 45 5.15 -4.44 7.82
N ALA A 46 4.19 -4.33 6.91
CA ALA A 46 3.44 -5.50 6.46
C ALA A 46 4.36 -6.50 5.75
N LEU A 47 5.31 -5.98 4.96
CA LEU A 47 6.24 -6.85 4.25
C LEU A 47 7.58 -6.93 4.98
N GLY A 48 7.63 -7.73 6.04
CA GLY A 48 8.86 -7.89 6.81
C GLY A 48 9.77 -8.92 6.16
N TRP A 49 9.22 -9.69 5.23
CA TRP A 49 10.01 -10.72 4.54
C TRP A 49 10.90 -11.47 5.52
N ARG A 50 10.54 -11.39 6.80
CA ARG A 50 11.30 -12.06 7.86
C ARG A 50 12.77 -12.21 7.48
N FME A 1 -6.45 7.24 -2.78
CN FME A 1 -6.96 8.22 -3.52
O1 FME A 1 -7.72 8.00 -4.46
CA FME A 1 -6.65 5.83 -3.14
CB FME A 1 -8.16 5.51 -3.19
CG FME A 1 -8.40 4.05 -2.76
SD FME A 1 -9.76 3.36 -3.72
CE FME A 1 -11.10 4.24 -2.88
C FME A 1 -6.02 5.51 -4.49
O FME A 1 -5.04 4.76 -4.56
H FME A 1 -5.93 7.46 -1.98
HCN FME A 1 -6.78 9.24 -3.21
HA FME A 1 -6.19 5.22 -2.38
HB2 FME A 1 -8.52 5.65 -4.20
HB3 FME A 1 -8.69 6.17 -2.53
HG2 FME A 1 -8.66 4.04 -1.71
HG3 FME A 1 -7.51 3.47 -2.92
HE1 FME A 1 -11.08 5.29 -3.16
HE2 FME A 1 -10.96 4.17 -1.81
HE3 FME A 1 -12.04 3.81 -3.15
N ALA A 2 -6.57 6.07 -5.56
CA ALA A 2 -6.05 5.83 -6.90
C ALA A 2 -4.62 6.34 -7.03
N GLY A 3 -4.33 7.47 -6.40
CA GLY A 3 -3.01 8.06 -6.47
C GLY A 3 -1.95 7.11 -5.91
N LEU A 4 -2.32 6.34 -4.90
CA LEU A 4 -1.37 5.40 -4.30
C LEU A 4 -0.92 4.39 -5.36
N LEU A 5 -1.86 3.90 -6.15
CA LEU A 5 -1.52 2.96 -7.21
C LEU A 5 -0.58 3.60 -8.21
N ARG A 6 -0.83 4.86 -8.54
CA ARG A 6 0.04 5.57 -9.48
C ARG A 6 1.46 5.63 -8.93
N PHE A 7 1.57 5.96 -7.65
CA PHE A 7 2.88 6.06 -7.01
C PHE A 7 3.60 4.71 -7.05
N LEU A 8 2.89 3.65 -6.67
CA LEU A 8 3.46 2.32 -6.68
C LEU A 8 3.79 1.88 -8.11
N LEU A 9 2.96 2.29 -9.06
CA LEU A 9 3.17 1.91 -10.46
C LEU A 9 4.50 2.47 -10.98
N SER A 10 4.81 3.71 -10.63
CA SER A 10 6.06 4.32 -11.10
C SER A 10 7.27 3.48 -10.68
N LYS A 11 7.29 3.09 -9.41
CA LYS A 11 8.39 2.27 -8.89
C LYS A 11 7.86 1.18 -7.95
N GLY A 12 8.56 0.04 -7.93
CA GLY A 12 8.14 -1.06 -7.06
C GLY A 12 7.05 -1.90 -7.72
N ARG A 13 7.43 -2.59 -8.80
CA ARG A 13 6.49 -3.44 -9.53
C ARG A 13 5.94 -4.56 -8.66
N ALA A 14 6.82 -5.17 -7.87
CA ALA A 14 6.41 -6.27 -7.00
C ALA A 14 5.31 -5.84 -6.05
N LEU A 15 5.41 -4.60 -5.55
CA LEU A 15 4.42 -4.07 -4.61
C LEU A 15 3.04 -4.00 -5.24
N TYR A 16 2.97 -3.56 -6.50
CA TYR A 16 1.70 -3.42 -7.19
C TYR A 16 0.96 -4.76 -7.27
N ASN A 17 1.68 -5.80 -7.67
CA ASN A 17 1.07 -7.12 -7.77
C ASN A 17 0.61 -7.59 -6.40
N TRP A 18 1.45 -7.35 -5.40
CA TRP A 18 1.13 -7.75 -4.03
C TRP A 18 -0.08 -6.96 -3.51
N ALA A 19 -0.13 -5.67 -3.85
CA ALA A 19 -1.23 -4.83 -3.41
C ALA A 19 -2.57 -5.41 -3.86
C SLL A 20 -4.17 -7.74 -5.06
N SLL A 20 -2.64 -5.81 -5.13
O SLL A 20 -5.32 -8.18 -5.07
CA SLL A 20 -3.87 -6.37 -5.67
CB SLL A 20 -3.76 -6.53 -7.19
CD SLL A 20 -4.08 -5.00 -9.16
CE SLL A 20 -5.45 -4.37 -8.87
CG SLL A 20 -3.32 -5.21 -7.84
CK SLL A 20 -7.97 -3.27 -11.50
CL SLL A 20 -7.53 -1.84 -11.84
CP SLL A 20 -8.02 -1.48 -13.24
CX SLL A 20 -7.40 -3.70 -10.15
OX SLL A 20 -8.13 -3.79 -9.15
NZ SLL A 20 -6.10 -3.96 -10.10
OP1 SLL A 20 -7.67 -2.18 -14.17
OP2 SLL A 20 -8.72 -0.49 -13.36
H SLL A 20 -1.84 -5.72 -5.71
HA SLL A 20 -4.68 -5.70 -5.45
HB SLL A 20 -4.73 -6.83 -7.58
HBA SLL A 20 -3.03 -7.29 -7.41
HD SLL A 20 -4.22 -5.95 -9.64
HDA SLL A 20 -3.51 -4.34 -9.80
HE SLL A 20 -5.33 -3.51 -8.22
HEA SLL A 20 -6.08 -5.10 -8.38
HG SLL A 20 -2.26 -5.25 -8.05
HGA SLL A 20 -3.52 -4.38 -7.17
HK SLL A 20 -7.62 -3.95 -12.26
HKA SLL A 20 -9.05 -3.31 -11.46
HL SLL A 20 -6.46 -1.78 -11.80
HLA SLL A 20 -7.96 -1.16 -11.12
HNZ SLL A 20 -5.56 -3.87 -10.93
N SER A 21 -3.15 -8.40 -4.54
CA SER A 21 -3.35 -9.73 -3.94
C SER A 21 -4.31 -9.67 -2.77
N HIS A 22 -4.11 -8.70 -1.87
CA HIS A 22 -4.99 -8.56 -0.70
C HIS A 22 -6.26 -7.81 -1.09
N VAL A 23 -7.25 -7.85 -0.22
CA VAL A 23 -8.52 -7.18 -0.48
C VAL A 23 -8.38 -5.66 -0.34
N GLY A 24 -9.21 -4.95 -1.10
CA GLY A 24 -9.20 -3.49 -1.08
C GLY A 24 -9.52 -2.95 0.30
N LYS A 25 -10.29 -3.69 1.07
CA LYS A 25 -10.65 -3.26 2.42
C LYS A 25 -9.43 -2.70 3.14
N VAL A 26 -8.25 -3.14 2.71
CA VAL A 26 -7.00 -2.69 3.31
C VAL A 26 -6.86 -1.17 3.20
N TRP A 27 -7.18 -0.64 2.03
CA TRP A 27 -7.08 0.79 1.81
C TRP A 27 -8.11 1.53 2.66
N GLU A 28 -9.18 0.82 3.03
CA GLU A 28 -10.25 1.41 3.83
C GLU A 28 -9.70 2.28 4.94
N TRP A 29 -8.87 1.70 5.82
CA TRP A 29 -8.32 2.46 6.94
C TRP A 29 -7.29 3.47 6.45
N LEU A 30 -6.62 3.17 5.35
CA LEU A 30 -5.62 4.08 4.79
C LEU A 30 -6.28 5.40 4.38
N LYS A 31 -7.40 5.28 3.68
CA LYS A 31 -8.12 6.47 3.21
C LYS A 31 -8.69 7.27 4.38
N SER A 32 -9.14 6.55 5.40
CA SER A 32 -9.73 7.18 6.58
C SER A 32 -8.73 8.13 7.27
N GLY A 33 -7.49 7.69 7.43
CA GLY A 33 -6.47 8.52 8.06
C GLY A 33 -5.11 7.82 8.02
N ALA A 34 -4.18 8.40 7.27
CA ALA A 34 -2.84 7.83 7.15
C ALA A 34 -1.94 8.71 6.29
N THR A 35 -0.64 8.43 6.31
CA THR A 35 0.32 9.20 5.51
C THR A 35 1.13 8.26 4.63
N TYR A 36 1.29 8.65 3.37
CA TYR A 36 2.04 7.85 2.40
C TYR A 36 3.36 7.34 3.00
N GLU A 37 4.00 8.17 3.81
CA GLU A 37 5.27 7.78 4.43
C GLU A 37 5.05 6.67 5.46
N GLN A 38 3.94 6.74 6.17
CA GLN A 38 3.62 5.75 7.21
C GLN A 38 3.18 4.41 6.63
N ILE A 39 2.49 4.45 5.49
CA ILE A 39 1.99 3.23 4.87
C ILE A 39 3.12 2.35 4.33
N LYS A 40 4.26 2.97 4.06
CA LYS A 40 5.41 2.22 3.53
C LYS A 40 5.87 1.16 4.52
N GLU A 41 5.94 1.54 5.79
CA GLU A 41 6.36 0.61 6.82
C GLU A 41 5.35 -0.51 7.00
N TRP A 42 4.06 -0.16 6.91
CA TRP A 42 3.01 -1.15 7.07
C TRP A 42 3.08 -2.24 6.00
N ILE A 43 3.26 -1.84 4.75
CA ILE A 43 3.32 -2.83 3.67
C ILE A 43 4.54 -3.74 3.82
N GLU A 44 5.68 -3.14 4.13
CA GLU A 44 6.92 -3.92 4.29
C GLU A 44 6.78 -4.93 5.42
N ASN A 45 6.18 -4.51 6.54
CA ASN A 45 6.00 -5.39 7.68
C ASN A 45 5.11 -6.59 7.33
N ALA A 46 4.06 -6.33 6.55
CA ALA A 46 3.13 -7.40 6.17
C ALA A 46 3.61 -8.14 4.93
N LEU A 47 4.36 -7.45 4.08
CA LEU A 47 4.85 -8.04 2.82
C LEU A 47 5.81 -9.20 3.09
N GLY A 48 6.73 -9.01 4.03
CA GLY A 48 7.71 -10.05 4.34
C GLY A 48 7.14 -11.06 5.33
N TRP A 49 7.95 -12.06 5.65
CA TRP A 49 7.53 -13.09 6.59
C TRP A 49 7.22 -12.46 7.95
N ARG A 50 8.17 -11.67 8.43
CA ARG A 50 8.02 -10.98 9.71
C ARG A 50 6.83 -10.02 9.69
N FME A 1 -6.17 6.03 -4.00
CN FME A 1 -5.42 6.21 -2.91
O1 FME A 1 -4.22 5.94 -2.91
CA FME A 1 -5.58 5.62 -5.26
CB FME A 1 -6.59 4.80 -6.07
CG FME A 1 -7.02 3.56 -5.29
SD FME A 1 -5.76 2.27 -5.49
CE FME A 1 -6.25 1.26 -4.06
C FME A 1 -5.11 6.82 -6.06
O FME A 1 -3.95 7.20 -6.00
H FME A 1 -7.13 6.19 -3.94
HCN FME A 1 -5.89 6.53 -1.99
HA FME A 1 -4.72 4.98 -5.05
HB2 FME A 1 -6.14 4.50 -7.01
HB3 FME A 1 -7.46 5.42 -6.28
HG2 FME A 1 -7.97 3.21 -5.66
HG3 FME A 1 -7.11 3.81 -4.24
HE1 FME A 1 -5.94 1.75 -3.15
HE2 FME A 1 -5.77 0.30 -4.13
HE3 FME A 1 -7.32 1.12 -4.06
N ALA A 2 -6.03 7.42 -6.82
CA ALA A 2 -5.72 8.59 -7.64
C ALA A 2 -4.25 8.55 -8.08
N GLY A 3 -3.62 9.72 -8.21
CA GLY A 3 -2.22 9.79 -8.62
C GLY A 3 -1.33 9.04 -7.63
N LEU A 4 -1.82 8.87 -6.41
CA LEU A 4 -1.06 8.16 -5.38
C LEU A 4 -0.81 6.71 -5.78
N LEU A 5 -1.74 6.13 -6.52
CA LEU A 5 -1.61 4.75 -6.96
C LEU A 5 -0.33 4.61 -7.79
N ARG A 6 -0.04 5.63 -8.58
CA ARG A 6 1.16 5.63 -9.42
C ARG A 6 2.41 5.47 -8.56
N PHE A 7 2.41 6.11 -7.38
CA PHE A 7 3.55 6.04 -6.47
C PHE A 7 3.88 4.59 -6.13
N LEU A 8 2.86 3.79 -5.80
CA LEU A 8 3.08 2.39 -5.47
C LEU A 8 3.68 1.67 -6.68
N LEU A 9 3.19 1.99 -7.86
CA LEU A 9 3.70 1.37 -9.08
C LEU A 9 5.17 1.72 -9.27
N SER A 10 5.51 2.97 -8.98
CA SER A 10 6.89 3.44 -9.13
C SER A 10 7.86 2.52 -8.41
N LYS A 11 7.51 2.12 -7.20
CA LYS A 11 8.38 1.24 -6.41
C LYS A 11 7.57 0.12 -5.76
N GLY A 12 8.15 -1.07 -5.71
CA GLY A 12 7.47 -2.22 -5.11
C GLY A 12 6.50 -2.86 -6.09
N ARG A 13 7.05 -3.59 -7.06
CA ARG A 13 6.22 -4.25 -8.07
C ARG A 13 5.28 -5.26 -7.42
N ALA A 14 5.79 -6.04 -6.48
CA ALA A 14 4.97 -7.04 -5.81
C ALA A 14 3.81 -6.37 -5.07
N LEU A 15 4.08 -5.22 -4.46
CA LEU A 15 3.04 -4.51 -3.71
C LEU A 15 1.93 -4.03 -4.64
N TYR A 16 2.31 -3.51 -5.81
CA TYR A 16 1.32 -3.01 -6.76
C TYR A 16 0.37 -4.15 -7.17
N ASN A 17 0.95 -5.29 -7.51
CA ASN A 17 0.16 -6.45 -7.88
C ASN A 17 -0.68 -6.90 -6.69
N TRP A 18 -0.04 -6.89 -5.52
CA TRP A 18 -0.71 -7.29 -4.29
C TRP A 18 -1.75 -6.26 -3.90
N ALA A 19 -1.59 -5.04 -4.41
CA ALA A 19 -2.53 -3.97 -4.10
C ALA A 19 -3.95 -4.41 -4.41
C SLL A 20 -5.77 -6.95 -4.95
N SLL A 20 -4.10 -5.23 -5.44
O SLL A 20 -6.07 -8.02 -5.46
CA SLL A 20 -5.40 -5.74 -5.82
CB SLL A 20 -5.41 -6.17 -7.29
CD SLL A 20 -5.62 -5.35 -9.64
CE SLL A 20 -4.51 -6.31 -10.07
CG SLL A 20 -5.39 -4.93 -8.19
CK SLL A 20 -3.02 -6.27 -13.56
CL SLL A 20 -3.24 -4.81 -13.93
CP SLL A 20 -3.07 -4.61 -15.43
CX SLL A 20 -3.11 -6.41 -12.04
OX SLL A 20 -2.11 -6.67 -11.37
NZ SLL A 20 -4.30 -6.22 -11.51
OP1 SLL A 20 -3.27 -3.49 -15.89
OP2 SLL A 20 -2.74 -5.58 -16.10
H SLL A 20 -3.31 -5.51 -5.95
HA SLL A 20 -6.15 -4.96 -5.68
HB SLL A 20 -6.28 -6.75 -7.50
HBA SLL A 20 -4.53 -6.76 -7.49
HD SLL A 20 -5.60 -4.48 -10.28
HDA SLL A 20 -6.57 -5.84 -9.72
HE SLL A 20 -4.79 -7.32 -9.81
HEA SLL A 20 -3.59 -6.05 -9.57
HG SLL A 20 -4.43 -4.43 -8.10
HGA SLL A 20 -6.18 -4.25 -7.88
HK SLL A 20 -2.05 -6.58 -13.90
HKA SLL A 20 -3.79 -6.88 -14.01
HL SLL A 20 -2.52 -4.19 -13.40
HLA SLL A 20 -4.24 -4.50 -13.65
HNZ SLL A 20 -5.06 -6.00 -12.09
N SER A 21 -5.74 -6.76 -3.63
CA SER A 21 -6.06 -7.83 -2.69
C SER A 21 -7.56 -8.09 -2.68
N HIS A 22 -7.93 -9.31 -2.32
CA HIS A 22 -9.34 -9.69 -2.27
C HIS A 22 -10.09 -8.88 -1.21
N VAL A 23 -9.43 -8.57 -0.10
CA VAL A 23 -10.07 -7.79 0.97
C VAL A 23 -9.99 -6.30 0.67
N GLY A 24 -11.15 -5.68 0.47
CA GLY A 24 -11.23 -4.26 0.17
C GLY A 24 -11.22 -3.39 1.42
N LYS A 25 -11.64 -3.96 2.55
CA LYS A 25 -11.71 -3.21 3.80
C LYS A 25 -10.34 -2.70 4.25
N VAL A 26 -9.32 -3.51 4.08
CA VAL A 26 -7.97 -3.14 4.51
C VAL A 26 -7.47 -1.88 3.80
N TRP A 27 -7.71 -1.79 2.50
CA TRP A 27 -7.26 -0.62 1.74
C TRP A 27 -7.93 0.66 2.20
N GLU A 28 -9.17 0.55 2.65
CA GLU A 28 -9.91 1.72 3.11
C GLU A 28 -9.00 2.66 3.92
N TRP A 29 -8.23 2.10 4.83
CA TRP A 29 -7.32 2.89 5.67
C TRP A 29 -6.24 3.58 4.82
N LEU A 30 -5.81 2.91 3.76
CA LEU A 30 -4.77 3.45 2.89
C LEU A 30 -5.19 4.78 2.27
N LYS A 31 -6.45 4.86 1.86
CA LYS A 31 -6.97 6.08 1.26
C LYS A 31 -6.92 7.25 2.24
N SER A 32 -7.24 6.99 3.51
CA SER A 32 -7.21 8.05 4.51
C SER A 32 -6.96 7.46 5.90
N GLY A 33 -6.47 8.31 6.82
CA GLY A 33 -6.19 7.87 8.18
C GLY A 33 -4.72 8.05 8.52
N ALA A 34 -3.92 8.42 7.52
CA ALA A 34 -2.48 8.62 7.73
C ALA A 34 -1.79 8.98 6.41
N THR A 35 -0.53 9.40 6.51
CA THR A 35 0.24 9.77 5.33
C THR A 35 0.75 8.52 4.60
N TYR A 36 1.19 8.71 3.35
CA TYR A 36 1.68 7.60 2.53
C TYR A 36 2.92 6.94 3.14
N GLU A 37 3.83 7.75 3.66
CA GLU A 37 5.06 7.21 4.24
C GLU A 37 4.76 6.36 5.48
N GLN A 38 3.87 6.84 6.34
CA GLN A 38 3.52 6.10 7.55
C GLN A 38 2.82 4.80 7.19
N ILE A 39 1.92 4.88 6.22
CA ILE A 39 1.17 3.71 5.76
C ILE A 39 2.11 2.70 5.09
N LYS A 40 3.02 3.20 4.27
CA LYS A 40 3.96 2.33 3.56
C LYS A 40 4.77 1.51 4.57
N GLU A 41 5.26 2.17 5.60
CA GLU A 41 6.04 1.49 6.62
C GLU A 41 5.22 0.37 7.24
N TRP A 42 3.95 0.68 7.51
CA TRP A 42 3.05 -0.30 8.10
C TRP A 42 2.86 -1.51 7.20
N ILE A 43 2.71 -1.25 5.90
CA ILE A 43 2.51 -2.32 4.94
C ILE A 43 3.73 -3.23 4.86
N GLU A 44 4.91 -2.62 4.84
CA GLU A 44 6.15 -3.41 4.77
C GLU A 44 6.28 -4.34 5.96
N ASN A 45 6.00 -3.81 7.15
CA ASN A 45 6.09 -4.63 8.36
C ASN A 45 5.03 -5.73 8.34
N ALA A 46 3.83 -5.39 7.90
CA ALA A 46 2.75 -6.36 7.83
C ALA A 46 3.03 -7.42 6.77
N LEU A 47 3.62 -6.99 5.65
CA LEU A 47 3.94 -7.92 4.56
C LEU A 47 4.97 -8.95 5.02
N GLY A 48 6.00 -8.48 5.73
CA GLY A 48 7.05 -9.37 6.21
C GLY A 48 8.36 -9.17 5.44
N TRP A 49 9.11 -8.14 5.82
CA TRP A 49 10.38 -7.87 5.16
C TRP A 49 11.34 -9.05 5.34
N ARG A 50 11.45 -9.51 6.58
CA ARG A 50 12.32 -10.62 6.90
C ARG A 50 13.76 -10.34 6.49
N FME A 1 -6.99 7.33 -2.58
CN FME A 1 -6.17 8.20 -2.00
O1 FME A 1 -5.33 7.84 -1.17
CA FME A 1 -6.94 5.91 -2.26
CB FME A 1 -8.36 5.34 -2.18
CG FME A 1 -9.30 6.16 -3.07
SD FME A 1 -10.80 5.20 -3.40
CE FME A 1 -11.93 6.61 -3.59
C FME A 1 -6.15 5.13 -3.32
O FME A 1 -5.25 4.36 -2.98
H FME A 1 -7.64 7.65 -3.24
HCN FME A 1 -6.24 9.24 -2.26
HA FME A 1 -6.46 5.77 -1.30
HB2 FME A 1 -8.71 5.40 -1.16
HB3 FME A 1 -8.37 4.30 -2.49
HG2 FME A 1 -8.81 6.37 -4.01
HG3 FME A 1 -9.57 7.08 -2.59
HE1 FME A 1 -12.20 6.98 -2.62
HE2 FME A 1 -12.81 6.30 -4.13
HE3 FME A 1 -11.43 7.39 -4.15
N ALA A 2 -6.50 5.32 -4.59
CA ALA A 2 -5.83 4.61 -5.67
C ALA A 2 -4.58 5.35 -6.13
N GLY A 3 -4.38 6.56 -5.61
CA GLY A 3 -3.21 7.35 -5.98
C GLY A 3 -1.93 6.66 -5.52
N LEU A 4 -2.03 5.96 -4.39
CA LEU A 4 -0.88 5.26 -3.82
C LEU A 4 -0.40 4.16 -4.77
N LEU A 5 -1.34 3.45 -5.39
CA LEU A 5 -0.99 2.37 -6.30
C LEU A 5 -0.16 2.89 -7.46
N ARG A 6 -0.54 4.03 -8.02
CA ARG A 6 0.21 4.60 -9.13
C ARG A 6 1.63 4.93 -8.67
N PHE A 7 1.73 5.55 -7.49
CA PHE A 7 3.01 5.92 -6.91
C PHE A 7 3.85 4.67 -6.60
N LEU A 8 3.23 3.69 -5.95
CA LEU A 8 3.92 2.45 -5.62
C LEU A 8 4.30 1.69 -6.88
N LEU A 9 3.45 1.80 -7.90
CA LEU A 9 3.71 1.13 -9.17
C LEU A 9 5.03 1.60 -9.78
N SER A 10 5.25 2.90 -9.76
CA SER A 10 6.49 3.46 -10.30
C SER A 10 7.68 2.90 -9.53
N LYS A 11 7.51 2.82 -8.22
CA LYS A 11 8.57 2.33 -7.36
C LYS A 11 8.91 0.87 -7.69
N GLY A 12 7.90 0.04 -7.88
CA GLY A 12 8.16 -1.37 -8.19
C GLY A 12 6.90 -2.11 -8.66
N ARG A 13 7.03 -2.79 -9.79
CA ARG A 13 5.94 -3.56 -10.35
C ARG A 13 5.60 -4.75 -9.44
N ALA A 14 6.64 -5.33 -8.85
CA ALA A 14 6.46 -6.47 -7.96
C ALA A 14 5.61 -6.08 -6.75
N LEU A 15 5.82 -4.87 -6.26
CA LEU A 15 5.07 -4.37 -5.11
C LEU A 15 3.58 -4.27 -5.44
N TYR A 16 3.27 -3.78 -6.64
CA TYR A 16 1.88 -3.64 -7.05
C TYR A 16 1.17 -4.98 -7.03
N ASN A 17 1.83 -6.00 -7.61
CA ASN A 17 1.25 -7.33 -7.66
C ASN A 17 1.06 -7.86 -6.24
N TRP A 18 2.04 -7.62 -5.39
CA TRP A 18 1.99 -8.07 -4.02
C TRP A 18 1.03 -7.21 -3.19
N ALA A 19 0.91 -5.93 -3.54
CA ALA A 19 0.04 -5.03 -2.80
C ALA A 19 -1.41 -5.50 -2.83
C SLL A 20 -3.43 -7.79 -3.24
N SLL A 20 -1.85 -6.06 -3.96
O SLL A 20 -4.55 -8.30 -3.13
CA SLL A 20 -3.22 -6.53 -4.08
CB SLL A 20 -3.58 -6.82 -5.53
CD SLL A 20 -3.24 -8.60 -7.26
CE SLL A 20 -2.18 -9.06 -8.27
CG SLL A 20 -2.57 -7.79 -6.14
CK SLL A 20 -2.28 -12.47 -9.93
CL SLL A 20 -1.55 -12.78 -11.23
CP SLL A 20 -0.22 -13.47 -10.93
CX SLL A 20 -1.71 -11.20 -9.29
OX SLL A 20 -0.50 -11.06 -9.17
NZ SLL A 20 -2.60 -10.30 -8.89
OP1 SLL A 20 -0.10 -14.05 -9.86
OP2 SLL A 20 0.66 -13.41 -11.77
H SLL A 20 -1.24 -6.14 -4.73
HA SLL A 20 -3.89 -5.77 -3.71
HB SLL A 20 -3.57 -5.90 -6.09
HBA SLL A 20 -4.57 -7.26 -5.58
HD SLL A 20 -3.97 -7.99 -7.76
HDA SLL A 20 -3.72 -9.47 -6.83
HE SLL A 20 -1.24 -9.20 -7.77
HEA SLL A 20 -2.07 -8.29 -9.03
HG SLL A 20 -2.21 -8.47 -5.37
HGA SLL A 20 -1.74 -7.23 -6.55
HK SLL A 20 -2.17 -13.30 -9.24
HKA SLL A 20 -3.34 -12.32 -10.13
HL SLL A 20 -1.35 -11.85 -11.75
HLA SLL A 20 -2.15 -13.41 -11.85
HNZ SLL A 20 -3.56 -10.48 -9.03
N SER A 21 -2.36 -8.30 -2.62
CA SER A 21 -2.46 -9.49 -1.78
C SER A 21 -3.37 -9.22 -0.58
N HIS A 22 -3.28 -7.99 -0.06
CA HIS A 22 -4.08 -7.60 1.10
C HIS A 22 -5.51 -7.24 0.69
N VAL A 23 -6.41 -7.25 1.66
CA VAL A 23 -7.81 -6.90 1.41
C VAL A 23 -7.89 -5.43 1.00
N GLY A 24 -8.68 -5.14 -0.02
CA GLY A 24 -8.81 -3.77 -0.51
C GLY A 24 -9.36 -2.84 0.55
N LYS A 25 -10.28 -3.36 1.37
CA LYS A 25 -10.88 -2.56 2.44
C LYS A 25 -9.80 -1.74 3.15
N VAL A 26 -8.56 -2.18 3.03
CA VAL A 26 -7.45 -1.48 3.68
C VAL A 26 -7.28 -0.06 3.12
N TRP A 27 -7.51 0.08 1.83
CA TRP A 27 -7.38 1.38 1.18
C TRP A 27 -8.35 2.40 1.75
N GLU A 28 -9.56 1.93 2.07
CA GLU A 28 -10.57 2.82 2.64
C GLU A 28 -10.06 3.44 3.94
N TRP A 29 -9.42 2.61 4.76
CA TRP A 29 -8.88 3.10 6.04
C TRP A 29 -7.77 4.10 5.81
N LEU A 30 -7.00 3.89 4.75
CA LEU A 30 -5.89 4.80 4.44
C LEU A 30 -6.43 6.21 4.20
N LYS A 31 -7.55 6.29 3.48
CA LYS A 31 -8.17 7.58 3.20
C LYS A 31 -8.18 8.48 4.43
N SER A 32 -8.52 7.91 5.58
CA SER A 32 -8.57 8.70 6.82
C SER A 32 -7.86 8.00 7.96
N GLY A 33 -7.31 8.80 8.87
CA GLY A 33 -6.60 8.27 10.03
C GLY A 33 -5.25 7.70 9.61
N ALA A 34 -4.74 8.16 8.47
CA ALA A 34 -3.46 7.69 7.97
C ALA A 34 -2.91 8.63 6.89
N THR A 35 -1.61 8.51 6.62
CA THR A 35 -0.96 9.35 5.62
C THR A 35 -0.12 8.51 4.66
N TYR A 36 0.35 9.14 3.57
CA TYR A 36 1.15 8.43 2.58
C TYR A 36 2.44 7.90 3.21
N GLU A 37 3.05 8.70 4.07
CA GLU A 37 4.27 8.29 4.74
C GLU A 37 4.00 7.22 5.79
N GLN A 38 2.89 7.37 6.50
CA GLN A 38 2.53 6.41 7.55
C GLN A 38 2.27 5.02 6.97
N ILE A 39 1.53 4.96 5.86
CA ILE A 39 1.23 3.68 5.23
C ILE A 39 2.46 3.11 4.53
N LYS A 40 3.37 3.98 4.11
CA LYS A 40 4.58 3.52 3.44
C LYS A 40 5.38 2.59 4.36
N GLU A 41 5.42 2.92 5.64
CA GLU A 41 6.14 2.08 6.59
C GLU A 41 5.44 0.74 6.73
N TRP A 42 4.12 0.78 6.76
CA TRP A 42 3.31 -0.42 6.88
C TRP A 42 3.51 -1.31 5.66
N ILE A 43 3.56 -0.69 4.49
CA ILE A 43 3.75 -1.43 3.25
C ILE A 43 5.13 -2.08 3.22
N GLU A 44 6.13 -1.31 3.64
CA GLU A 44 7.51 -1.81 3.68
C GLU A 44 7.61 -2.94 4.69
N ASN A 45 7.00 -2.73 5.85
CA ASN A 45 7.01 -3.72 6.92
C ASN A 45 6.28 -4.98 6.47
N ALA A 46 5.17 -4.80 5.75
CA ALA A 46 4.40 -5.93 5.25
C ALA A 46 5.22 -6.73 4.25
N LEU A 47 6.14 -6.03 3.57
CA LEU A 47 6.99 -6.66 2.58
C LEU A 47 8.34 -7.02 3.18
N GLY A 48 8.75 -8.28 3.00
CA GLY A 48 10.02 -8.74 3.53
C GLY A 48 9.80 -9.49 4.85
N TRP A 49 8.58 -9.40 5.37
CA TRP A 49 8.24 -10.08 6.62
C TRP A 49 7.22 -11.19 6.35
N ARG A 50 7.50 -12.37 6.89
CA ARG A 50 6.61 -13.52 6.72
C ARG A 50 6.94 -14.59 7.75
N FME A 1 -5.79 7.89 -2.11
CN FME A 1 -4.58 8.26 -2.51
O1 FME A 1 -3.71 7.44 -2.81
CA FME A 1 -6.15 6.48 -1.99
CB FME A 1 -7.67 6.34 -1.90
CG FME A 1 -8.35 7.53 -2.58
SD FME A 1 -10.10 7.18 -2.82
CE FME A 1 -10.32 8.13 -4.35
C FME A 1 -5.60 5.67 -3.16
O FME A 1 -4.69 4.86 -2.99
H FME A 1 -6.46 8.57 -1.90
HCN FME A 1 -4.35 9.32 -2.58
HA FME A 1 -5.73 6.09 -1.07
HB2 FME A 1 -7.98 6.29 -0.86
HB3 FME A 1 -7.98 5.42 -2.39
HG2 FME A 1 -7.88 7.72 -3.53
HG3 FME A 1 -8.24 8.40 -1.94
HE1 FME A 1 -9.97 9.14 -4.19
HE2 FME A 1 -11.36 8.15 -4.62
HE3 FME A 1 -9.75 7.66 -5.15
N ALA A 2 -6.17 5.90 -4.35
CA ALA A 2 -5.71 5.19 -5.54
C ALA A 2 -4.27 5.56 -5.86
N GLY A 3 -3.92 6.80 -5.58
CA GLY A 3 -2.58 7.30 -5.84
C GLY A 3 -1.54 6.50 -5.06
N LEU A 4 -1.97 5.88 -3.98
CA LEU A 4 -1.06 5.09 -3.15
C LEU A 4 -0.50 3.92 -3.95
N LEU A 5 -1.36 3.26 -4.73
CA LEU A 5 -0.92 2.14 -5.53
C LEU A 5 0.11 2.60 -6.56
N ARG A 6 -0.14 3.77 -7.15
CA ARG A 6 0.77 4.32 -8.14
C ARG A 6 2.14 4.54 -7.52
N PHE A 7 2.16 5.15 -6.34
CA PHE A 7 3.41 5.41 -5.66
C PHE A 7 4.11 4.09 -5.33
N LEU A 8 3.33 3.13 -4.83
CA LEU A 8 3.88 1.82 -4.49
C LEU A 8 4.38 1.09 -5.73
N LEU A 9 3.63 1.22 -6.83
CA LEU A 9 4.00 0.57 -8.08
C LEU A 9 5.36 1.08 -8.54
N SER A 10 5.58 2.38 -8.38
CA SER A 10 6.84 3.00 -8.79
C SER A 10 8.03 2.38 -8.05
N LYS A 11 7.85 2.13 -6.76
CA LYS A 11 8.93 1.56 -5.93
C LYS A 11 9.37 0.19 -6.44
N GLY A 12 8.41 -0.63 -6.84
CA GLY A 12 8.73 -1.95 -7.35
C GLY A 12 7.48 -2.67 -7.85
N ARG A 13 7.61 -3.33 -8.99
CA ARG A 13 6.50 -4.05 -9.59
C ARG A 13 6.05 -5.21 -8.71
N ALA A 14 7.02 -5.89 -8.09
CA ALA A 14 6.71 -7.04 -7.25
C ALA A 14 5.73 -6.68 -6.14
N LEU A 15 5.90 -5.50 -5.55
CA LEU A 15 4.99 -5.09 -4.47
C LEU A 15 3.56 -4.97 -4.98
N TYR A 16 3.39 -4.32 -6.14
CA TYR A 16 2.06 -4.16 -6.70
C TYR A 16 1.44 -5.53 -7.02
N ASN A 17 2.25 -6.40 -7.62
CA ASN A 17 1.77 -7.74 -7.97
C ASN A 17 1.46 -8.52 -6.70
N TRP A 18 2.28 -8.33 -5.67
CA TRP A 18 2.08 -9.01 -4.40
C TRP A 18 0.69 -8.70 -3.82
N ALA A 19 0.26 -7.45 -3.93
CA ALA A 19 -1.04 -7.07 -3.40
C ALA A 19 -2.15 -7.95 -3.96
C SLL A 20 -4.54 -8.50 -5.64
N SLL A 20 -2.12 -8.16 -5.27
O SLL A 20 -4.87 -8.15 -4.51
CA SLL A 20 -3.12 -9.00 -5.93
CB SLL A 20 -2.98 -10.46 -5.46
CD SLL A 20 -3.79 -12.80 -5.76
CE SLL A 20 -4.34 -13.73 -6.86
CG SLL A 20 -4.02 -11.34 -6.16
CK SLL A 20 -7.48 -13.00 -8.85
CL SLL A 20 -6.85 -12.22 -10.01
CP SLL A 20 -7.84 -11.18 -10.54
CX SLL A 20 -6.41 -13.79 -8.12
OX SLL A 20 -6.48 -15.02 -8.03
NZ SLL A 20 -5.42 -13.09 -7.58
OP1 SLL A 20 -7.48 -10.01 -10.54
OP2 SLL A 20 -8.93 -11.57 -10.92
H SLL A 20 -1.42 -7.76 -5.81
HA SLL A 20 -2.95 -8.97 -7.00
HB SLL A 20 -3.12 -10.52 -4.39
HBA SLL A 20 -1.99 -10.82 -5.71
HD SLL A 20 -4.31 -13.01 -4.84
HDA SLL A 20 -2.74 -12.99 -5.63
HE SLL A 20 -4.70 -14.64 -6.40
HEA SLL A 20 -3.54 -13.98 -7.55
HG SLL A 20 -3.93 -11.24 -7.23
HGA SLL A 20 -5.01 -11.03 -5.86
HK SLL A 20 -8.23 -13.68 -9.25
HKA SLL A 20 -7.95 -12.31 -8.17
HL SLL A 20 -6.59 -12.90 -10.80
HLA SLL A 20 -5.96 -11.72 -9.66
HNZ SLL A 20 -5.42 -12.12 -7.68
N SER A 21 -5.36 -8.46 -6.67
CA SER A 21 -6.75 -8.01 -6.54
C SER A 21 -6.81 -6.66 -5.83
N HIS A 22 -7.98 -6.04 -5.85
CA HIS A 22 -8.16 -4.74 -5.21
C HIS A 22 -9.49 -4.68 -4.46
N VAL A 23 -9.43 -4.20 -3.22
CA VAL A 23 -10.63 -4.05 -2.40
C VAL A 23 -10.74 -2.61 -1.90
N GLY A 24 -11.92 -2.03 -2.05
CA GLY A 24 -12.15 -0.66 -1.62
C GLY A 24 -12.36 -0.55 -0.11
N LYS A 25 -12.92 -1.58 0.49
CA LYS A 25 -13.22 -1.56 1.92
C LYS A 25 -11.96 -1.42 2.78
N VAL A 26 -10.91 -2.12 2.43
CA VAL A 26 -9.66 -2.05 3.21
C VAL A 26 -9.03 -0.66 3.14
N TRP A 27 -9.04 -0.04 1.96
CA TRP A 27 -8.45 1.30 1.80
C TRP A 27 -9.20 2.33 2.65
N GLU A 28 -10.50 2.12 2.84
CA GLU A 28 -11.30 3.08 3.62
C GLU A 28 -10.52 3.56 4.84
N TRP A 29 -9.93 2.64 5.59
CA TRP A 29 -9.15 3.03 6.77
C TRP A 29 -8.01 3.92 6.36
N LEU A 30 -7.41 3.60 5.22
CA LEU A 30 -6.29 4.38 4.69
C LEU A 30 -6.77 5.80 4.40
N LYS A 31 -7.91 5.89 3.73
CA LYS A 31 -8.50 7.17 3.37
C LYS A 31 -9.00 7.90 4.61
N SER A 32 -9.42 7.14 5.62
CA SER A 32 -9.94 7.73 6.84
C SER A 32 -8.89 8.64 7.47
N GLY A 33 -7.64 8.20 7.48
CA GLY A 33 -6.57 9.02 8.06
C GLY A 33 -5.27 8.24 8.16
N ALA A 34 -4.25 8.73 7.47
CA ALA A 34 -2.94 8.08 7.49
C ALA A 34 -1.92 8.90 6.69
N THR A 35 -0.64 8.70 6.98
CA THR A 35 0.42 9.42 6.30
C THR A 35 1.29 8.48 5.46
N TYR A 36 1.69 8.95 4.28
CA TYR A 36 2.51 8.15 3.37
C TYR A 36 3.75 7.61 4.07
N GLU A 37 4.43 8.46 4.83
CA GLU A 37 5.63 8.04 5.54
C GLU A 37 5.29 6.90 6.50
N GLN A 38 4.15 7.02 7.18
CA GLN A 38 3.71 5.99 8.12
C GLN A 38 3.28 4.72 7.38
N ILE A 39 2.59 4.89 6.27
CA ILE A 39 2.11 3.76 5.48
C ILE A 39 3.25 2.91 4.93
N LYS A 40 4.28 3.57 4.43
CA LYS A 40 5.42 2.85 3.85
C LYS A 40 5.92 1.78 4.83
N GLU A 41 5.95 2.13 6.11
CA GLU A 41 6.40 1.20 7.13
C GLU A 41 5.44 0.02 7.27
N TRP A 42 4.15 0.28 7.08
CA TRP A 42 3.14 -0.76 7.21
C TRP A 42 3.22 -1.77 6.06
N ILE A 43 3.25 -1.26 4.84
CA ILE A 43 3.31 -2.10 3.65
C ILE A 43 4.61 -2.89 3.56
N GLU A 44 5.73 -2.22 3.85
CA GLU A 44 7.02 -2.90 3.78
C GLU A 44 7.11 -3.98 4.85
N ASN A 45 6.53 -3.71 6.01
CA ASN A 45 6.54 -4.66 7.11
C ASN A 45 5.79 -5.94 6.73
N ALA A 46 4.67 -5.77 6.02
CA ALA A 46 3.86 -6.91 5.61
C ALA A 46 4.72 -7.98 4.93
N LEU A 47 5.58 -7.55 4.01
CA LEU A 47 6.45 -8.49 3.31
C LEU A 47 7.36 -9.20 4.30
N GLY A 48 7.91 -8.44 5.25
CA GLY A 48 8.79 -9.02 6.25
C GLY A 48 10.20 -9.21 5.68
N TRP A 49 10.31 -9.10 4.36
CA TRP A 49 11.59 -9.26 3.68
C TRP A 49 12.06 -7.92 3.11
N ARG A 50 13.36 -7.71 3.12
CA ARG A 50 13.94 -6.47 2.61
C ARG A 50 15.20 -6.77 1.80
N FME A 1 -4.68 4.65 -2.20
CN FME A 1 -4.83 3.52 -2.88
O1 FME A 1 -5.13 3.50 -4.07
CA FME A 1 -4.86 5.95 -2.84
CB FME A 1 -4.13 7.03 -2.05
CG FME A 1 -4.82 8.39 -2.26
SD FME A 1 -3.69 9.72 -1.76
CE FME A 1 -3.87 10.75 -3.23
C FME A 1 -4.34 5.91 -4.27
O FME A 1 -3.38 5.20 -4.56
H FME A 1 -4.44 4.62 -1.24
HCN FME A 1 -4.68 2.58 -2.37
HA FME A 1 -5.91 6.18 -2.85
HB2 FME A 1 -3.10 7.09 -2.38
HB3 FME A 1 -4.16 6.78 -0.99
HG2 FME A 1 -5.71 8.43 -1.66
HG3 FME A 1 -5.06 8.50 -3.30
HE1 FME A 1 -3.56 10.20 -4.10
HE2 FME A 1 -3.25 11.63 -3.13
HE3 FME A 1 -4.90 11.06 -3.32
N ALA A 2 -4.96 6.68 -5.15
CA ALA A 2 -4.54 6.71 -6.55
C ALA A 2 -3.07 7.10 -6.64
N GLY A 3 -2.68 8.13 -5.90
CA GLY A 3 -1.30 8.59 -5.89
C GLY A 3 -0.38 7.53 -5.30
N LEU A 4 -0.88 6.81 -4.30
CA LEU A 4 -0.08 5.76 -3.66
C LEU A 4 0.28 4.69 -4.68
N LEU A 5 -0.70 4.32 -5.50
CA LEU A 5 -0.48 3.31 -6.52
C LEU A 5 0.56 3.78 -7.54
N ARG A 6 0.50 5.07 -7.88
CA ARG A 6 1.47 5.61 -8.84
C ARG A 6 2.89 5.46 -8.31
N PHE A 7 3.09 5.78 -7.05
CA PHE A 7 4.41 5.67 -6.46
C PHE A 7 4.89 4.22 -6.52
N LEU A 8 3.99 3.30 -6.20
CA LEU A 8 4.32 1.88 -6.20
C LEU A 8 4.72 1.41 -7.61
N LEU A 9 4.00 1.89 -8.62
CA LEU A 9 4.32 1.51 -10.00
C LEU A 9 5.71 1.97 -10.36
N SER A 10 6.05 3.19 -9.95
CA SER A 10 7.38 3.74 -10.24
C SER A 10 8.45 2.88 -9.57
N LYS A 11 8.23 2.52 -8.32
CA LYS A 11 9.18 1.70 -7.58
C LYS A 11 8.45 0.63 -6.78
N GLY A 12 9.06 -0.55 -6.69
CA GLY A 12 8.45 -1.64 -5.96
C GLY A 12 7.28 -2.23 -6.73
N ARG A 13 7.58 -2.86 -7.86
CA ARG A 13 6.55 -3.46 -8.70
C ARG A 13 5.80 -4.56 -7.94
N ALA A 14 6.54 -5.34 -7.15
CA ALA A 14 5.92 -6.42 -6.39
C ALA A 14 4.85 -5.86 -5.44
N LEU A 15 5.13 -4.71 -4.83
CA LEU A 15 4.17 -4.09 -3.92
C LEU A 15 2.87 -3.76 -4.63
N TYR A 16 2.99 -3.23 -5.85
CA TYR A 16 1.81 -2.85 -6.63
C TYR A 16 0.94 -4.07 -6.94
N ASN A 17 1.56 -5.14 -7.43
CA ASN A 17 0.81 -6.35 -7.76
C ASN A 17 0.19 -6.95 -6.51
N TRP A 18 0.95 -6.96 -5.42
CA TRP A 18 0.44 -7.51 -4.17
C TRP A 18 -0.74 -6.69 -3.66
N ALA A 19 -0.61 -5.37 -3.72
CA ALA A 19 -1.67 -4.47 -3.25
C ALA A 19 -2.98 -4.74 -3.98
C SLL A 20 -5.36 -4.51 -5.44
N SLL A 20 -2.91 -4.79 -5.31
O SLL A 20 -5.49 -3.32 -5.18
CA SLL A 20 -4.10 -5.04 -6.13
CB SLL A 20 -4.24 -6.54 -6.41
CD SLL A 20 -4.65 -6.68 -8.89
CE SLL A 20 -5.74 -6.62 -9.95
CG SLL A 20 -5.30 -6.76 -7.50
CK SLL A 20 -7.71 -9.84 -10.41
CL SLL A 20 -9.02 -9.57 -11.15
CP SLL A 20 -8.76 -9.52 -12.66
CX SLL A 20 -6.71 -8.71 -10.69
OX SLL A 20 -6.01 -8.73 -11.70
NZ SLL A 20 -6.65 -7.74 -9.79
OP1 SLL A 20 -8.19 -10.48 -13.17
OP2 SLL A 20 -9.13 -8.54 -13.27
H SLL A 20 -2.05 -4.65 -5.75
HA SLL A 20 -3.98 -4.51 -7.07
HB SLL A 20 -4.54 -7.05 -5.51
HBA SLL A 20 -3.29 -6.93 -6.74
HD SLL A 20 -4.04 -7.54 -9.05
HDA SLL A 20 -4.03 -5.78 -8.93
HE SLL A 20 -5.28 -6.65 -10.93
HEA SLL A 20 -6.29 -5.70 -9.85
HG SLL A 20 -6.07 -6.00 -7.42
HGA SLL A 20 -5.74 -7.74 -7.36
HK SLL A 20 -7.29 -10.77 -10.74
HKA SLL A 20 -7.90 -9.88 -9.34
HL SLL A 20 -9.43 -8.63 -10.84
HLA SLL A 20 -9.72 -10.36 -10.94
HNZ SLL A 20 -7.23 -7.78 -9.01
N SER A 21 -6.29 -5.43 -5.17
CA SER A 21 -7.54 -5.07 -4.51
C SER A 21 -8.17 -6.32 -3.93
N HIS A 22 -7.34 -7.20 -3.36
CA HIS A 22 -7.83 -8.43 -2.77
C HIS A 22 -8.79 -8.15 -1.61
N VAL A 23 -8.41 -7.22 -0.74
CA VAL A 23 -9.24 -6.87 0.40
C VAL A 23 -9.44 -5.35 0.50
N GLY A 24 -10.71 -4.95 0.62
CA GLY A 24 -11.04 -3.53 0.73
C GLY A 24 -10.90 -3.03 2.16
N LYS A 25 -10.91 -3.97 3.11
CA LYS A 25 -10.81 -3.62 4.52
C LYS A 25 -9.48 -2.94 4.86
N VAL A 26 -8.39 -3.43 4.30
CA VAL A 26 -7.08 -2.86 4.58
C VAL A 26 -7.00 -1.40 4.10
N TRP A 27 -7.59 -1.11 2.95
CA TRP A 27 -7.57 0.26 2.42
C TRP A 27 -8.65 1.12 3.07
N GLU A 28 -9.66 0.48 3.63
CA GLU A 28 -10.76 1.23 4.24
C GLU A 28 -10.27 2.37 5.13
N TRP A 29 -9.28 2.09 5.99
CA TRP A 29 -8.78 3.12 6.89
C TRP A 29 -7.98 4.19 6.14
N LEU A 30 -7.41 3.82 5.00
CA LEU A 30 -6.62 4.77 4.21
C LEU A 30 -7.49 5.92 3.73
N LYS A 31 -8.70 5.61 3.29
CA LYS A 31 -9.61 6.63 2.80
C LYS A 31 -9.93 7.62 3.91
N SER A 32 -10.06 7.14 5.14
CA SER A 32 -10.36 8.02 6.26
C SER A 32 -9.33 9.14 6.36
N GLY A 33 -8.06 8.80 6.18
CA GLY A 33 -7.01 9.80 6.24
C GLY A 33 -5.69 9.17 6.69
N ALA A 34 -4.64 9.38 5.91
CA ALA A 34 -3.32 8.83 6.25
C ALA A 34 -2.26 9.34 5.28
N THR A 35 -1.05 8.79 5.39
CA THR A 35 0.05 9.19 4.52
C THR A 35 0.77 7.96 3.95
N TYR A 36 1.45 8.16 2.82
CA TYR A 36 2.17 7.08 2.17
C TYR A 36 3.26 6.54 3.09
N GLU A 37 3.99 7.45 3.73
CA GLU A 37 5.06 7.07 4.63
C GLU A 37 4.55 6.15 5.73
N GLN A 38 3.39 6.51 6.31
CA GLN A 38 2.81 5.71 7.38
C GLN A 38 2.31 4.38 6.83
N ILE A 39 1.75 4.41 5.63
CA ILE A 39 1.22 3.20 5.00
C ILE A 39 2.35 2.21 4.73
N LYS A 40 3.49 2.72 4.26
CA LYS A 40 4.62 1.86 3.96
C LYS A 40 4.97 0.97 5.15
N GLU A 41 5.01 1.53 6.35
CA GLU A 41 5.35 0.74 7.53
C GLU A 41 4.33 -0.38 7.73
N TRP A 42 3.05 -0.04 7.57
CA TRP A 42 1.97 -1.01 7.73
C TRP A 42 2.04 -2.10 6.67
N ILE A 43 2.39 -1.72 5.43
CA ILE A 43 2.48 -2.67 4.33
C ILE A 43 3.57 -3.71 4.62
N GLU A 44 4.71 -3.23 5.11
CA GLU A 44 5.83 -4.13 5.41
C GLU A 44 5.38 -5.23 6.37
N ASN A 45 4.52 -4.89 7.32
CA ASN A 45 4.04 -5.86 8.27
C ASN A 45 3.29 -6.98 7.56
N ALA A 46 2.48 -6.62 6.58
CA ALA A 46 1.72 -7.61 5.82
C ALA A 46 2.68 -8.58 5.13
N LEU A 47 3.68 -8.03 4.45
CA LEU A 47 4.65 -8.86 3.75
C LEU A 47 5.47 -9.68 4.75
N GLY A 48 5.86 -9.05 5.86
CA GLY A 48 6.63 -9.75 6.88
C GLY A 48 8.13 -9.59 6.67
N TRP A 49 8.90 -9.98 7.68
CA TRP A 49 10.36 -9.89 7.62
C TRP A 49 10.96 -11.22 7.18
N ARG A 50 11.95 -11.15 6.28
CA ARG A 50 12.60 -12.35 5.81
C ARG A 50 13.84 -12.66 6.64
N FME A 1 -6.23 7.16 -3.78
CN FME A 1 -5.44 7.84 -2.96
O1 FME A 1 -4.61 7.29 -2.24
CA FME A 1 -6.11 5.70 -3.91
CB FME A 1 -7.48 5.05 -3.91
CG FME A 1 -7.31 3.53 -3.86
SD FME A 1 -8.93 2.72 -3.76
CE FME A 1 -8.37 1.03 -4.11
C FME A 1 -5.37 5.34 -5.19
O FME A 1 -4.41 4.58 -5.18
H FME A 1 -6.91 7.63 -4.31
HCN FME A 1 -5.56 8.91 -2.88
HA FME A 1 -5.54 5.33 -3.07
HB2 FME A 1 -8.01 5.32 -4.83
HB3 FME A 1 -8.05 5.38 -3.05
HG2 FME A 1 -6.72 3.26 -2.99
HG3 FME A 1 -6.79 3.19 -4.75
HE1 FME A 1 -8.61 0.78 -5.13
HE2 FME A 1 -8.88 0.34 -3.45
HE3 FME A 1 -7.30 0.96 -3.95
N ALA A 2 -5.84 5.88 -6.31
CA ALA A 2 -5.22 5.59 -7.59
C ALA A 2 -3.79 6.09 -7.62
N GLY A 3 -3.56 7.26 -7.03
CA GLY A 3 -2.22 7.86 -7.00
C GLY A 3 -1.24 6.96 -6.28
N LEU A 4 -1.71 6.28 -5.24
CA LEU A 4 -0.85 5.39 -4.47
C LEU A 4 -0.34 4.25 -5.35
N LEU A 5 -1.20 3.71 -6.20
CA LEU A 5 -0.81 2.61 -7.08
C LEU A 5 0.33 3.04 -7.99
N ARG A 6 0.21 4.26 -8.52
CA ARG A 6 1.24 4.80 -9.39
C ARG A 6 2.54 4.96 -8.60
N PHE A 7 2.42 5.44 -7.37
CA PHE A 7 3.58 5.64 -6.50
C PHE A 7 4.28 4.31 -6.23
N LEU A 8 3.50 3.27 -5.96
CA LEU A 8 4.06 1.94 -5.67
C LEU A 8 4.84 1.39 -6.86
N LEU A 9 4.32 1.60 -8.07
CA LEU A 9 5.00 1.09 -9.25
C LEU A 9 6.39 1.69 -9.35
N SER A 10 6.49 2.99 -9.12
CA SER A 10 7.78 3.67 -9.18
C SER A 10 8.75 3.08 -8.15
N LYS A 11 8.24 2.86 -6.95
CA LYS A 11 9.05 2.32 -5.85
C LYS A 11 9.50 0.89 -6.15
N GLY A 12 8.57 0.06 -6.62
CA GLY A 12 8.89 -1.32 -6.93
C GLY A 12 7.73 -2.01 -7.61
N ARG A 13 8.04 -2.79 -8.62
CA ARG A 13 7.04 -3.51 -9.39
C ARG A 13 6.35 -4.59 -8.55
N ALA A 14 7.13 -5.29 -7.72
CA ALA A 14 6.58 -6.35 -6.88
C ALA A 14 5.54 -5.80 -5.90
N LEU A 15 5.76 -4.59 -5.42
CA LEU A 15 4.84 -3.98 -4.47
C LEU A 15 3.46 -3.80 -5.10
N TYR A 16 3.45 -3.38 -6.36
CA TYR A 16 2.19 -3.18 -7.07
C TYR A 16 1.40 -4.48 -7.13
N ASN A 17 2.07 -5.57 -7.50
CA ASN A 17 1.42 -6.88 -7.59
C ASN A 17 0.96 -7.37 -6.22
N TRP A 18 1.79 -7.15 -5.21
CA TRP A 18 1.44 -7.57 -3.84
C TRP A 18 0.17 -6.89 -3.39
N ALA A 19 0.01 -5.63 -3.78
CA ALA A 19 -1.18 -4.88 -3.38
C ALA A 19 -2.45 -5.60 -3.81
C SLL A 20 -4.21 -7.87 -4.19
N SLL A 20 -2.36 -6.40 -4.86
O SLL A 20 -3.70 -8.88 -3.68
CA SLL A 20 -3.52 -7.14 -5.34
CB SLL A 20 -3.09 -8.16 -6.41
CD SLL A 20 -3.96 -9.71 -8.17
CE SLL A 20 -5.13 -10.62 -8.54
CG SLL A 20 -4.33 -8.87 -6.94
CK SLL A 20 -8.78 -9.60 -8.30
CL SLL A 20 -9.28 -8.69 -9.41
CP SLL A 20 -8.27 -7.58 -9.66
CX SLL A 20 -7.53 -10.34 -8.76
OX SLL A 20 -7.60 -11.21 -9.64
NZ SLL A 20 -6.39 -9.99 -8.17
OP1 SLL A 20 -7.58 -7.20 -8.73
OP2 SLL A 20 -8.20 -7.09 -10.78
H SLL A 20 -1.50 -6.51 -5.31
HA SLL A 20 -4.22 -6.45 -5.78
HB SLL A 20 -2.42 -8.88 -5.98
HBA SLL A 20 -2.60 -7.63 -7.22
HD SLL A 20 -3.10 -10.32 -7.94
HDA SLL A 20 -3.73 -9.06 -9.00
HE SLL A 20 -5.04 -11.56 -8.01
HEA SLL A 20 -5.12 -10.81 -9.60
HG SLL A 20 -5.08 -8.14 -7.23
HGA SLL A 20 -4.74 -9.51 -6.17
HK SLL A 20 -9.54 -10.32 -8.05
HKA SLL A 20 -8.54 -9.01 -7.43
HL SLL A 20 -10.22 -8.26 -9.13
HLA SLL A 20 -9.41 -9.26 -10.33
HNZ SLL A 20 -6.40 -9.29 -7.49
N SER A 21 -5.37 -7.36 -3.80
CA SER A 21 -6.13 -7.97 -2.70
C SER A 21 -7.63 -7.91 -2.99
N HIS A 22 -8.40 -8.72 -2.28
CA HIS A 22 -9.85 -8.75 -2.48
C HIS A 22 -10.55 -7.87 -1.45
N VAL A 23 -9.79 -7.37 -0.48
CA VAL A 23 -10.36 -6.52 0.57
C VAL A 23 -10.10 -5.04 0.28
N GLY A 24 -11.17 -4.30 -0.01
CA GLY A 24 -11.06 -2.87 -0.32
C GLY A 24 -11.06 -2.01 0.94
N LYS A 25 -11.53 -2.59 2.04
CA LYS A 25 -11.61 -1.86 3.30
C LYS A 25 -10.23 -1.38 3.76
N VAL A 26 -9.23 -2.23 3.62
CA VAL A 26 -7.88 -1.87 4.03
C VAL A 26 -7.38 -0.62 3.31
N TRP A 27 -7.59 -0.55 2.01
CA TRP A 27 -7.15 0.60 1.25
C TRP A 27 -7.97 1.82 1.60
N GLU A 28 -9.24 1.60 1.91
CA GLU A 28 -10.13 2.71 2.27
C GLU A 28 -9.60 3.40 3.52
N TRP A 29 -8.99 2.62 4.40
CA TRP A 29 -8.43 3.17 5.64
C TRP A 29 -7.47 4.31 5.32
N LEU A 30 -6.90 4.28 4.12
CA LEU A 30 -5.97 5.32 3.73
C LEU A 30 -6.65 6.68 3.73
N LYS A 31 -7.89 6.73 3.23
CA LYS A 31 -8.61 7.99 3.17
C LYS A 31 -8.75 8.56 4.57
N SER A 32 -8.99 7.70 5.55
CA SER A 32 -9.12 8.14 6.93
C SER A 32 -8.47 7.13 7.87
N GLY A 33 -7.69 7.63 8.84
CA GLY A 33 -7.03 6.75 9.80
C GLY A 33 -5.56 6.54 9.45
N ALA A 34 -5.12 7.11 8.33
CA ALA A 34 -3.73 6.97 7.89
C ALA A 34 -3.40 7.99 6.81
N THR A 35 -2.10 8.14 6.51
CA THR A 35 -1.66 9.09 5.48
C THR A 35 -0.62 8.47 4.56
N TYR A 36 -0.29 9.18 3.48
CA TYR A 36 0.69 8.68 2.49
C TYR A 36 2.03 8.33 3.15
N GLU A 37 2.53 9.22 4.00
CA GLU A 37 3.81 8.97 4.65
C GLU A 37 3.71 7.85 5.69
N GLN A 38 2.61 7.86 6.46
CA GLN A 38 2.41 6.85 7.49
C GLN A 38 2.19 5.46 6.90
N ILE A 39 1.50 5.41 5.76
CA ILE A 39 1.21 4.13 5.13
C ILE A 39 2.49 3.43 4.68
N LYS A 40 3.55 4.20 4.43
CA LYS A 40 4.81 3.60 4.01
C LYS A 40 5.33 2.65 5.08
N GLU A 41 5.15 3.03 6.34
CA GLU A 41 5.61 2.21 7.45
C GLU A 41 4.85 0.88 7.50
N TRP A 42 3.54 0.95 7.26
CA TRP A 42 2.70 -0.24 7.29
C TRP A 42 3.01 -1.16 6.10
N ILE A 43 3.20 -0.58 4.93
CA ILE A 43 3.50 -1.36 3.73
C ILE A 43 4.82 -2.11 3.90
N GLU A 44 5.81 -1.42 4.44
CA GLU A 44 7.12 -2.00 4.67
C GLU A 44 7.07 -3.07 5.77
N ASN A 45 6.29 -2.79 6.81
CA ASN A 45 6.17 -3.73 7.90
C ASN A 45 5.56 -5.04 7.40
N ALA A 46 4.54 -4.93 6.55
CA ALA A 46 3.87 -6.11 6.01
C ALA A 46 4.81 -6.89 5.10
N LEU A 47 5.58 -6.18 4.28
CA LEU A 47 6.50 -6.83 3.35
C LEU A 47 7.85 -7.08 4.00
N GLY A 48 8.44 -8.23 3.70
CA GLY A 48 9.75 -8.61 4.24
C GLY A 48 9.69 -9.94 4.98
N TRP A 49 10.86 -10.52 5.23
CA TRP A 49 10.95 -11.80 5.92
C TRP A 49 12.17 -11.84 6.85
N ARG A 50 12.16 -12.77 7.80
CA ARG A 50 13.27 -12.92 8.73
C ARG A 50 13.87 -11.55 9.08
N FME A 1 -5.45 8.87 -2.72
CN FME A 1 -5.18 9.47 -1.57
O1 FME A 1 -4.72 8.85 -0.61
CA FME A 1 -5.21 7.44 -2.92
CB FME A 1 -6.52 6.66 -2.72
CG FME A 1 -7.71 7.62 -2.71
SD FME A 1 -7.67 8.64 -4.21
CE FME A 1 -8.70 9.99 -3.58
C FME A 1 -4.64 7.19 -4.31
O FME A 1 -3.84 6.28 -4.51
H FME A 1 -5.82 9.40 -3.46
HCN FME A 1 -5.37 10.53 -1.47
HA FME A 1 -4.49 7.11 -2.18
HB2 FME A 1 -6.49 6.13 -1.78
HB3 FME A 1 -6.64 5.94 -3.52
HG2 FME A 1 -7.64 8.27 -1.85
HG3 FME A 1 -8.62 7.06 -2.68
HE1 FME A 1 -8.07 10.76 -3.16
HE2 FME A 1 -9.36 9.61 -2.82
HE3 FME A 1 -9.29 10.41 -4.39
N ALA A 2 -5.07 8.00 -5.26
CA ALA A 2 -4.61 7.85 -6.64
C ALA A 2 -3.10 8.03 -6.72
N GLY A 3 -2.57 8.89 -5.87
CA GLY A 3 -1.13 9.15 -5.86
C GLY A 3 -0.35 7.88 -5.48
N LEU A 4 -0.92 7.08 -4.59
CA LEU A 4 -0.25 5.85 -4.16
C LEU A 4 -0.10 4.90 -5.33
N LEU A 5 -1.15 4.77 -6.13
CA LEU A 5 -1.10 3.88 -7.28
C LEU A 5 -0.06 4.36 -8.28
N ARG A 6 -0.01 5.68 -8.49
CA ARG A 6 0.96 6.27 -9.40
C ARG A 6 2.37 6.05 -8.85
N PHE A 7 2.54 6.30 -7.56
CA PHE A 7 3.83 6.12 -6.92
C PHE A 7 4.28 4.66 -6.96
N LEU A 8 3.38 3.76 -6.56
CA LEU A 8 3.70 2.33 -6.56
C LEU A 8 3.97 1.85 -7.98
N LEU A 9 3.16 2.31 -8.91
CA LEU A 9 3.31 1.90 -10.31
C LEU A 9 4.66 2.35 -10.84
N SER A 10 5.03 3.60 -10.54
CA SER A 10 6.30 4.14 -10.98
C SER A 10 7.46 3.35 -10.37
N LYS A 11 7.33 3.02 -9.10
CA LYS A 11 8.37 2.27 -8.40
C LYS A 11 7.76 1.26 -7.44
N GLY A 12 8.33 0.06 -7.40
CA GLY A 12 7.83 -1.00 -6.52
C GLY A 12 6.69 -1.78 -7.19
N ARG A 13 7.04 -2.47 -8.27
CA ARG A 13 6.05 -3.25 -9.00
C ARG A 13 5.50 -4.38 -8.13
N ALA A 14 6.38 -4.99 -7.34
CA ALA A 14 5.97 -6.07 -6.46
C ALA A 14 4.94 -5.57 -5.46
N LEU A 15 5.10 -4.34 -5.00
CA LEU A 15 4.17 -3.75 -4.06
C LEU A 15 2.78 -3.67 -4.67
N TYR A 16 2.73 -3.28 -5.94
CA TYR A 16 1.46 -3.15 -6.64
C TYR A 16 0.74 -4.49 -6.70
N ASN A 17 1.45 -5.54 -7.08
CA ASN A 17 0.84 -6.86 -7.17
C ASN A 17 0.37 -7.32 -5.80
N TRP A 18 1.18 -7.05 -4.77
CA TRP A 18 0.81 -7.44 -3.41
C TRP A 18 -0.48 -6.75 -2.99
N ALA A 19 -0.59 -5.47 -3.32
CA ALA A 19 -1.76 -4.70 -2.96
C ALA A 19 -3.02 -5.23 -3.65
C SLL A 20 -5.34 -5.59 -5.19
N SLL A 20 -2.88 -5.62 -4.91
O SLL A 20 -5.57 -4.38 -5.24
CA SLL A 20 -4.01 -6.15 -5.69
CB SLL A 20 -4.01 -7.69 -5.61
CD SLL A 20 -4.73 -9.75 -6.86
CE SLL A 20 -3.89 -9.99 -8.11
CG SLL A 20 -4.98 -8.25 -6.66
CK SLL A 20 -5.26 -9.32 -11.59
CL SLL A 20 -4.88 -8.22 -12.58
CP SLL A 20 -4.69 -6.90 -11.85
CX SLL A 20 -4.30 -9.33 -10.42
OX SLL A 20 -3.17 -8.83 -10.52
NZ SLL A 20 -4.73 -9.91 -9.30
OP1 SLL A 20 -3.58 -6.39 -11.85
OP2 SLL A 20 -5.66 -6.39 -11.29
H SLL A 20 -2.01 -5.54 -5.34
HA SLL A 20 -3.88 -5.86 -6.71
HB SLL A 20 -4.33 -8.00 -4.63
HBA SLL A 20 -3.02 -8.06 -5.80
HD SLL A 20 -5.68 -10.26 -6.97
HDA SLL A 20 -4.21 -10.16 -6.00
HE SLL A 20 -3.43 -10.97 -8.06
HEA SLL A 20 -3.12 -9.23 -8.18
HG SLL A 20 -4.82 -7.73 -7.60
HGA SLL A 20 -5.99 -8.10 -6.34
HK SLL A 20 -5.24 -10.28 -12.09
HKA SLL A 20 -6.27 -9.14 -11.22
HL SLL A 20 -5.67 -8.10 -13.32
HLA SLL A 20 -3.97 -8.49 -13.08
HNZ SLL A 20 -5.63 -10.29 -9.29
N SER A 21 -6.20 -6.48 -4.72
CA SER A 21 -7.51 -6.08 -4.22
C SER A 21 -8.29 -7.31 -3.76
N HIS A 22 -7.60 -8.22 -3.09
CA HIS A 22 -8.24 -9.44 -2.60
C HIS A 22 -9.36 -9.12 -1.62
N VAL A 23 -9.08 -8.26 -0.66
CA VAL A 23 -10.08 -7.86 0.34
C VAL A 23 -10.28 -6.36 0.30
N GLY A 24 -11.54 -5.93 0.21
CA GLY A 24 -11.85 -4.51 0.14
C GLY A 24 -11.91 -3.87 1.53
N LYS A 25 -12.15 -4.69 2.56
CA LYS A 25 -12.26 -4.18 3.92
C LYS A 25 -10.95 -3.54 4.42
N VAL A 26 -9.82 -4.15 4.08
CA VAL A 26 -8.53 -3.65 4.55
C VAL A 26 -8.23 -2.24 4.02
N TRP A 27 -8.59 -1.95 2.78
CA TRP A 27 -8.32 -0.64 2.19
C TRP A 27 -9.25 0.46 2.72
N GLU A 28 -10.40 0.07 3.24
CA GLU A 28 -11.36 1.05 3.73
C GLU A 28 -10.70 2.20 4.48
N TRP A 29 -9.71 1.91 5.33
CA TRP A 29 -9.06 2.96 6.09
C TRP A 29 -8.10 3.75 5.21
N LEU A 30 -7.67 3.16 4.10
CA LEU A 30 -6.74 3.83 3.20
C LEU A 30 -7.37 5.11 2.66
N LYS A 31 -8.65 5.03 2.34
CA LYS A 31 -9.37 6.18 1.81
C LYS A 31 -9.26 7.37 2.77
N SER A 32 -8.76 7.11 3.98
CA SER A 32 -8.61 8.18 4.97
C SER A 32 -7.72 9.29 4.43
N GLY A 33 -6.64 8.91 3.78
CA GLY A 33 -5.72 9.89 3.20
C GLY A 33 -4.54 10.14 4.13
N ALA A 34 -4.18 9.15 4.95
CA ALA A 34 -3.07 9.30 5.86
C ALA A 34 -1.84 9.75 5.08
N THR A 35 -0.72 9.92 5.76
CA THR A 35 0.49 10.34 5.08
C THR A 35 1.16 9.16 4.40
N TYR A 36 2.01 9.45 3.42
CA TYR A 36 2.70 8.41 2.67
C TYR A 36 3.63 7.60 3.58
N GLU A 37 4.33 8.28 4.47
CA GLU A 37 5.27 7.62 5.38
C GLU A 37 4.55 6.55 6.22
N GLN A 38 3.44 6.93 6.82
CA GLN A 38 2.67 6.01 7.66
C GLN A 38 2.11 4.88 6.82
N ILE A 39 1.54 5.24 5.67
CA ILE A 39 0.97 4.25 4.77
C ILE A 39 2.06 3.33 4.23
N LYS A 40 3.20 3.91 3.86
CA LYS A 40 4.31 3.13 3.33
C LYS A 40 4.82 2.14 4.37
N GLU A 41 4.90 2.57 5.62
CA GLU A 41 5.36 1.68 6.69
C GLU A 41 4.45 0.48 6.82
N TRP A 42 3.14 0.73 6.73
CA TRP A 42 2.17 -0.35 6.82
C TRP A 42 2.36 -1.35 5.68
N ILE A 43 2.65 -0.83 4.50
CA ILE A 43 2.88 -1.69 3.33
C ILE A 43 4.12 -2.54 3.54
N GLU A 44 5.18 -1.90 4.04
CA GLU A 44 6.44 -2.60 4.28
C GLU A 44 6.31 -3.67 5.36
N ASN A 45 5.48 -3.41 6.36
CA ASN A 45 5.28 -4.35 7.46
C ASN A 45 4.66 -5.66 6.96
N ALA A 46 3.71 -5.56 6.05
CA ALA A 46 3.04 -6.75 5.54
C ALA A 46 4.05 -7.66 4.85
N LEU A 47 5.02 -7.07 4.17
CA LEU A 47 6.04 -7.84 3.47
C LEU A 47 7.33 -7.86 4.29
N GLY A 48 7.91 -9.05 4.43
CA GLY A 48 9.15 -9.20 5.19
C GLY A 48 9.47 -10.67 5.43
N TRP A 49 10.29 -10.92 6.45
CA TRP A 49 10.68 -12.30 6.78
C TRP A 49 10.68 -12.50 8.29
N ARG A 50 10.54 -13.75 8.72
CA ARG A 50 10.53 -14.07 10.15
C ARG A 50 9.90 -12.92 10.95
N FME A 1 -5.91 8.30 -3.41
CN FME A 1 -4.96 9.16 -3.76
O1 FME A 1 -3.90 8.78 -4.27
CA FME A 1 -5.69 6.86 -3.48
CB FME A 1 -7.04 6.13 -3.35
CG FME A 1 -8.10 6.84 -4.17
SD FME A 1 -8.94 8.08 -3.15
CE FME A 1 -9.77 8.97 -4.49
C FME A 1 -5.04 6.48 -4.80
O FME A 1 -4.26 5.52 -4.87
H FME A 1 -6.77 8.63 -3.10
HCN FME A 1 -5.16 10.22 -3.70
HA FME A 1 -5.05 6.56 -2.67
HB2 FME A 1 -7.33 6.12 -2.31
HB3 FME A 1 -6.93 5.11 -3.69
HG2 FME A 1 -8.83 6.12 -4.53
HG3 FME A 1 -7.65 7.33 -5.01
HE1 FME A 1 -10.79 9.15 -4.22
HE2 FME A 1 -9.72 8.38 -5.38
HE3 FME A 1 -9.26 9.91 -4.66
N ALA A 2 -5.34 7.23 -5.86
CA ALA A 2 -4.76 6.95 -7.17
C ALA A 2 -3.26 7.20 -7.16
N GLY A 3 -2.85 8.26 -6.47
CA GLY A 3 -1.43 8.61 -6.38
C GLY A 3 -0.63 7.55 -5.63
N LEU A 4 -1.23 6.96 -4.60
CA LEU A 4 -0.55 5.94 -3.81
C LEU A 4 -0.20 4.72 -4.66
N LEU A 5 -1.13 4.30 -5.50
CA LEU A 5 -0.89 3.13 -6.35
C LEU A 5 0.27 3.43 -7.31
N ARG A 6 0.32 4.65 -7.82
CA ARG A 6 1.38 5.05 -8.75
C ARG A 6 2.74 4.92 -8.06
N PHE A 7 2.81 5.35 -6.80
CA PHE A 7 4.06 5.26 -6.04
C PHE A 7 4.44 3.79 -5.88
N LEU A 8 3.46 2.97 -5.50
CA LEU A 8 3.69 1.54 -5.32
C LEU A 8 4.10 0.90 -6.64
N LEU A 9 3.41 1.30 -7.71
CA LEU A 9 3.71 0.78 -9.03
C LEU A 9 5.13 1.18 -9.42
N SER A 10 5.45 2.44 -9.16
CA SER A 10 6.78 2.95 -9.48
C SER A 10 7.85 2.26 -8.63
N LYS A 11 7.56 2.07 -7.34
CA LYS A 11 8.50 1.42 -6.43
C LYS A 11 7.85 0.26 -5.68
N GLY A 12 8.57 -0.85 -5.55
CA GLY A 12 8.05 -2.01 -4.83
C GLY A 12 7.12 -2.85 -5.69
N ARG A 13 7.70 -3.62 -6.61
CA ARG A 13 6.91 -4.46 -7.49
C ARG A 13 6.13 -5.51 -6.70
N ALA A 14 6.76 -6.07 -5.68
CA ALA A 14 6.09 -7.08 -4.87
C ALA A 14 4.90 -6.47 -4.16
N LEU A 15 5.04 -5.24 -3.70
CA LEU A 15 3.95 -4.55 -3.01
C LEU A 15 2.77 -4.38 -3.96
N TYR A 16 3.08 -4.02 -5.20
CA TYR A 16 2.05 -3.80 -6.21
C TYR A 16 1.23 -5.06 -6.44
N ASN A 17 1.91 -6.20 -6.56
CA ASN A 17 1.23 -7.46 -6.80
C ASN A 17 0.29 -7.82 -5.64
N TRP A 18 0.76 -7.60 -4.42
CA TRP A 18 -0.06 -7.90 -3.24
C TRP A 18 -1.32 -7.04 -3.22
N ALA A 19 -1.23 -5.83 -3.79
CA ALA A 19 -2.39 -4.95 -3.84
C ALA A 19 -3.51 -5.62 -4.62
C SLL A 20 -5.44 -6.27 -6.56
N SLL A 20 -3.13 -6.31 -5.69
O SLL A 20 -5.55 -5.22 -7.18
CA SLL A 20 -4.10 -7.01 -6.53
CB SLL A 20 -4.30 -8.45 -6.01
CD SLL A 20 -4.94 -10.74 -6.80
CE SLL A 20 -5.90 -11.52 -7.70
CG SLL A 20 -5.19 -9.23 -6.97
CK SLL A 20 -6.97 -15.09 -6.98
CL SLL A 20 -8.36 -15.74 -7.02
CP SLL A 20 -9.16 -15.31 -5.79
CX SLL A 20 -7.06 -13.64 -7.42
OX SLL A 20 -8.11 -13.17 -7.85
NZ SLL A 20 -5.94 -12.92 -7.31
OP1 SLL A 20 -9.30 -14.11 -5.59
OP2 SLL A 20 -9.63 -16.18 -5.07
H SLL A 20 -2.18 -6.37 -5.93
HA SLL A 20 -3.72 -7.08 -7.54
HB SLL A 20 -4.77 -8.41 -5.03
HBA SLL A 20 -3.33 -8.93 -5.92
HD SLL A 20 -5.12 -11.01 -5.76
HDA SLL A 20 -3.92 -10.97 -7.05
HE SLL A 20 -5.56 -11.43 -8.72
HEA SLL A 20 -6.89 -11.10 -7.61
HG SLL A 20 -4.95 -8.96 -7.99
HGA SLL A 20 -6.22 -9.02 -6.78
HK SLL A 20 -6.31 -15.63 -7.65
HKA SLL A 20 -6.58 -15.15 -5.98
HL SLL A 20 -8.25 -16.82 -7.01
HLA SLL A 20 -8.88 -15.43 -7.91
HNZ SLL A 20 -5.13 -13.35 -6.96
N SER A 21 -6.44 -6.81 -5.87
CA SER A 21 -7.75 -6.18 -5.84
C SER A 21 -8.65 -6.83 -4.78
N HIS A 22 -8.19 -7.93 -4.21
CA HIS A 22 -8.96 -8.63 -3.19
C HIS A 22 -8.79 -7.95 -1.83
N VAL A 23 -7.82 -7.06 -1.74
CA VAL A 23 -7.54 -6.33 -0.50
C VAL A 23 -8.01 -4.87 -0.59
N GLY A 24 -9.18 -4.66 -1.17
CA GLY A 24 -9.71 -3.32 -1.32
C GLY A 24 -10.01 -2.66 0.04
N LYS A 25 -10.21 -3.50 1.04
CA LYS A 25 -10.55 -3.02 2.39
C LYS A 25 -9.45 -2.14 3.00
N VAL A 26 -8.19 -2.51 2.78
CA VAL A 26 -7.08 -1.75 3.36
C VAL A 26 -7.17 -0.26 3.03
N TRP A 27 -7.72 0.06 1.87
CA TRP A 27 -7.83 1.47 1.47
C TRP A 27 -8.83 2.22 2.36
N GLU A 28 -9.81 1.51 2.91
CA GLU A 28 -10.81 2.16 3.76
C GLU A 28 -10.15 3.06 4.80
N TRP A 29 -9.10 2.55 5.43
CA TRP A 29 -8.41 3.33 6.46
C TRP A 29 -7.78 4.58 5.85
N LEU A 30 -7.28 4.43 4.63
CA LEU A 30 -6.65 5.54 3.93
C LEU A 30 -7.66 6.66 3.68
N LYS A 31 -8.89 6.27 3.36
CA LYS A 31 -9.93 7.25 3.07
C LYS A 31 -10.13 8.18 4.25
N SER A 32 -10.03 7.65 5.47
CA SER A 32 -10.21 8.47 6.66
C SER A 32 -9.20 9.63 6.68
N GLY A 33 -8.07 9.45 5.98
CA GLY A 33 -7.05 10.49 5.91
C GLY A 33 -5.85 10.18 6.81
N ALA A 34 -4.72 9.85 6.19
CA ALA A 34 -3.52 9.53 6.93
C ALA A 34 -2.29 9.87 6.09
N THR A 35 -1.16 10.09 6.76
CA THR A 35 0.08 10.43 6.05
C THR A 35 0.57 9.24 5.24
N TYR A 36 1.08 9.53 4.05
CA TYR A 36 1.60 8.49 3.16
C TYR A 36 2.74 7.72 3.84
N GLU A 37 3.49 8.41 4.68
CA GLU A 37 4.61 7.78 5.37
C GLU A 37 4.12 6.63 6.26
N GLN A 38 3.02 6.86 6.98
CA GLN A 38 2.47 5.83 7.86
C GLN A 38 2.00 4.62 7.05
N ILE A 39 1.34 4.89 5.92
CA ILE A 39 0.83 3.81 5.08
C ILE A 39 1.97 2.96 4.53
N LYS A 40 3.04 3.60 4.05
CA LYS A 40 4.17 2.86 3.51
C LYS A 40 4.83 1.97 4.57
N GLU A 41 5.10 2.55 5.74
CA GLU A 41 5.74 1.78 6.81
C GLU A 41 4.81 0.67 7.31
N TRP A 42 3.54 1.01 7.47
CA TRP A 42 2.56 0.04 7.94
C TRP A 42 2.48 -1.15 6.99
N ILE A 43 2.45 -0.87 5.70
CA ILE A 43 2.38 -1.93 4.69
C ILE A 43 3.64 -2.78 4.74
N GLU A 44 4.79 -2.14 4.86
CA GLU A 44 6.06 -2.87 4.91
C GLU A 44 6.14 -3.71 6.17
N ASN A 45 5.73 -3.13 7.30
CA ASN A 45 5.77 -3.84 8.58
C ASN A 45 4.83 -5.03 8.57
N ALA A 46 3.65 -4.84 7.98
CA ALA A 46 2.66 -5.92 7.91
C ALA A 46 3.21 -7.06 7.06
N LEU A 47 3.89 -6.70 5.98
CA LEU A 47 4.45 -7.69 5.07
C LEU A 47 5.51 -8.56 5.77
N GLY A 48 6.35 -7.93 6.59
CA GLY A 48 7.39 -8.66 7.30
C GLY A 48 8.56 -9.01 6.37
N TRP A 49 8.71 -8.22 5.30
CA TRP A 49 9.79 -8.46 4.34
C TRP A 49 9.92 -9.94 4.02
N ARG A 50 8.86 -10.52 3.45
CA ARG A 50 8.86 -11.94 3.08
C ARG A 50 9.05 -12.80 4.32
#